data_3U1N
#
_entry.id   3U1N
#
_cell.length_a   81.5160
_cell.length_b   95.8180
_cell.length_c   96.6610
_cell.angle_alpha   91.1840
_cell.angle_beta   109.2380
_cell.angle_gamma   115.2010
#
_symmetry.space_group_name_H-M   'P 1'
#
loop_
_entity.id
_entity.type
_entity.pdbx_description
1 polymer 'SAM domain and HD domain-containing protein 1'
2 non-polymer 'PHOSPHATE ION'
3 non-polymer 'ZINC ION'
4 water water
#
_entity_poly.entity_id   1
_entity_poly.type   'polypeptide(L)'
_entity_poly.pdbx_seq_one_letter_code
;ASWSHPQFEKGALEVLFQGPGDPIHGHIELHPLLVRIIDTPQFQRLRYIKQLGGGYYVFPGASHNRFEHSLGVGYLAGCL
VHALGEKQPELQISERDVLCVQIAGLCHDLGHGPFSH(MSE)FDGRFIPLARPEVKWTHEQGSV(MSE)(MSE)FEHLIN
SNGIKPV(MSE)EQYGLIPEEDICFIKEQIVGPLESPVEDSLWPYKGRPENKSFLYEIVSNKRNGIDVDKWDYFARDCHH
LGIQNNFDYKRFIKFARVCEVDNELRICARDKEVGNLYD(MSE)FHTRNSLHRRAYQHKVGNIIDT(MSE)ITDAFLKAD
DYIEITGAGGKKYRISTAIDD(MSE)EAYTKLTDNIFLEILYSTDPKLKDAREILKQIEYRNLFKYVGETQPTGQIKIKR
EDYESLPKEVASAKPKVLLDVKLKAEDFIVDVIN(MSE)DYG(MSE)QEKNPIDHVSFYCKTAPNRAIRITKNQVSQLLP
EKFAEQLIRVYCKKVDRKSLYAARQYFVQWCADRNFTKPQDGDVIAPLITPQKKEWNDSTSVQNPTRLREASKSRVQLFK
DDP(MSE)
;
_entity_poly.pdbx_strand_id   A,B,C,D
#
# COMPACT_ATOMS: atom_id res chain seq x y z
N PRO A 20 7.73 8.78 11.34
CA PRO A 20 6.69 9.13 12.30
C PRO A 20 5.98 10.42 11.94
N GLY A 21 4.70 10.32 11.61
CA GLY A 21 3.84 11.47 11.39
C GLY A 21 2.43 11.13 11.81
N ASP A 22 1.45 11.82 11.24
CA ASP A 22 0.06 11.48 11.49
C ASP A 22 -0.14 10.07 10.93
N PRO A 23 -0.78 9.16 11.68
CA PRO A 23 -1.04 7.80 11.22
C PRO A 23 -2.07 7.70 10.11
N ILE A 24 -2.69 8.80 9.73
CA ILE A 24 -3.74 8.82 8.72
C ILE A 24 -3.33 9.65 7.50
N HIS A 25 -2.61 10.75 7.69
CA HIS A 25 -2.17 11.56 6.58
C HIS A 25 -0.67 11.57 6.43
N GLY A 26 0.02 10.91 7.33
CA GLY A 26 1.47 10.86 7.26
C GLY A 26 2.13 12.18 7.60
N HIS A 27 3.28 12.46 7.00
CA HIS A 27 3.89 13.74 7.31
C HIS A 27 3.23 14.83 6.48
N ILE A 28 2.57 15.74 7.18
CA ILE A 28 2.04 16.95 6.56
C ILE A 28 2.96 18.09 6.94
N GLU A 29 3.30 18.91 5.95
CA GLU A 29 4.00 20.16 6.20
C GLU A 29 3.04 21.27 5.82
N LEU A 30 2.96 22.30 6.65
CA LEU A 30 1.98 23.34 6.44
C LEU A 30 2.60 24.70 6.15
N HIS A 31 1.76 25.61 5.69
CA HIS A 31 2.14 26.99 5.47
C HIS A 31 2.51 27.66 6.81
N PRO A 32 3.51 28.54 6.80
CA PRO A 32 3.96 29.27 7.99
C PRO A 32 2.81 30.02 8.69
N LEU A 33 1.84 30.48 7.92
CA LEU A 33 0.68 31.14 8.51
C LEU A 33 -0.10 30.11 9.32
N LEU A 34 -0.26 28.92 8.76
CA LEU A 34 -1.01 27.86 9.42
C LEU A 34 -0.34 27.47 10.70
N VAL A 35 0.98 27.36 10.65
CA VAL A 35 1.71 27.03 11.88
C VAL A 35 1.57 28.15 12.94
N ARG A 36 1.52 29.42 12.53
CA ARG A 36 1.36 30.52 13.50
C ARG A 36 0.05 30.40 14.26
N ILE A 37 -1.03 30.13 13.54
CA ILE A 37 -2.34 29.83 14.13
C ILE A 37 -2.27 28.62 15.09
N ILE A 38 -1.53 27.60 14.71
CA ILE A 38 -1.47 26.38 15.51
C ILE A 38 -0.68 26.56 16.79
N ASP A 39 0.46 27.24 16.73
CA ASP A 39 1.33 27.36 17.90
C ASP A 39 0.81 28.49 18.80
N THR A 40 -0.30 28.18 19.45
CA THR A 40 -1.19 29.15 20.06
C THR A 40 -2.01 28.43 21.12
N PRO A 41 -2.24 29.08 22.25
CA PRO A 41 -2.92 28.42 23.36
C PRO A 41 -4.38 28.12 23.03
N GLN A 42 -5.04 29.01 22.29
CA GLN A 42 -6.43 28.78 21.88
C GLN A 42 -6.52 27.56 21.00
N PHE A 43 -5.44 27.23 20.30
CA PHE A 43 -5.49 26.07 19.43
C PHE A 43 -4.99 24.83 20.16
N GLN A 44 -3.85 24.96 20.83
CA GLN A 44 -3.36 23.92 21.71
C GLN A 44 -4.40 23.39 22.71
N ARG A 45 -5.41 24.19 22.96
CA ARG A 45 -6.52 23.80 23.82
C ARG A 45 -7.10 22.46 23.38
N LEU A 46 -7.10 22.23 22.08
CA LEU A 46 -7.69 21.02 21.55
C LEU A 46 -6.91 19.74 21.86
N ARG A 47 -5.75 19.84 22.49
CA ARG A 47 -5.00 18.64 22.85
C ARG A 47 -5.70 17.99 24.03
N TYR A 48 -6.63 18.72 24.65
CA TYR A 48 -7.27 18.25 25.88
C TYR A 48 -8.78 18.12 25.77
N ILE A 49 -9.26 17.71 24.60
CA ILE A 49 -10.69 17.47 24.37
C ILE A 49 -10.82 16.11 23.66
N LYS A 50 -11.22 15.05 24.37
CA LYS A 50 -11.40 13.73 23.74
C LYS A 50 -12.34 13.87 22.56
N GLN A 51 -11.93 13.35 21.42
CA GLN A 51 -12.73 13.43 20.23
C GLN A 51 -14.11 12.79 20.40
N LEU A 52 -14.13 11.54 20.87
CA LEU A 52 -15.39 10.83 21.06
C LEU A 52 -15.87 10.95 22.47
N GLY A 53 -15.37 11.94 23.20
CA GLY A 53 -15.77 12.18 24.58
C GLY A 53 -15.75 10.91 25.42
N GLY A 54 -16.92 10.56 25.95
CA GLY A 54 -17.08 9.46 26.89
C GLY A 54 -16.94 8.09 26.25
N GLY A 55 -16.59 8.10 24.96
CA GLY A 55 -16.30 6.91 24.20
C GLY A 55 -15.07 6.23 24.76
N TYR A 56 -14.05 7.01 25.09
CA TYR A 56 -12.85 6.43 25.68
C TYR A 56 -13.17 5.40 26.78
N TYR A 57 -14.21 5.63 27.59
CA TYR A 57 -14.45 4.76 28.74
C TYR A 57 -15.16 3.50 28.33
N VAL A 58 -15.36 3.33 27.02
CA VAL A 58 -15.94 2.11 26.50
C VAL A 58 -15.06 1.46 25.38
N PHE A 59 -14.37 2.29 24.61
CA PHE A 59 -13.39 1.79 23.66
C PHE A 59 -11.97 2.28 23.96
N PRO A 60 -11.11 1.38 24.46
CA PRO A 60 -9.76 1.71 24.90
C PRO A 60 -8.95 2.42 23.82
N GLY A 61 -9.24 2.09 22.56
CA GLY A 61 -8.51 2.68 21.46
C GLY A 61 -8.76 4.16 21.32
N ALA A 62 -9.97 4.59 21.63
CA ALA A 62 -10.43 5.94 21.29
C ALA A 62 -9.88 7.03 22.22
N SER A 63 -8.57 7.24 22.17
CA SER A 63 -7.89 8.17 23.05
C SER A 63 -7.53 9.46 22.32
N HIS A 64 -7.95 9.58 21.07
CA HIS A 64 -7.61 10.74 20.24
C HIS A 64 -8.33 12.00 20.66
N ASN A 65 -7.72 13.14 20.40
CA ASN A 65 -8.29 14.42 20.77
C ASN A 65 -8.60 15.25 19.53
N ARG A 66 -9.23 16.39 19.69
CA ARG A 66 -9.65 17.17 18.54
C ARG A 66 -8.50 17.85 17.85
N PHE A 67 -7.37 17.93 18.54
CA PHE A 67 -6.19 18.61 18.01
C PHE A 67 -5.67 17.89 16.74
N GLU A 68 -5.42 16.59 16.85
CA GLU A 68 -4.97 15.88 15.68
C GLU A 68 -6.03 15.94 14.58
N HIS A 69 -7.28 15.69 14.95
CA HIS A 69 -8.39 15.77 14.01
C HIS A 69 -8.41 17.10 13.25
N SER A 70 -8.28 18.19 14.00
CA SER A 70 -8.31 19.51 13.40
C SER A 70 -7.20 19.67 12.35
N LEU A 71 -5.97 19.30 12.70
CA LEU A 71 -4.88 19.29 11.74
C LEU A 71 -5.23 18.52 10.48
N GLY A 72 -5.78 17.34 10.64
CA GLY A 72 -6.20 16.54 9.49
C GLY A 72 -7.15 17.27 8.55
N VAL A 73 -8.19 17.88 9.11
CA VAL A 73 -9.17 18.59 8.31
C VAL A 73 -8.56 19.78 7.61
N GLY A 74 -7.66 20.47 8.30
CA GLY A 74 -6.92 21.56 7.70
C GLY A 74 -6.15 21.06 6.49
N TYR A 75 -5.42 19.99 6.67
CA TYR A 75 -4.62 19.44 5.62
C TYR A 75 -5.50 18.94 4.47
N LEU A 76 -6.60 18.29 4.80
CA LEU A 76 -7.49 17.76 3.77
C LEU A 76 -8.20 18.88 3.00
N ALA A 77 -8.66 19.90 3.71
CA ALA A 77 -9.29 21.05 3.06
C ALA A 77 -8.38 21.55 1.93
N GLY A 78 -7.10 21.75 2.24
CA GLY A 78 -6.08 22.17 1.29
C GLY A 78 -5.96 21.24 0.09
N CYS A 79 -5.77 19.96 0.33
CA CYS A 79 -5.71 18.99 -0.77
C CYS A 79 -6.83 19.16 -1.77
N LEU A 80 -8.06 19.17 -1.28
CA LEU A 80 -9.18 19.27 -2.18
C LEU A 80 -9.18 20.58 -2.95
N VAL A 81 -9.07 21.71 -2.26
CA VAL A 81 -9.11 23.00 -2.95
C VAL A 81 -8.01 23.09 -3.98
N HIS A 82 -6.81 22.68 -3.59
CA HIS A 82 -5.68 22.83 -4.46
C HIS A 82 -5.84 21.94 -5.72
N ALA A 83 -6.47 20.79 -5.56
CA ALA A 83 -6.70 19.88 -6.68
C ALA A 83 -7.77 20.42 -7.63
N LEU A 84 -8.89 20.86 -7.08
CA LEU A 84 -9.87 21.55 -7.91
C LEU A 84 -9.19 22.66 -8.75
N GLY A 85 -8.30 23.40 -8.12
CA GLY A 85 -7.56 24.46 -8.76
C GLY A 85 -6.75 23.99 -9.96
N GLU A 86 -5.93 22.96 -9.80
CA GLU A 86 -5.07 22.53 -10.92
C GLU A 86 -5.86 21.96 -12.09
N LYS A 87 -6.86 21.14 -11.79
CA LYS A 87 -7.72 20.56 -12.82
C LYS A 87 -8.55 21.61 -13.59
N GLN A 88 -8.99 22.66 -12.91
CA GLN A 88 -9.86 23.66 -13.53
C GLN A 88 -9.41 25.10 -13.28
N PRO A 89 -8.41 25.57 -14.03
CA PRO A 89 -7.90 26.93 -13.82
C PRO A 89 -8.98 27.97 -14.07
N GLU A 90 -9.99 27.61 -14.86
CA GLU A 90 -11.08 28.53 -15.21
C GLU A 90 -11.86 28.99 -13.97
N LEU A 91 -11.88 28.17 -12.93
CA LEU A 91 -12.52 28.53 -11.67
C LEU A 91 -11.82 29.69 -10.98
N GLN A 92 -10.61 30.02 -11.44
CA GLN A 92 -9.80 31.10 -10.85
C GLN A 92 -9.67 31.00 -9.32
N ILE A 93 -9.22 29.84 -8.85
CA ILE A 93 -8.96 29.63 -7.43
C ILE A 93 -7.56 30.15 -7.09
N SER A 94 -7.47 31.13 -6.19
CA SER A 94 -6.21 31.81 -5.86
C SER A 94 -5.42 31.20 -4.67
N GLU A 95 -4.13 31.56 -4.58
CA GLU A 95 -3.30 31.17 -3.43
C GLU A 95 -3.92 31.68 -2.13
N ARG A 96 -4.71 32.75 -2.25
CA ARG A 96 -5.43 33.35 -1.13
C ARG A 96 -6.66 32.51 -0.75
N ASP A 97 -7.43 32.12 -1.77
CA ASP A 97 -8.59 31.27 -1.56
C ASP A 97 -8.21 29.97 -0.88
N VAL A 98 -7.06 29.41 -1.26
CA VAL A 98 -6.62 28.15 -0.66
C VAL A 98 -6.33 28.33 0.81
N LEU A 99 -5.52 29.35 1.14
CA LEU A 99 -5.15 29.60 2.52
C LEU A 99 -6.36 29.77 3.42
N CYS A 100 -7.36 30.48 2.92
CA CYS A 100 -8.58 30.64 3.70
C CYS A 100 -9.27 29.32 3.98
N VAL A 101 -9.46 28.50 2.97
CA VAL A 101 -10.12 27.22 3.18
C VAL A 101 -9.33 26.40 4.18
N GLN A 102 -8.02 26.38 4.05
CA GLN A 102 -7.20 25.65 5.03
C GLN A 102 -7.42 26.12 6.48
N ILE A 103 -7.31 27.43 6.71
CA ILE A 103 -7.60 27.99 8.03
C ILE A 103 -9.01 27.65 8.55
N ALA A 104 -10.02 27.69 7.69
CA ALA A 104 -11.36 27.29 8.12
C ALA A 104 -11.39 25.85 8.60
N GLY A 105 -10.80 24.93 7.83
CA GLY A 105 -10.79 23.51 8.19
C GLY A 105 -10.03 23.35 9.49
N LEU A 106 -8.99 24.19 9.62
CA LEU A 106 -8.09 24.13 10.77
C LEU A 106 -8.78 24.57 12.06
N CYS A 107 -9.77 25.45 11.94
CA CYS A 107 -10.38 26.11 13.09
C CYS A 107 -11.84 25.77 13.32
N HIS A 108 -12.36 24.85 12.54
CA HIS A 108 -13.78 24.59 12.60
C HIS A 108 -14.20 24.01 13.94
N ASP A 109 -13.23 23.47 14.68
CA ASP A 109 -13.57 22.80 15.92
C ASP A 109 -13.06 23.48 17.17
N LEU A 110 -12.61 24.72 17.02
CA LEU A 110 -12.06 25.51 18.11
C LEU A 110 -13.01 25.64 19.28
N GLY A 111 -14.30 25.68 18.96
CA GLY A 111 -15.34 25.88 19.96
C GLY A 111 -15.84 24.67 20.74
N HIS A 112 -15.36 23.48 20.43
CA HIS A 112 -15.78 22.30 21.18
C HIS A 112 -15.36 22.50 22.62
N GLY A 113 -16.20 22.08 23.55
CA GLY A 113 -15.92 22.20 24.98
C GLY A 113 -15.69 20.81 25.49
N PRO A 114 -15.53 20.64 26.81
CA PRO A 114 -15.11 19.39 27.45
C PRO A 114 -15.82 18.18 26.88
N PHE A 115 -15.09 17.18 26.39
CA PHE A 115 -15.70 15.97 25.85
C PHE A 115 -16.56 16.22 24.60
N SER A 116 -16.15 17.19 23.80
CA SER A 116 -16.76 17.44 22.51
C SER A 116 -18.28 17.60 22.52
N HIS A 117 -18.98 16.72 21.80
CA HIS A 117 -20.43 16.90 21.55
C HIS A 117 -21.26 16.73 22.80
N PHE A 119 -21.03 18.31 25.33
CA PHE A 119 -21.04 19.60 26.03
C PHE A 119 -22.03 20.60 25.47
N ASP A 120 -22.06 20.76 24.15
CA ASP A 120 -23.05 21.67 23.57
C ASP A 120 -24.35 20.93 23.29
N GLY A 121 -24.23 19.61 23.12
CA GLY A 121 -25.37 18.76 22.87
C GLY A 121 -26.26 18.41 24.07
N ARG A 122 -25.69 18.34 25.29
CA ARG A 122 -26.45 17.90 26.46
C ARG A 122 -26.24 18.76 27.71
N PHE A 123 -25.00 19.06 28.06
CA PHE A 123 -24.75 19.80 29.30
C PHE A 123 -25.35 21.20 29.26
N ILE A 124 -25.01 21.96 28.25
CA ILE A 124 -25.45 23.34 28.19
C ILE A 124 -26.98 23.42 28.11
N PRO A 125 -27.60 22.53 27.32
CA PRO A 125 -29.08 22.56 27.31
C PRO A 125 -29.74 22.18 28.65
N LEU A 126 -29.08 21.38 29.48
CA LEU A 126 -29.57 21.09 30.82
C LEU A 126 -29.20 22.20 31.82
N ALA A 127 -27.97 22.70 31.73
CA ALA A 127 -27.45 23.72 32.63
C ALA A 127 -28.07 25.10 32.39
N ARG A 128 -28.25 25.46 31.12
CA ARG A 128 -28.80 26.76 30.72
C ARG A 128 -29.77 26.62 29.54
N PRO A 129 -30.99 26.16 29.82
CA PRO A 129 -31.94 25.84 28.74
C PRO A 129 -32.39 27.04 27.90
N GLU A 130 -32.29 28.25 28.45
CA GLU A 130 -32.71 29.45 27.75
C GLU A 130 -31.77 29.84 26.60
N VAL A 131 -30.47 29.59 26.77
CA VAL A 131 -29.45 30.01 25.79
C VAL A 131 -29.23 29.06 24.62
N LYS A 132 -29.29 29.60 23.42
CA LYS A 132 -29.00 28.86 22.20
C LYS A 132 -27.50 28.83 21.96
N TRP A 133 -26.85 27.71 22.26
CA TRP A 133 -25.41 27.62 22.06
C TRP A 133 -25.02 26.38 21.26
N THR A 134 -24.21 26.62 20.24
CA THR A 134 -23.77 25.60 19.34
C THR A 134 -22.25 25.68 19.32
N HIS A 135 -21.56 24.58 19.06
CA HIS A 135 -20.09 24.62 19.10
C HIS A 135 -19.47 25.40 17.96
N GLU A 136 -20.21 25.61 16.88
CA GLU A 136 -19.67 26.37 15.77
C GLU A 136 -19.67 27.86 16.07
N GLN A 137 -20.71 28.34 16.76
CA GLN A 137 -20.71 29.69 17.26
C GLN A 137 -19.43 29.91 18.01
N GLY A 138 -19.15 29.02 18.94
CA GLY A 138 -17.96 29.09 19.74
C GLY A 138 -16.67 29.01 18.94
N SER A 139 -16.65 28.22 17.88
CA SER A 139 -15.46 28.16 17.01
C SER A 139 -15.22 29.52 16.38
N VAL A 140 -16.28 30.22 16.04
CA VAL A 140 -16.12 31.53 15.46
C VAL A 140 -15.64 32.58 16.48
N PHE A 143 -11.95 31.70 17.38
CA PHE A 143 -11.07 32.06 16.28
C PHE A 143 -10.76 33.56 16.25
N GLU A 144 -11.80 34.38 16.33
CA GLU A 144 -11.66 35.82 16.48
C GLU A 144 -10.70 36.15 17.62
N HIS A 145 -10.94 35.55 18.78
CA HIS A 145 -10.11 35.77 19.96
C HIS A 145 -8.68 35.26 19.77
N LEU A 146 -8.55 34.18 19.01
CA LEU A 146 -7.23 33.65 18.71
C LEU A 146 -6.41 34.64 17.88
N ILE A 147 -6.96 35.11 16.76
CA ILE A 147 -6.14 35.98 15.91
C ILE A 147 -5.96 37.35 16.53
N ASN A 148 -6.73 37.65 17.57
CA ASN A 148 -6.62 38.94 18.25
C ASN A 148 -5.58 38.88 19.34
N SER A 149 -5.53 37.75 20.03
CA SER A 149 -4.62 37.56 21.15
C SER A 149 -3.19 37.23 20.72
N ASN A 150 -2.99 36.98 19.43
CA ASN A 150 -1.68 36.61 18.94
C ASN A 150 -1.19 37.45 17.76
N GLY A 151 -1.88 38.56 17.50
CA GLY A 151 -1.54 39.41 16.39
C GLY A 151 -1.29 38.65 15.10
N ILE A 152 -2.26 37.83 14.71
CA ILE A 152 -2.15 37.06 13.48
C ILE A 152 -2.46 37.96 12.27
N LYS A 153 -3.23 39.01 12.50
CA LYS A 153 -3.69 39.84 11.39
C LYS A 153 -2.54 40.47 10.60
N PRO A 154 -1.58 41.13 11.27
CA PRO A 154 -0.38 41.53 10.53
C PRO A 154 0.29 40.39 9.74
N VAL A 155 0.20 39.17 10.24
CA VAL A 155 0.78 38.01 9.55
C VAL A 155 -0.06 37.56 8.35
N GLU A 157 -1.82 39.62 6.40
CA GLU A 157 -1.53 40.66 5.40
C GLU A 157 -0.21 40.37 4.74
N GLN A 158 0.72 39.85 5.54
CA GLN A 158 2.04 39.48 5.08
C GLN A 158 1.98 38.41 3.97
N TYR A 159 0.99 37.52 4.05
CA TYR A 159 0.87 36.41 3.10
C TYR A 159 -0.26 36.56 2.07
N GLY A 160 -0.68 37.80 1.82
CA GLY A 160 -1.61 38.06 0.75
C GLY A 160 -3.07 37.98 1.14
N LEU A 161 -3.34 37.87 2.43
CA LEU A 161 -4.72 37.84 2.90
C LEU A 161 -5.27 39.25 3.15
N ILE A 162 -6.57 39.41 2.96
CA ILE A 162 -7.23 40.67 3.22
C ILE A 162 -8.13 40.55 4.46
N PRO A 163 -7.53 40.73 5.64
CA PRO A 163 -8.15 40.42 6.92
C PRO A 163 -9.64 40.73 6.96
N GLU A 164 -10.05 41.91 6.51
CA GLU A 164 -11.47 42.28 6.50
C GLU A 164 -12.29 41.22 5.76
N GLU A 165 -12.04 41.11 4.44
CA GLU A 165 -12.79 40.19 3.58
C GLU A 165 -12.63 38.71 3.93
N ASP A 166 -11.42 38.31 4.30
CA ASP A 166 -11.13 36.90 4.53
C ASP A 166 -11.53 36.37 5.89
N ILE A 167 -11.33 37.15 6.95
CA ILE A 167 -11.80 36.73 8.26
C ILE A 167 -13.29 36.44 8.19
N CYS A 168 -14.03 37.30 7.49
CA CYS A 168 -15.42 37.03 7.18
C CYS A 168 -15.59 35.67 6.49
N PHE A 169 -14.88 35.47 5.39
CA PHE A 169 -14.93 34.23 4.64
C PHE A 169 -14.67 33.01 5.51
N ILE A 170 -13.62 33.08 6.32
CA ILE A 170 -13.31 31.96 7.19
C ILE A 170 -14.46 31.66 8.17
N LYS A 171 -14.87 32.65 8.93
CA LYS A 171 -15.97 32.45 9.87
C LYS A 171 -17.15 31.84 9.14
N GLU A 172 -17.43 32.32 7.94
CA GLU A 172 -18.60 31.89 7.20
C GLU A 172 -18.55 30.43 6.83
N GLN A 173 -17.39 29.94 6.42
CA GLN A 173 -17.35 28.52 6.11
C GLN A 173 -17.30 27.62 7.35
N ILE A 174 -17.27 28.23 8.53
CA ILE A 174 -17.32 27.46 9.77
C ILE A 174 -18.73 27.46 10.37
N VAL A 175 -19.49 28.53 10.17
CA VAL A 175 -20.79 28.68 10.79
C VAL A 175 -21.91 29.00 9.79
N GLY A 176 -21.56 29.07 8.51
CA GLY A 176 -22.55 29.43 7.51
C GLY A 176 -22.88 30.91 7.61
N PRO A 177 -23.84 31.37 6.80
CA PRO A 177 -24.13 32.80 6.71
C PRO A 177 -24.32 33.42 8.09
N LEU A 178 -23.73 34.59 8.33
CA LEU A 178 -23.89 35.30 9.60
C LEU A 178 -25.01 36.34 9.47
N GLU A 179 -26.13 35.95 8.88
CA GLU A 179 -27.24 36.87 8.64
C GLU A 179 -28.47 36.13 8.11
N LEU A 186 -31.48 35.48 -3.37
CA LEU A 186 -30.28 36.25 -3.02
C LEU A 186 -29.19 35.38 -2.38
N TRP A 187 -27.94 35.84 -2.48
CA TRP A 187 -26.77 35.04 -2.12
C TRP A 187 -26.25 35.42 -0.73
N PRO A 188 -26.41 34.50 0.22
CA PRO A 188 -26.20 34.71 1.65
C PRO A 188 -24.82 35.25 2.05
N TYR A 189 -23.75 34.80 1.40
CA TYR A 189 -22.40 35.04 1.92
C TYR A 189 -21.77 36.38 1.50
N LYS A 190 -20.88 36.87 2.36
CA LYS A 190 -20.24 38.18 2.22
C LYS A 190 -18.76 38.04 1.99
N GLY A 191 -18.24 36.85 2.25
CA GLY A 191 -16.82 36.61 2.17
C GLY A 191 -16.30 36.34 0.77
N ARG A 192 -17.13 35.68 -0.04
CA ARG A 192 -16.81 35.43 -1.43
C ARG A 192 -18.05 35.64 -2.30
N PRO A 193 -17.83 36.03 -3.58
CA PRO A 193 -18.92 36.14 -4.54
C PRO A 193 -19.53 34.77 -4.84
N GLU A 194 -20.68 34.78 -5.49
CA GLU A 194 -21.41 33.54 -5.75
C GLU A 194 -20.69 32.63 -6.76
N ASN A 195 -19.81 33.21 -7.56
CA ASN A 195 -19.11 32.45 -8.59
C ASN A 195 -18.00 31.58 -8.01
N LYS A 196 -17.70 31.80 -6.74
CA LYS A 196 -16.77 30.94 -6.03
C LYS A 196 -17.50 30.23 -4.88
N SER A 197 -18.76 29.93 -5.13
CA SER A 197 -19.65 29.33 -4.13
C SER A 197 -19.26 27.92 -3.75
N PHE A 198 -18.58 27.22 -4.64
CA PHE A 198 -18.19 25.84 -4.36
C PHE A 198 -17.21 25.73 -3.18
N LEU A 199 -16.52 26.83 -2.87
CA LEU A 199 -15.59 26.84 -1.74
C LEU A 199 -16.31 26.64 -0.43
N TYR A 200 -17.61 26.89 -0.44
CA TYR A 200 -18.40 26.81 0.77
C TYR A 200 -18.92 25.40 1.04
N GLU A 201 -18.49 24.44 0.24
CA GLU A 201 -18.92 23.07 0.44
C GLU A 201 -17.77 22.14 0.77
N ILE A 202 -16.61 22.70 1.09
CA ILE A 202 -15.40 21.89 1.32
C ILE A 202 -15.22 21.49 2.78
N VAL A 203 -15.29 22.46 3.69
CA VAL A 203 -15.15 22.19 5.12
C VAL A 203 -16.45 21.76 5.78
N SER A 204 -17.52 22.53 5.60
CA SER A 204 -18.82 22.13 6.13
C SER A 204 -19.84 22.06 5.01
N ASN A 205 -20.36 20.87 4.77
CA ASN A 205 -21.44 20.68 3.81
C ASN A 205 -22.70 20.07 4.41
N LYS A 206 -23.60 20.92 4.88
CA LYS A 206 -24.82 20.45 5.53
C LYS A 206 -25.76 19.78 4.54
N ARG A 207 -25.75 20.25 3.29
CA ARG A 207 -26.64 19.70 2.26
C ARG A 207 -26.37 18.21 1.93
N ASN A 208 -25.23 17.93 1.29
CA ASN A 208 -24.98 16.58 0.80
C ASN A 208 -24.20 15.69 1.76
N GLY A 209 -23.95 16.18 2.96
CA GLY A 209 -23.25 15.39 3.96
C GLY A 209 -21.76 15.22 3.76
N ILE A 210 -21.32 15.33 2.51
CA ILE A 210 -19.89 15.16 2.15
C ILE A 210 -18.99 16.41 2.27
N ASP A 211 -18.17 16.41 3.31
CA ASP A 211 -17.15 17.42 3.47
C ASP A 211 -15.85 16.77 3.95
N VAL A 212 -14.74 17.51 3.87
CA VAL A 212 -13.47 16.94 4.30
C VAL A 212 -13.43 16.77 5.83
N ASP A 213 -14.32 17.46 6.52
CA ASP A 213 -14.46 17.26 7.94
C ASP A 213 -14.77 15.80 8.23
N LYS A 214 -15.89 15.33 7.69
CA LYS A 214 -16.29 13.93 7.86
C LYS A 214 -15.21 12.99 7.38
N TRP A 215 -14.54 13.31 6.28
CA TRP A 215 -13.58 12.33 5.76
C TRP A 215 -12.51 12.02 6.79
N ASP A 216 -12.06 13.04 7.49
CA ASP A 216 -10.98 12.83 8.43
C ASP A 216 -11.45 12.02 9.59
N TYR A 217 -12.52 12.46 10.24
CA TYR A 217 -12.94 11.75 11.41
C TYR A 217 -13.54 10.37 11.11
N PHE A 218 -14.00 10.12 9.89
CA PHE A 218 -14.32 8.75 9.49
C PHE A 218 -13.07 7.87 9.55
N ALA A 219 -12.01 8.37 8.92
CA ALA A 219 -10.72 7.70 8.86
C ALA A 219 -10.12 7.40 10.23
N ARG A 220 -10.08 8.39 11.13
CA ARG A 220 -9.49 8.16 12.46
C ARG A 220 -10.42 7.53 13.48
N ASP A 221 -11.72 7.71 13.35
CA ASP A 221 -12.56 7.01 14.30
C ASP A 221 -12.50 5.52 13.99
N CYS A 222 -12.33 5.17 12.72
CA CYS A 222 -12.16 3.77 12.36
C CYS A 222 -10.80 3.27 12.76
N HIS A 223 -9.80 4.11 12.58
CA HIS A 223 -8.44 3.73 12.91
C HIS A 223 -8.20 3.45 14.40
N HIS A 224 -9.01 4.04 15.25
CA HIS A 224 -8.85 3.86 16.69
C HIS A 224 -9.91 2.95 17.26
N LEU A 225 -11.00 2.79 16.52
CA LEU A 225 -12.06 1.89 16.95
C LEU A 225 -11.85 0.45 16.46
N GLY A 226 -10.87 0.25 15.57
CA GLY A 226 -10.66 -1.01 14.91
C GLY A 226 -11.83 -1.39 14.00
N ILE A 227 -12.29 -0.42 13.21
CA ILE A 227 -13.38 -0.65 12.27
C ILE A 227 -12.81 -0.57 10.85
N GLN A 228 -13.29 -1.42 9.96
CA GLN A 228 -12.85 -1.40 8.58
C GLN A 228 -13.36 -0.14 7.92
N ASN A 229 -12.47 0.65 7.35
CA ASN A 229 -12.90 1.80 6.57
C ASN A 229 -12.46 1.70 5.11
N ASN A 230 -13.42 1.55 4.21
CA ASN A 230 -13.08 1.28 2.82
C ASN A 230 -13.19 2.46 1.89
N PHE A 231 -13.58 3.61 2.43
CA PHE A 231 -13.66 4.82 1.64
C PHE A 231 -12.25 5.31 1.34
N ASP A 232 -12.03 5.75 0.11
CA ASP A 232 -10.72 6.22 -0.27
C ASP A 232 -10.82 7.66 -0.73
N TYR A 233 -10.54 8.59 0.18
CA TYR A 233 -10.74 9.99 -0.12
C TYR A 233 -9.74 10.48 -1.15
N LYS A 234 -8.56 9.86 -1.22
CA LYS A 234 -7.57 10.28 -2.23
C LYS A 234 -8.09 10.10 -3.64
N ARG A 235 -8.68 8.93 -3.89
CA ARG A 235 -9.28 8.59 -5.18
C ARG A 235 -10.40 9.56 -5.48
N PHE A 236 -11.22 9.82 -4.47
CA PHE A 236 -12.34 10.73 -4.61
C PHE A 236 -11.88 12.12 -4.95
N ILE A 237 -10.84 12.59 -4.28
CA ILE A 237 -10.29 13.91 -4.53
C ILE A 237 -9.73 14.03 -5.95
N LYS A 238 -9.04 12.98 -6.38
CA LYS A 238 -8.47 12.93 -7.71
C LYS A 238 -9.55 13.05 -8.78
N PHE A 239 -10.73 12.49 -8.55
CA PHE A 239 -11.78 12.51 -9.56
C PHE A 239 -12.88 13.53 -9.29
N ALA A 240 -12.60 14.48 -8.42
CA ALA A 240 -13.60 15.52 -8.13
C ALA A 240 -13.52 16.68 -9.11
N ARG A 241 -14.66 17.34 -9.35
CA ARG A 241 -14.72 18.50 -10.23
C ARG A 241 -15.86 19.42 -9.82
N VAL A 242 -15.77 20.67 -10.24
CA VAL A 242 -16.85 21.63 -10.05
C VAL A 242 -17.71 21.65 -11.30
N CYS A 243 -19.03 21.73 -11.13
CA CYS A 243 -19.91 21.82 -12.29
C CYS A 243 -21.33 22.36 -11.99
N GLU A 244 -21.98 22.95 -13.00
CA GLU A 244 -23.27 23.60 -12.85
C GLU A 244 -24.38 22.62 -12.47
N VAL A 245 -25.08 22.92 -11.39
CA VAL A 245 -26.24 22.14 -10.95
C VAL A 245 -27.40 23.07 -10.60
N ASP A 246 -28.31 23.25 -11.55
CA ASP A 246 -29.39 24.23 -11.43
C ASP A 246 -28.80 25.64 -11.34
N ASN A 247 -28.09 26.03 -12.39
CA ASN A 247 -27.35 27.29 -12.42
C ASN A 247 -26.62 27.62 -11.10
N GLU A 248 -26.18 26.59 -10.37
CA GLU A 248 -25.35 26.79 -9.18
C GLU A 248 -24.09 25.89 -9.22
N LEU A 249 -22.93 26.50 -8.99
CA LEU A 249 -21.65 25.76 -8.95
C LEU A 249 -21.49 24.82 -7.74
N ARG A 250 -21.38 23.51 -8.01
CA ARG A 250 -21.20 22.52 -6.96
C ARG A 250 -20.03 21.61 -7.27
N ILE A 251 -19.56 20.92 -6.22
CA ILE A 251 -18.50 19.91 -6.34
C ILE A 251 -19.14 18.57 -6.70
N CYS A 252 -18.84 18.05 -7.88
CA CYS A 252 -19.41 16.77 -8.28
C CYS A 252 -18.38 15.68 -8.33
N ALA A 253 -18.86 14.44 -8.33
CA ALA A 253 -17.99 13.27 -8.41
C ALA A 253 -18.22 12.45 -9.70
N ARG A 254 -17.13 12.04 -10.34
CA ARG A 254 -17.20 11.15 -11.49
C ARG A 254 -18.19 10.00 -11.22
N ASP A 255 -19.02 9.68 -12.21
CA ASP A 255 -19.97 8.58 -12.07
C ASP A 255 -19.31 7.25 -11.70
N LYS A 256 -18.11 7.00 -12.22
CA LYS A 256 -17.37 5.76 -11.99
C LYS A 256 -16.76 5.74 -10.61
N GLU A 257 -17.27 6.59 -9.72
CA GLU A 257 -16.70 6.75 -8.39
C GLU A 257 -17.77 6.46 -7.36
N VAL A 258 -18.88 5.91 -7.84
CA VAL A 258 -20.04 5.62 -7.02
C VAL A 258 -19.84 4.44 -6.07
N GLY A 259 -19.05 3.46 -6.49
CA GLY A 259 -18.72 2.35 -5.61
C GLY A 259 -17.85 2.77 -4.44
N ASN A 260 -17.06 3.82 -4.63
CA ASN A 260 -16.29 4.40 -3.55
C ASN A 260 -17.22 5.19 -2.64
N LEU A 261 -18.22 5.83 -3.20
CA LEU A 261 -19.17 6.56 -2.39
C LEU A 261 -20.02 5.60 -1.54
N TYR A 262 -20.44 4.47 -2.10
CA TYR A 262 -21.12 3.49 -1.28
C TYR A 262 -20.24 3.09 -0.10
N ASP A 263 -18.95 2.88 -0.34
CA ASP A 263 -18.03 2.47 0.71
C ASP A 263 -17.92 3.51 1.82
N PHE A 265 -20.49 5.85 2.78
CA PHE A 265 -21.75 5.81 3.51
C PHE A 265 -21.92 4.57 4.37
N HIS A 266 -21.35 3.45 3.92
CA HIS A 266 -21.41 2.25 4.70
C HIS A 266 -20.59 2.39 5.98
N THR A 267 -19.46 3.10 5.88
CA THR A 267 -18.62 3.43 7.03
C THR A 267 -19.30 4.43 7.94
N ARG A 268 -19.87 5.50 7.39
CA ARG A 268 -20.67 6.40 8.18
C ARG A 268 -21.68 5.58 8.98
N ASN A 269 -22.49 4.76 8.32
CA ASN A 269 -23.48 4.01 9.06
C ASN A 269 -22.90 3.09 10.11
N SER A 270 -21.70 2.57 9.87
CA SER A 270 -21.08 1.66 10.83
C SER A 270 -20.55 2.37 12.06
N LEU A 271 -19.83 3.47 11.88
CA LEU A 271 -19.43 4.28 13.02
C LEU A 271 -20.64 4.71 13.87
N HIS A 272 -21.73 5.09 13.23
CA HIS A 272 -22.98 5.38 13.93
C HIS A 272 -23.62 4.19 14.64
N ARG A 273 -24.08 3.16 13.93
CA ARG A 273 -24.71 1.99 14.58
C ARG A 273 -23.84 1.41 15.71
N ARG A 274 -22.53 1.32 15.48
CA ARG A 274 -21.69 0.51 16.35
C ARG A 274 -20.93 1.29 17.43
N ALA A 275 -20.73 2.60 17.25
CA ALA A 275 -19.89 3.36 18.17
C ALA A 275 -20.50 4.66 18.71
N TYR A 276 -20.96 5.54 17.84
CA TYR A 276 -21.55 6.78 18.30
C TYR A 276 -22.87 6.52 19.04
N GLN A 277 -23.50 5.38 18.83
CA GLN A 277 -24.79 5.12 19.47
C GLN A 277 -24.71 4.05 20.54
N HIS A 278 -23.48 3.71 20.89
CA HIS A 278 -23.17 2.60 21.80
C HIS A 278 -23.90 2.74 23.13
N LYS A 279 -24.68 1.72 23.51
CA LYS A 279 -25.55 1.78 24.68
C LYS A 279 -24.84 2.31 25.91
N VAL A 280 -23.77 1.64 26.32
CA VAL A 280 -23.06 1.99 27.56
C VAL A 280 -22.21 3.24 27.35
N GLY A 281 -21.73 3.42 26.13
CA GLY A 281 -20.99 4.62 25.79
C GLY A 281 -21.80 5.87 26.07
N ASN A 282 -23.04 5.92 25.65
CA ASN A 282 -23.87 7.11 25.86
C ASN A 282 -24.35 7.23 27.28
N ILE A 283 -24.46 6.10 27.98
CA ILE A 283 -24.81 6.13 29.39
C ILE A 283 -23.71 6.87 30.15
N ILE A 284 -22.48 6.38 30.05
CA ILE A 284 -21.35 7.08 30.61
C ILE A 284 -21.36 8.57 30.25
N ASP A 285 -21.71 8.94 29.02
CA ASP A 285 -21.73 10.37 28.70
C ASP A 285 -22.70 11.15 29.56
N THR A 286 -23.82 10.55 29.89
CA THR A 286 -24.82 11.26 30.68
C THR A 286 -24.49 11.30 32.15
N ILE A 288 -21.22 11.62 33.25
CA ILE A 288 -20.27 12.73 33.24
C ILE A 288 -20.98 14.08 33.19
N THR A 289 -22.08 14.15 32.44
CA THR A 289 -22.90 15.35 32.44
C THR A 289 -23.56 15.55 33.78
N ASP A 290 -24.03 14.48 34.43
CA ASP A 290 -24.65 14.60 35.75
C ASP A 290 -23.64 15.08 36.80
N ALA A 291 -22.40 14.66 36.63
CA ALA A 291 -21.31 15.10 37.47
C ALA A 291 -21.07 16.60 37.26
N PHE A 292 -20.90 17.04 36.02
CA PHE A 292 -20.66 18.47 35.80
C PHE A 292 -21.79 19.32 36.35
N LEU A 293 -23.03 18.90 36.15
CA LEU A 293 -24.13 19.68 36.68
C LEU A 293 -24.06 19.77 38.20
N LYS A 294 -23.83 18.67 38.90
CA LYS A 294 -23.77 18.70 40.36
C LYS A 294 -22.52 19.42 40.85
N ALA A 295 -21.70 19.89 39.92
CA ALA A 295 -20.47 20.56 40.28
C ALA A 295 -20.43 21.98 39.77
N ASP A 296 -21.46 22.38 39.04
CA ASP A 296 -21.42 23.63 38.28
C ASP A 296 -21.31 24.84 39.17
N ASP A 297 -21.99 24.78 40.30
CA ASP A 297 -21.95 25.85 41.29
C ASP A 297 -20.58 26.06 41.92
N TYR A 298 -19.78 24.99 42.00
CA TYR A 298 -18.62 25.03 42.90
C TYR A 298 -17.23 25.06 42.25
N ILE A 299 -17.20 25.03 40.93
CA ILE A 299 -15.93 25.14 40.21
C ILE A 299 -15.86 26.53 39.61
N GLU A 300 -14.80 27.28 39.91
CA GLU A 300 -14.60 28.60 39.31
C GLU A 300 -13.51 28.59 38.23
N ILE A 301 -13.84 29.12 37.06
CA ILE A 301 -12.89 29.26 35.95
C ILE A 301 -12.54 30.73 35.80
N THR A 302 -11.26 31.05 35.70
CA THR A 302 -10.90 32.46 35.66
C THR A 302 -10.87 33.05 34.25
N GLY A 303 -11.65 34.10 34.04
CA GLY A 303 -11.72 34.72 32.74
C GLY A 303 -10.96 36.04 32.60
N ALA A 304 -11.39 36.84 31.62
CA ALA A 304 -10.77 38.13 31.34
C ALA A 304 -11.02 39.08 32.50
N GLY A 305 -9.97 39.82 32.86
CA GLY A 305 -10.09 40.86 33.86
C GLY A 305 -9.91 40.35 35.27
N GLY A 306 -10.13 39.05 35.45
CA GLY A 306 -10.05 38.44 36.76
C GLY A 306 -11.38 37.82 37.10
N LYS A 307 -12.42 38.21 36.36
CA LYS A 307 -13.78 37.75 36.61
C LYS A 307 -13.82 36.21 36.67
N LYS A 308 -14.69 35.65 37.52
CA LYS A 308 -14.79 34.20 37.60
C LYS A 308 -16.07 33.69 36.98
N TYR A 309 -15.97 32.56 36.30
CA TYR A 309 -17.10 31.96 35.62
C TYR A 309 -17.35 30.54 36.12
N ARG A 310 -18.51 29.99 35.79
CA ARG A 310 -18.80 28.60 36.09
C ARG A 310 -18.59 27.78 34.83
N ILE A 311 -18.52 26.47 34.98
CA ILE A 311 -18.42 25.60 33.82
C ILE A 311 -19.44 26.01 32.76
N SER A 312 -20.68 26.17 33.18
CA SER A 312 -21.78 26.39 32.24
C SER A 312 -21.73 27.78 31.64
N THR A 313 -20.97 28.64 32.28
CA THR A 313 -21.03 30.05 31.98
C THR A 313 -19.73 30.57 31.38
N ALA A 314 -18.70 29.71 31.35
CA ALA A 314 -17.45 30.08 30.72
C ALA A 314 -17.62 30.34 29.22
N ILE A 315 -18.72 29.87 28.64
CA ILE A 315 -18.97 30.12 27.22
C ILE A 315 -19.26 31.58 26.94
N ASP A 316 -19.34 32.40 27.97
CA ASP A 316 -19.65 33.81 27.79
C ASP A 316 -18.38 34.63 27.61
N ASP A 317 -17.23 34.04 27.96
CA ASP A 317 -15.95 34.76 27.86
C ASP A 317 -14.86 33.84 27.36
N GLU A 319 -11.64 34.09 27.28
CA GLU A 319 -10.45 33.94 28.12
C GLU A 319 -10.58 32.73 29.00
N ALA A 320 -11.75 32.58 29.61
CA ALA A 320 -12.03 31.44 30.48
C ALA A 320 -12.29 30.14 29.69
N TYR A 321 -13.08 30.25 28.64
CA TYR A 321 -13.37 29.09 27.83
C TYR A 321 -12.09 28.43 27.37
N THR A 322 -11.10 29.22 26.99
CA THR A 322 -9.80 28.65 26.64
C THR A 322 -9.28 27.70 27.71
N LYS A 323 -9.69 27.89 28.95
CA LYS A 323 -9.15 27.06 30.02
C LYS A 323 -10.13 25.96 30.44
N LEU A 324 -11.23 25.85 29.71
CA LEU A 324 -12.23 24.81 29.97
C LEU A 324 -12.01 23.63 29.04
N THR A 325 -11.39 22.57 29.57
CA THR A 325 -11.03 21.40 28.80
C THR A 325 -11.40 20.16 29.60
N ASP A 326 -10.82 19.01 29.25
CA ASP A 326 -11.17 17.73 29.86
C ASP A 326 -10.61 17.70 31.25
N ASN A 327 -9.67 18.59 31.52
CA ASN A 327 -9.13 18.76 32.86
C ASN A 327 -10.22 18.87 33.95
N ILE A 328 -11.29 19.58 33.64
CA ILE A 328 -12.36 19.79 34.59
C ILE A 328 -12.84 18.47 35.20
N PHE A 329 -12.76 17.39 34.42
CA PHE A 329 -13.13 16.07 34.91
C PHE A 329 -12.26 15.64 36.11
N LEU A 330 -10.95 15.68 35.94
CA LEU A 330 -10.03 15.30 37.00
C LEU A 330 -10.02 16.28 38.16
N GLU A 331 -10.25 17.55 37.86
CA GLU A 331 -10.35 18.54 38.91
C GLU A 331 -11.42 18.15 39.93
N ILE A 332 -12.57 17.70 39.45
CA ILE A 332 -13.62 17.15 40.30
C ILE A 332 -13.22 15.83 40.93
N LEU A 333 -12.71 14.92 40.13
CA LEU A 333 -12.35 13.60 40.63
C LEU A 333 -11.37 13.64 41.80
N TYR A 334 -10.36 14.50 41.70
CA TYR A 334 -9.33 14.59 42.71
C TYR A 334 -9.67 15.53 43.84
N SER A 335 -10.76 16.29 43.68
CA SER A 335 -11.16 17.31 44.63
C SER A 335 -11.34 16.75 46.04
N THR A 336 -11.12 17.59 47.05
CA THR A 336 -11.33 17.21 48.44
C THR A 336 -12.49 17.99 49.05
N ASP A 337 -12.97 18.98 48.31
CA ASP A 337 -14.03 19.84 48.79
C ASP A 337 -15.28 19.01 49.12
N PRO A 338 -15.86 19.25 50.29
CA PRO A 338 -17.11 18.57 50.64
C PRO A 338 -18.27 19.07 49.79
N LYS A 339 -18.21 20.31 49.30
CA LYS A 339 -19.25 20.85 48.43
C LYS A 339 -19.33 19.98 47.19
N LEU A 340 -18.17 19.56 46.72
CA LEU A 340 -18.06 18.72 45.51
C LEU A 340 -18.15 17.20 45.76
N LYS A 341 -18.65 16.80 46.94
CA LYS A 341 -18.75 15.37 47.21
C LYS A 341 -19.78 14.69 46.31
N ASP A 342 -20.90 15.34 46.05
CA ASP A 342 -21.91 14.75 45.21
C ASP A 342 -21.38 14.42 43.81
N ALA A 343 -20.73 15.40 43.19
CA ALA A 343 -20.10 15.21 41.87
C ALA A 343 -19.04 14.14 41.91
N ARG A 344 -18.06 14.26 42.79
CA ARG A 344 -17.03 13.24 42.95
C ARG A 344 -17.64 11.84 42.96
N GLU A 345 -18.77 11.67 43.62
CA GLU A 345 -19.27 10.32 43.83
C GLU A 345 -19.71 9.66 42.54
N ILE A 346 -20.27 10.46 41.64
CA ILE A 346 -20.63 9.99 40.29
C ILE A 346 -19.41 9.66 39.41
N LEU A 347 -18.43 10.52 39.39
CA LEU A 347 -17.22 10.20 38.68
C LEU A 347 -16.58 8.97 39.27
N LYS A 348 -16.82 8.70 40.54
CA LYS A 348 -16.26 7.52 41.17
C LYS A 348 -17.08 6.32 40.80
N GLN A 349 -18.36 6.55 40.52
CA GLN A 349 -19.23 5.49 40.03
C GLN A 349 -18.65 4.90 38.77
N ILE A 350 -18.12 5.76 37.92
CA ILE A 350 -17.56 5.35 36.64
C ILE A 350 -16.29 4.53 36.76
N GLU A 351 -15.39 4.89 37.65
CA GLU A 351 -14.18 4.11 37.80
C GLU A 351 -14.50 2.68 38.25
N TYR A 352 -15.53 2.57 39.09
CA TYR A 352 -15.97 1.29 39.69
C TYR A 352 -16.89 0.55 38.76
N ARG A 353 -17.44 1.29 37.80
CA ARG A 353 -18.32 0.75 36.80
C ARG A 353 -19.69 0.37 37.37
N ASN A 354 -20.15 1.11 38.39
CA ASN A 354 -21.54 1.05 38.79
C ASN A 354 -22.28 2.11 37.99
N LEU A 355 -22.59 1.79 36.74
CA LEU A 355 -23.19 2.76 35.84
C LEU A 355 -24.71 2.87 36.07
N PHE A 356 -25.31 3.95 35.56
CA PHE A 356 -26.76 4.03 35.48
C PHE A 356 -27.25 2.83 34.67
N LYS A 357 -28.47 2.40 34.94
CA LYS A 357 -29.02 1.25 34.27
C LYS A 357 -29.92 1.63 33.11
N TYR A 358 -29.74 0.91 32.00
CA TYR A 358 -30.53 1.13 30.80
C TYR A 358 -31.95 0.63 31.05
N VAL A 359 -32.93 1.44 30.65
CA VAL A 359 -34.33 1.11 30.87
C VAL A 359 -35.03 0.86 29.55
N GLY A 360 -34.62 1.55 28.49
CA GLY A 360 -35.29 1.36 27.22
C GLY A 360 -35.13 2.46 26.20
N GLU A 361 -35.60 2.20 24.98
CA GLU A 361 -35.42 3.10 23.85
C GLU A 361 -36.73 3.25 23.11
N THR A 362 -36.99 4.46 22.64
CA THR A 362 -38.19 4.78 21.86
C THR A 362 -37.77 5.87 20.90
N GLN A 363 -38.56 6.09 19.86
CA GLN A 363 -38.40 7.28 19.02
C GLN A 363 -39.73 7.90 18.76
N PRO A 364 -39.71 9.15 18.34
CA PRO A 364 -40.93 9.90 18.10
C PRO A 364 -41.34 9.80 16.65
N THR A 365 -41.33 8.60 16.11
CA THR A 365 -41.76 8.37 14.74
C THR A 365 -43.04 9.13 14.39
N GLY A 366 -42.94 9.97 13.35
CA GLY A 366 -44.08 10.72 12.86
C GLY A 366 -44.62 11.76 13.83
N GLN A 367 -43.90 11.96 14.93
CA GLN A 367 -44.28 12.96 15.88
C GLN A 367 -43.33 14.15 15.75
N ILE A 368 -43.70 15.27 16.39
CA ILE A 368 -42.82 16.44 16.47
C ILE A 368 -41.58 16.10 17.30
N LYS A 369 -40.39 16.40 16.81
CA LYS A 369 -39.17 16.03 17.55
C LYS A 369 -38.94 16.80 18.84
N ILE A 370 -38.07 16.26 19.70
CA ILE A 370 -37.78 16.89 20.97
C ILE A 370 -36.71 17.95 20.81
N LYS A 371 -37.10 19.18 21.13
CA LYS A 371 -36.22 20.34 21.01
C LYS A 371 -35.27 20.42 22.21
N ARG A 372 -34.10 20.99 21.97
CA ARG A 372 -33.05 21.10 22.97
C ARG A 372 -33.52 21.81 24.25
N GLU A 373 -34.47 22.73 24.11
CA GLU A 373 -34.93 23.53 25.24
C GLU A 373 -35.77 22.70 26.18
N ASP A 374 -36.24 21.57 25.69
CA ASP A 374 -37.12 20.70 26.45
C ASP A 374 -36.38 19.64 27.27
N TYR A 375 -35.07 19.55 27.11
CA TYR A 375 -34.35 18.46 27.76
C TYR A 375 -34.51 18.46 29.28
N GLU A 376 -34.37 19.62 29.91
CA GLU A 376 -34.40 19.71 31.37
C GLU A 376 -35.69 19.15 31.97
N SER A 377 -36.77 19.20 31.20
CA SER A 377 -38.10 18.86 31.71
C SER A 377 -38.49 17.39 31.54
N LEU A 378 -37.81 16.71 30.63
CA LEU A 378 -38.15 15.32 30.33
C LEU A 378 -38.21 14.38 31.55
N PRO A 379 -37.20 14.43 32.44
CA PRO A 379 -37.33 13.53 33.59
C PRO A 379 -38.54 13.87 34.45
N LYS A 380 -38.86 15.14 34.63
CA LYS A 380 -40.06 15.47 35.39
C LYS A 380 -41.26 14.78 34.74
N GLU A 381 -41.34 14.79 33.41
CA GLU A 381 -42.45 14.16 32.68
C GLU A 381 -42.56 12.68 32.93
N VAL A 382 -41.47 11.96 32.70
CA VAL A 382 -41.44 10.51 32.85
C VAL A 382 -41.95 10.13 34.23
N ALA A 383 -41.38 10.77 35.26
CA ALA A 383 -41.71 10.47 36.66
C ALA A 383 -43.17 10.79 37.01
N SER A 384 -43.82 11.59 36.17
CA SER A 384 -45.21 11.99 36.42
C SER A 384 -46.20 11.08 35.68
N ALA A 385 -45.68 10.08 34.99
CA ALA A 385 -46.56 9.23 34.21
C ALA A 385 -47.18 8.13 35.05
N LYS A 386 -48.48 8.25 35.33
CA LYS A 386 -49.23 7.22 36.04
C LYS A 386 -49.32 5.93 35.20
N PRO A 387 -48.62 4.86 35.62
CA PRO A 387 -48.69 3.60 34.91
C PRO A 387 -50.02 2.90 35.20
N LYS A 388 -50.43 2.00 34.30
CA LYS A 388 -51.70 1.27 34.40
C LYS A 388 -51.82 0.45 35.69
N VAL A 389 -50.85 -0.43 35.93
CA VAL A 389 -50.85 -1.21 37.16
C VAL A 389 -50.07 -0.51 38.25
N LEU A 390 -50.65 -0.46 39.45
CA LEU A 390 -50.02 0.23 40.58
C LEU A 390 -48.75 -0.51 41.02
N LEU A 391 -47.67 0.25 41.18
CA LEU A 391 -46.32 -0.31 41.31
C LEU A 391 -45.79 -0.22 42.74
N ASP A 392 -45.06 -1.26 43.15
CA ASP A 392 -44.60 -1.39 44.54
C ASP A 392 -43.52 -0.39 44.96
N VAL A 393 -43.23 0.60 44.11
CA VAL A 393 -42.17 1.58 44.35
C VAL A 393 -42.46 2.89 43.63
N LYS A 394 -42.26 4.02 44.31
CA LYS A 394 -42.41 5.33 43.68
C LYS A 394 -41.04 5.92 43.30
N LEU A 395 -40.95 6.49 42.11
CA LEU A 395 -39.71 7.09 41.62
C LEU A 395 -39.91 8.59 41.38
N LYS A 396 -38.83 9.35 41.62
CA LYS A 396 -38.85 10.80 41.44
C LYS A 396 -38.01 11.22 40.23
N ALA A 397 -38.23 12.44 39.74
CA ALA A 397 -37.50 12.92 38.57
C ALA A 397 -35.99 12.73 38.72
N GLU A 398 -35.46 12.97 39.91
CA GLU A 398 -34.02 12.81 40.11
C GLU A 398 -33.53 11.40 39.77
N ASP A 399 -34.42 10.42 39.65
CA ASP A 399 -33.98 9.02 39.43
C ASP A 399 -33.87 8.63 37.98
N PHE A 400 -34.33 9.49 37.09
CA PHE A 400 -34.35 9.23 35.66
C PHE A 400 -33.36 10.10 34.90
N ILE A 401 -32.55 9.48 34.04
CA ILE A 401 -31.80 10.25 33.07
C ILE A 401 -32.39 9.93 31.71
N VAL A 402 -32.82 10.95 30.97
CA VAL A 402 -33.28 10.71 29.59
C VAL A 402 -32.38 11.46 28.64
N ASP A 403 -31.75 10.73 27.72
CA ASP A 403 -30.99 11.40 26.68
C ASP A 403 -31.52 11.18 25.27
N VAL A 404 -31.57 12.30 24.56
CA VAL A 404 -31.93 12.40 23.17
C VAL A 404 -30.66 12.28 22.37
N ILE A 405 -30.74 11.51 21.28
CA ILE A 405 -29.60 11.12 20.47
C ILE A 405 -29.99 11.43 19.05
N ASN A 406 -29.28 12.35 18.38
CA ASN A 406 -29.59 12.70 16.98
C ASN A 406 -28.39 12.61 16.03
N ASP A 418 -27.43 10.39 -0.37
CA ASP A 418 -27.71 9.75 -1.66
C ASP A 418 -28.01 10.80 -2.78
N HIS A 419 -28.29 12.04 -2.35
CA HIS A 419 -28.46 13.20 -3.22
C HIS A 419 -27.13 13.93 -3.44
N VAL A 420 -26.16 13.19 -3.96
CA VAL A 420 -24.89 13.75 -4.39
C VAL A 420 -24.93 13.94 -5.89
N SER A 421 -24.19 14.92 -6.41
CA SER A 421 -24.23 15.17 -7.84
C SER A 421 -23.05 14.54 -8.61
N PHE A 422 -23.33 13.99 -9.79
CA PHE A 422 -22.32 13.28 -10.57
C PHE A 422 -22.05 13.89 -11.94
N TYR A 423 -20.98 13.43 -12.60
CA TYR A 423 -20.70 13.86 -13.97
C TYR A 423 -20.10 12.70 -14.76
N CYS A 424 -20.26 12.73 -16.08
CA CYS A 424 -19.66 11.72 -16.96
C CYS A 424 -18.47 12.32 -17.70
N LYS A 425 -17.42 11.52 -17.91
CA LYS A 425 -16.21 12.00 -18.60
C LYS A 425 -16.59 12.78 -19.86
N THR A 426 -17.42 12.16 -20.68
CA THR A 426 -18.01 12.78 -21.86
C THR A 426 -18.46 14.24 -21.63
N ALA A 427 -19.50 14.42 -20.81
CA ALA A 427 -20.09 15.73 -20.59
C ALA A 427 -19.82 16.30 -19.19
N PRO A 428 -18.58 16.73 -18.92
CA PRO A 428 -18.30 17.32 -17.61
C PRO A 428 -19.04 18.64 -17.46
N ASN A 429 -18.74 19.36 -16.37
CA ASN A 429 -19.29 20.70 -16.17
C ASN A 429 -20.83 20.83 -16.14
N ARG A 430 -21.52 19.69 -16.21
CA ARG A 430 -22.97 19.63 -15.96
C ARG A 430 -23.28 18.28 -15.33
N ALA A 431 -24.21 18.27 -14.38
CA ALA A 431 -24.44 17.08 -13.56
C ALA A 431 -25.36 16.06 -14.20
N ILE A 432 -25.03 14.78 -14.04
CA ILE A 432 -25.89 13.72 -14.56
C ILE A 432 -27.28 13.80 -13.93
N ALA A 448 -32.76 6.25 11.50
CA ALA A 448 -33.57 7.15 12.34
C ALA A 448 -33.14 8.64 12.23
N GLU A 449 -33.89 9.52 12.89
CA GLU A 449 -33.55 10.95 12.89
C GLU A 449 -33.31 11.47 14.33
N GLN A 450 -33.88 10.76 15.30
CA GLN A 450 -33.76 11.11 16.72
C GLN A 450 -34.29 9.97 17.57
N LEU A 451 -33.45 9.40 18.43
CA LEU A 451 -33.95 8.40 19.37
C LEU A 451 -33.65 8.72 20.83
N ILE A 452 -34.64 8.41 21.67
CA ILE A 452 -34.69 8.77 23.07
C ILE A 452 -34.47 7.55 23.96
N ARG A 453 -33.45 7.58 24.79
CA ARG A 453 -33.26 6.52 25.75
C ARG A 453 -33.44 7.01 27.18
N VAL A 454 -33.94 6.14 28.05
CA VAL A 454 -34.06 6.44 29.46
C VAL A 454 -33.14 5.55 30.32
N TYR A 455 -32.49 6.16 31.31
CA TYR A 455 -31.67 5.41 32.26
C TYR A 455 -32.24 5.60 33.65
N CYS A 456 -31.87 4.73 34.56
CA CYS A 456 -32.27 4.88 35.93
C CYS A 456 -31.07 4.94 36.88
N LYS A 457 -31.10 5.90 37.81
CA LYS A 457 -30.00 6.10 38.75
C LYS A 457 -30.09 5.12 39.92
N LYS A 458 -31.28 4.55 40.10
CA LYS A 458 -31.52 3.53 41.11
C LYS A 458 -31.23 2.21 40.46
N VAL A 459 -30.43 1.35 41.11
CA VAL A 459 -30.01 0.11 40.44
C VAL A 459 -30.58 -1.21 40.98
N ASP A 460 -31.51 -1.14 41.92
CA ASP A 460 -32.13 -2.37 42.44
C ASP A 460 -33.21 -2.89 41.50
N ARG A 461 -33.37 -4.20 41.49
CA ARG A 461 -34.31 -4.87 40.60
C ARG A 461 -35.73 -4.33 40.70
N LYS A 462 -36.17 -4.03 41.91
CA LYS A 462 -37.54 -3.62 42.18
C LYS A 462 -37.79 -2.21 41.67
N SER A 463 -36.72 -1.44 41.51
CA SER A 463 -36.80 -0.06 41.03
C SER A 463 -36.76 0.02 39.50
N LEU A 464 -35.93 -0.82 38.90
CA LEU A 464 -35.87 -0.90 37.46
C LEU A 464 -37.21 -1.35 36.89
N TYR A 465 -37.81 -2.37 37.49
CA TYR A 465 -39.10 -2.80 37.04
C TYR A 465 -40.05 -1.64 37.11
N ALA A 466 -40.01 -0.89 38.21
CA ALA A 466 -40.81 0.32 38.33
C ALA A 466 -40.49 1.32 37.22
N ALA A 467 -39.20 1.56 36.99
CA ALA A 467 -38.78 2.55 36.00
C ALA A 467 -39.26 2.21 34.61
N ARG A 468 -39.19 0.95 34.25
CA ARG A 468 -39.65 0.54 32.95
C ARG A 468 -41.15 0.81 32.83
N GLN A 469 -41.87 0.68 33.94
CA GLN A 469 -43.30 0.94 33.95
C GLN A 469 -43.63 2.39 33.63
N TYR A 470 -42.97 3.34 34.30
CA TYR A 470 -43.14 4.75 33.99
C TYR A 470 -42.78 5.02 32.55
N PHE A 471 -41.63 4.48 32.12
CA PHE A 471 -41.15 4.69 30.77
C PHE A 471 -42.15 4.22 29.72
N VAL A 472 -42.66 3.00 29.85
CA VAL A 472 -43.57 2.50 28.85
C VAL A 472 -44.81 3.39 28.77
N GLN A 473 -45.22 3.96 29.90
CA GLN A 473 -46.41 4.82 29.93
C GLN A 473 -46.16 6.16 29.33
N TRP A 474 -45.02 6.76 29.66
CA TRP A 474 -44.65 8.03 29.09
C TRP A 474 -44.64 7.98 27.57
N CYS A 475 -44.11 6.90 27.01
CA CYS A 475 -44.14 6.69 25.57
C CYS A 475 -45.57 6.65 25.10
N ALA A 476 -46.42 6.03 25.89
CA ALA A 476 -47.84 5.90 25.60
C ALA A 476 -48.50 7.26 25.48
N ASP A 477 -48.41 8.06 26.54
CA ASP A 477 -49.13 9.33 26.53
C ASP A 477 -48.32 10.48 25.95
N ARG A 478 -47.37 10.11 25.09
CA ARG A 478 -46.55 11.07 24.38
C ARG A 478 -46.56 10.69 22.89
N ASN A 479 -47.04 9.49 22.61
CA ASN A 479 -47.19 8.95 21.26
C ASN A 479 -45.87 8.65 20.57
N PHE A 480 -44.93 8.14 21.36
CA PHE A 480 -43.66 7.65 20.83
C PHE A 480 -43.85 6.15 20.57
N THR A 481 -42.93 5.55 19.83
CA THR A 481 -43.03 4.14 19.48
C THR A 481 -42.97 3.29 20.73
N LYS A 482 -43.74 2.20 20.75
CA LYS A 482 -43.73 1.27 21.87
C LYS A 482 -42.33 0.63 21.96
N PRO A 483 -41.74 0.61 23.16
CA PRO A 483 -40.42 0.01 23.38
C PRO A 483 -40.41 -1.51 23.17
N GLN A 484 -39.23 -2.07 22.88
CA GLN A 484 -39.08 -3.50 22.65
C GLN A 484 -38.66 -4.24 23.93
N ASP A 485 -39.38 -5.32 24.25
CA ASP A 485 -39.08 -6.15 25.42
C ASP A 485 -37.88 -7.06 25.14
N PRO B 20 11.63 -9.14 -6.54
CA PRO B 20 11.13 -9.43 -7.88
C PRO B 20 10.28 -10.67 -7.87
N GLY B 21 8.98 -10.50 -8.18
CA GLY B 21 8.09 -11.62 -8.38
C GLY B 21 7.07 -11.24 -9.43
N ASP B 22 5.89 -11.85 -9.39
CA ASP B 22 4.78 -11.44 -10.25
C ASP B 22 4.40 -10.01 -9.81
N PRO B 23 4.25 -9.09 -10.78
CA PRO B 23 3.88 -7.69 -10.47
C PRO B 23 2.47 -7.53 -9.93
N ILE B 24 1.69 -8.60 -9.92
CA ILE B 24 0.28 -8.56 -9.51
C ILE B 24 0.04 -9.35 -8.23
N HIS B 25 0.71 -10.49 -8.07
CA HIS B 25 0.53 -11.32 -6.89
C HIS B 25 1.80 -11.42 -6.08
N GLY B 26 2.87 -10.81 -6.58
CA GLY B 26 4.12 -10.82 -5.85
C GLY B 26 4.78 -12.19 -5.88
N HIS B 27 5.51 -12.51 -4.81
CA HIS B 27 6.13 -13.83 -4.77
C HIS B 27 5.10 -14.86 -4.36
N ILE B 28 4.78 -15.76 -5.29
CA ILE B 28 3.97 -16.91 -4.99
C ILE B 28 4.89 -18.11 -4.90
N GLU B 29 4.69 -18.93 -3.88
CA GLU B 29 5.36 -20.21 -3.80
C GLU B 29 4.27 -21.28 -3.92
N LEU B 30 4.55 -22.31 -4.70
CA LEU B 30 3.52 -23.29 -4.98
C LEU B 30 3.86 -24.68 -4.45
N HIS B 31 2.84 -25.54 -4.43
CA HIS B 31 3.00 -26.93 -4.06
C HIS B 31 3.90 -27.65 -5.08
N PRO B 32 4.75 -28.57 -4.61
CA PRO B 32 5.66 -29.34 -5.47
C PRO B 32 4.95 -30.04 -6.61
N LEU B 33 3.69 -30.45 -6.38
CA LEU B 33 2.91 -31.06 -7.44
C LEU B 33 2.64 -30.01 -8.51
N LEU B 34 2.31 -28.79 -8.09
CA LEU B 34 2.00 -27.72 -9.02
C LEU B 34 3.23 -27.40 -9.83
N VAL B 35 4.37 -27.34 -9.19
CA VAL B 35 5.58 -27.06 -9.94
C VAL B 35 5.89 -28.18 -10.95
N ARG B 36 5.56 -29.43 -10.63
CA ARG B 36 5.83 -30.53 -11.56
C ARG B 36 5.04 -30.36 -12.84
N ILE B 37 3.77 -29.99 -12.69
CA ILE B 37 2.89 -29.67 -13.83
C ILE B 37 3.45 -28.50 -14.64
N ILE B 38 3.99 -27.50 -13.96
CA ILE B 38 4.48 -26.31 -14.65
C ILE B 38 5.77 -26.55 -15.41
N ASP B 39 6.70 -27.29 -14.82
CA ASP B 39 7.99 -27.48 -15.46
C ASP B 39 7.89 -28.59 -16.49
N THR B 40 7.23 -28.24 -17.58
CA THR B 40 6.69 -29.18 -18.54
C THR B 40 6.49 -28.42 -19.86
N PRO B 41 6.80 -29.07 -20.98
CA PRO B 41 6.73 -28.40 -22.28
C PRO B 41 5.29 -28.03 -22.66
N GLN B 42 4.30 -28.87 -22.31
CA GLN B 42 2.89 -28.58 -22.59
C GLN B 42 2.47 -27.34 -21.84
N PHE B 43 3.11 -27.06 -20.71
CA PHE B 43 2.75 -25.87 -19.95
C PHE B 43 3.59 -24.68 -20.38
N GLN B 44 4.90 -24.87 -20.45
CA GLN B 44 5.79 -23.86 -20.97
C GLN B 44 5.35 -23.30 -22.32
N ARG B 45 4.51 -24.04 -23.01
CA ARG B 45 3.98 -23.63 -24.30
C ARG B 45 3.35 -22.25 -24.18
N LEU B 46 2.77 -21.99 -23.03
CA LEU B 46 2.04 -20.75 -22.80
C LEU B 46 2.93 -19.51 -22.71
N ARG B 47 4.25 -19.67 -22.69
CA ARG B 47 5.13 -18.50 -22.68
C ARG B 47 5.12 -17.85 -24.06
N TYR B 48 4.53 -18.54 -25.04
CA TYR B 48 4.56 -18.09 -26.43
C TYR B 48 3.16 -17.91 -27.02
N ILE B 49 2.22 -17.46 -26.19
CA ILE B 49 0.88 -17.12 -26.65
C ILE B 49 0.50 -15.74 -26.09
N LYS B 50 0.54 -14.67 -26.90
CA LYS B 50 0.15 -13.33 -26.42
C LYS B 50 -1.23 -13.38 -25.82
N GLN B 51 -1.37 -12.86 -24.62
CA GLN B 51 -2.63 -12.88 -23.91
C GLN B 51 -3.74 -12.16 -24.69
N LEU B 52 -3.46 -10.93 -25.10
CA LEU B 52 -4.45 -10.16 -25.85
C LEU B 52 -4.22 -10.29 -27.34
N GLY B 53 -3.48 -11.32 -27.75
CA GLY B 53 -3.23 -11.57 -29.16
C GLY B 53 -2.78 -10.32 -29.87
N GLY B 54 -3.58 -9.91 -30.87
CA GLY B 54 -3.20 -8.82 -31.77
C GLY B 54 -3.28 -7.47 -31.13
N GLY B 55 -3.52 -7.46 -29.82
CA GLY B 55 -3.61 -6.28 -29.01
C GLY B 55 -2.23 -5.67 -28.95
N TYR B 56 -1.21 -6.52 -28.78
CA TYR B 56 0.17 -6.02 -28.76
C TYR B 56 0.46 -4.99 -29.87
N TYR B 57 -0.11 -5.17 -31.06
CA TYR B 57 0.24 -4.30 -32.19
C TYR B 57 -0.53 -3.00 -32.13
N VAL B 58 -1.29 -2.82 -31.06
CA VAL B 58 -1.97 -1.55 -30.84
C VAL B 58 -1.68 -0.93 -29.45
N PHE B 59 -1.43 -1.76 -28.46
CA PHE B 59 -0.98 -1.30 -27.15
C PHE B 59 0.38 -1.86 -26.78
N PRO B 60 1.42 -1.00 -26.81
CA PRO B 60 2.81 -1.41 -26.58
C PRO B 60 2.99 -2.12 -25.24
N GLY B 61 2.19 -1.74 -24.26
CA GLY B 61 2.27 -2.38 -22.97
C GLY B 61 1.91 -3.85 -22.96
N ALA B 62 0.93 -4.23 -23.78
CA ALA B 62 0.30 -5.55 -23.73
C ALA B 62 1.18 -6.67 -24.31
N SER B 63 2.27 -6.98 -23.64
CA SER B 63 3.24 -7.94 -24.13
C SER B 63 3.15 -9.24 -23.35
N HIS B 64 2.22 -9.30 -22.40
CA HIS B 64 2.06 -10.46 -21.52
C HIS B 64 1.54 -11.69 -22.23
N ASN B 65 1.91 -12.86 -21.74
CA ASN B 65 1.52 -14.12 -22.36
C ASN B 65 0.66 -14.89 -21.40
N ARG B 66 0.09 -16.00 -21.83
CA ARG B 66 -0.86 -16.75 -21.01
C ARG B 66 -0.20 -17.49 -19.86
N PHE B 67 1.11 -17.63 -19.95
CA PHE B 67 1.87 -18.36 -18.93
C PHE B 67 1.78 -17.66 -17.57
N GLU B 68 2.11 -16.38 -17.54
CA GLU B 68 2.03 -15.67 -16.30
C GLU B 68 0.59 -15.64 -15.82
N HIS B 69 -0.35 -15.32 -16.72
CA HIS B 69 -1.77 -15.33 -16.39
C HIS B 69 -2.21 -16.64 -15.75
N SER B 70 -1.82 -17.75 -16.34
CA SER B 70 -2.18 -19.06 -15.85
C SER B 70 -1.69 -19.28 -14.41
N LEU B 71 -0.42 -18.96 -14.13
CA LEU B 71 0.10 -19.00 -12.77
C LEU B 71 -0.76 -18.19 -11.82
N GLY B 72 -1.15 -16.99 -12.24
CA GLY B 72 -1.97 -16.13 -11.41
C GLY B 72 -3.27 -16.80 -11.01
N VAL B 73 -3.95 -17.41 -11.98
CA VAL B 73 -5.23 -18.02 -11.73
C VAL B 73 -5.06 -19.20 -10.84
N GLY B 74 -3.98 -19.94 -11.04
CA GLY B 74 -3.68 -21.07 -10.17
C GLY B 74 -3.57 -20.59 -8.73
N TYR B 75 -2.77 -19.57 -8.54
CA TYR B 75 -2.51 -19.06 -7.23
C TYR B 75 -3.78 -18.51 -6.63
N LEU B 76 -4.57 -17.80 -7.42
CA LEU B 76 -5.79 -17.20 -6.91
C LEU B 76 -6.85 -18.26 -6.56
N ALA B 77 -6.99 -19.29 -7.40
CA ALA B 77 -7.91 -20.38 -7.14
C ALA B 77 -7.65 -20.91 -5.72
N GLY B 78 -6.38 -21.15 -5.41
CA GLY B 78 -5.97 -21.61 -4.10
C GLY B 78 -6.35 -20.67 -2.96
N CYS B 79 -6.03 -19.39 -3.10
CA CYS B 79 -6.40 -18.42 -2.08
C CYS B 79 -7.85 -18.50 -1.71
N LEU B 80 -8.72 -18.47 -2.71
CA LEU B 80 -10.14 -18.50 -2.45
C LEU B 80 -10.56 -19.79 -1.77
N VAL B 81 -10.21 -20.94 -2.35
CA VAL B 81 -10.62 -22.23 -1.75
C VAL B 81 -10.12 -22.33 -0.33
N HIS B 82 -8.86 -21.99 -0.13
CA HIS B 82 -8.26 -22.18 1.17
C HIS B 82 -8.94 -21.28 2.22
N ALA B 83 -9.35 -20.09 1.80
CA ALA B 83 -10.05 -19.16 2.69
C ALA B 83 -11.44 -19.63 3.03
N LEU B 84 -12.21 -20.05 2.04
CA LEU B 84 -13.51 -20.66 2.32
C LEU B 84 -13.36 -21.78 3.34
N GLY B 85 -12.30 -22.58 3.18
CA GLY B 85 -12.01 -23.69 4.08
C GLY B 85 -11.82 -23.24 5.51
N GLU B 86 -10.91 -22.30 5.73
CA GLU B 86 -10.66 -21.80 7.08
C GLU B 86 -11.93 -21.26 7.75
N LYS B 87 -12.62 -20.33 7.09
CA LYS B 87 -13.81 -19.70 7.66
C LYS B 87 -14.96 -20.68 7.95
N GLN B 88 -15.09 -21.72 7.13
CA GLN B 88 -16.21 -22.66 7.27
C GLN B 88 -15.77 -24.14 7.24
N PRO B 89 -15.27 -24.65 8.38
CA PRO B 89 -14.79 -26.03 8.42
C PRO B 89 -15.92 -27.00 8.14
N GLU B 90 -17.16 -26.57 8.36
CA GLU B 90 -18.32 -27.43 8.17
C GLU B 90 -18.46 -27.86 6.71
N LEU B 91 -17.94 -27.05 5.79
CA LEU B 91 -17.95 -27.40 4.37
C LEU B 91 -17.07 -28.61 4.07
N GLN B 92 -16.26 -29.01 5.04
CA GLN B 92 -15.32 -30.13 4.88
C GLN B 92 -14.49 -30.08 3.57
N ILE B 93 -13.81 -28.96 3.38
CA ILE B 93 -12.91 -28.77 2.25
C ILE B 93 -11.54 -29.37 2.59
N SER B 94 -11.09 -30.36 1.82
CA SER B 94 -9.86 -31.12 2.12
C SER B 94 -8.60 -30.60 1.42
N GLU B 95 -7.43 -31.01 1.93
CA GLU B 95 -6.14 -30.67 1.30
C GLU B 95 -6.12 -31.14 -0.16
N ARG B 96 -6.92 -32.17 -0.43
CA ARG B 96 -7.07 -32.76 -1.76
C ARG B 96 -7.95 -31.87 -2.66
N ASP B 97 -9.07 -31.43 -2.11
CA ASP B 97 -9.96 -30.52 -2.81
C ASP B 97 -9.24 -29.26 -3.22
N VAL B 98 -8.36 -28.77 -2.36
CA VAL B 98 -7.64 -27.53 -2.68
C VAL B 98 -6.70 -27.74 -3.85
N LEU B 99 -5.88 -28.79 -3.77
CA LEU B 99 -4.92 -29.08 -4.83
C LEU B 99 -5.60 -29.22 -6.18
N CYS B 100 -6.76 -29.86 -6.19
CA CYS B 100 -7.48 -29.97 -7.44
C CYS B 100 -7.88 -28.63 -8.02
N VAL B 101 -8.49 -27.78 -7.20
CA VAL B 101 -8.91 -26.48 -7.68
C VAL B 101 -7.71 -25.71 -8.20
N GLN B 102 -6.61 -25.75 -7.48
CA GLN B 102 -5.40 -25.11 -7.97
C GLN B 102 -4.96 -25.59 -9.37
N ILE B 103 -4.82 -26.90 -9.54
CA ILE B 103 -4.49 -27.47 -10.84
C ILE B 103 -5.48 -27.06 -11.95
N ALA B 104 -6.77 -27.02 -11.66
CA ALA B 104 -7.73 -26.57 -12.66
C ALA B 104 -7.46 -25.14 -13.07
N GLY B 105 -7.24 -24.24 -12.09
CA GLY B 105 -6.96 -22.84 -12.37
C GLY B 105 -5.69 -22.74 -13.18
N LEU B 106 -4.75 -23.62 -12.85
CA LEU B 106 -3.45 -23.62 -13.47
C LEU B 106 -3.49 -24.06 -14.93
N CYS B 107 -4.46 -24.90 -15.27
CA CYS B 107 -4.50 -25.53 -16.59
C CYS B 107 -5.68 -25.13 -17.45
N HIS B 108 -6.47 -24.16 -17.01
CA HIS B 108 -7.70 -23.85 -17.72
C HIS B 108 -7.40 -23.24 -19.09
N ASP B 109 -6.17 -22.77 -19.29
CA ASP B 109 -5.86 -22.10 -20.55
C ASP B 109 -4.85 -22.83 -21.44
N LEU B 110 -4.56 -24.09 -21.08
CA LEU B 110 -3.64 -24.93 -21.81
C LEU B 110 -3.95 -25.03 -23.29
N GLY B 111 -5.25 -25.00 -23.61
CA GLY B 111 -5.72 -25.19 -24.97
C GLY B 111 -5.74 -23.96 -25.89
N HIS B 112 -5.40 -22.79 -25.38
CA HIS B 112 -5.36 -21.61 -26.22
C HIS B 112 -4.33 -21.87 -27.32
N GLY B 113 -4.64 -21.43 -28.54
CA GLY B 113 -3.74 -21.56 -29.67
C GLY B 113 -3.22 -20.18 -30.00
N PRO B 114 -2.44 -20.06 -31.07
CA PRO B 114 -1.72 -18.85 -31.47
C PRO B 114 -2.55 -17.59 -31.27
N PHE B 115 -2.08 -16.62 -30.48
CA PHE B 115 -2.80 -15.37 -30.28
C PHE B 115 -4.14 -15.54 -29.57
N SER B 116 -4.21 -16.53 -28.69
CA SER B 116 -5.35 -16.72 -27.81
C SER B 116 -6.70 -16.81 -28.50
N HIS B 117 -7.61 -15.88 -28.20
CA HIS B 117 -8.99 -15.99 -28.64
C HIS B 117 -9.16 -15.78 -30.14
N PHE B 119 -7.89 -17.44 -32.30
CA PHE B 119 -7.65 -18.73 -32.95
C PHE B 119 -8.83 -19.68 -32.88
N ASP B 120 -9.46 -19.80 -31.72
CA ASP B 120 -10.65 -20.63 -31.68
C ASP B 120 -11.89 -19.82 -32.02
N GLY B 121 -11.80 -18.51 -31.80
CA GLY B 121 -12.86 -17.59 -32.10
C GLY B 121 -13.08 -17.22 -33.57
N ARG B 122 -12.02 -17.18 -34.40
CA ARG B 122 -12.15 -16.75 -35.81
C ARG B 122 -11.43 -17.64 -36.84
N PHE B 123 -10.16 -17.98 -36.61
CA PHE B 123 -9.40 -18.78 -37.57
C PHE B 123 -10.01 -20.14 -37.83
N ILE B 124 -10.23 -20.91 -36.77
CA ILE B 124 -10.73 -22.27 -36.93
C ILE B 124 -12.13 -22.30 -37.55
N PRO B 125 -13.01 -21.38 -37.14
CA PRO B 125 -14.32 -21.32 -37.81
C PRO B 125 -14.25 -20.95 -39.33
N LEU B 126 -13.25 -20.17 -39.74
CA LEU B 126 -13.04 -19.86 -41.14
C LEU B 126 -12.31 -21.01 -41.87
N ALA B 127 -11.27 -21.53 -41.21
CA ALA B 127 -10.46 -22.61 -41.76
C ALA B 127 -11.20 -23.94 -41.86
N ARG B 128 -11.96 -24.29 -40.81
CA ARG B 128 -12.69 -25.55 -40.74
C ARG B 128 -14.09 -25.37 -40.14
N PRO B 129 -15.03 -24.84 -40.95
CA PRO B 129 -16.34 -24.45 -40.43
C PRO B 129 -17.20 -25.61 -39.89
N GLU B 130 -16.91 -26.83 -40.34
CA GLU B 130 -17.67 -28.00 -39.92
C GLU B 130 -17.40 -28.41 -38.48
N VAL B 131 -16.17 -28.23 -38.02
CA VAL B 131 -15.73 -28.70 -36.70
C VAL B 131 -16.02 -27.73 -35.56
N LYS B 132 -16.68 -28.25 -34.53
CA LYS B 132 -16.93 -27.51 -33.32
C LYS B 132 -15.69 -27.55 -32.42
N TRP B 133 -14.93 -26.47 -32.37
CA TRP B 133 -13.75 -26.43 -31.51
C TRP B 133 -13.70 -25.20 -30.60
N THR B 134 -13.45 -25.49 -29.34
CA THR B 134 -13.43 -24.47 -28.31
C THR B 134 -12.11 -24.65 -27.56
N HIS B 135 -11.54 -23.56 -27.04
CA HIS B 135 -10.23 -23.67 -26.40
C HIS B 135 -10.25 -24.45 -25.10
N GLU B 136 -11.43 -24.62 -24.51
CA GLU B 136 -11.51 -25.38 -23.27
C GLU B 136 -11.45 -26.87 -23.54
N GLN B 137 -12.07 -27.29 -24.64
CA GLN B 137 -11.92 -28.66 -25.09
C GLN B 137 -10.46 -28.97 -25.16
N GLY B 138 -9.74 -28.10 -25.84
CA GLY B 138 -8.30 -28.26 -26.00
C GLY B 138 -7.52 -28.22 -24.70
N SER B 139 -7.96 -27.42 -23.73
CA SER B 139 -7.31 -27.41 -22.42
C SER B 139 -7.46 -28.75 -21.76
N VAL B 140 -8.59 -29.40 -21.97
CA VAL B 140 -8.79 -30.71 -21.40
C VAL B 140 -7.94 -31.81 -22.09
N PHE B 143 -4.20 -31.11 -21.15
CA PHE B 143 -3.95 -31.52 -19.78
C PHE B 143 -3.75 -33.02 -19.62
N GLU B 144 -4.67 -33.79 -20.19
CA GLU B 144 -4.58 -35.24 -20.26
C GLU B 144 -3.24 -35.66 -20.85
N HIS B 145 -2.89 -35.07 -21.98
CA HIS B 145 -1.61 -35.33 -22.65
C HIS B 145 -0.41 -34.89 -21.82
N LEU B 146 -0.57 -33.80 -21.09
CA LEU B 146 0.48 -33.32 -20.17
C LEU B 146 0.75 -34.35 -19.07
N ILE B 147 -0.29 -34.79 -18.36
CA ILE B 147 0.00 -35.67 -17.23
C ILE B 147 0.38 -37.06 -17.70
N ASN B 148 0.17 -37.34 -18.98
CA ASN B 148 0.52 -38.63 -19.54
C ASN B 148 1.94 -38.65 -20.02
N SER B 149 2.37 -37.53 -20.59
CA SER B 149 3.70 -37.39 -21.17
C SER B 149 4.79 -37.13 -20.14
N ASN B 150 4.38 -36.88 -18.90
CA ASN B 150 5.34 -36.57 -17.84
C ASN B 150 5.18 -37.42 -16.60
N GLY B 151 4.39 -38.49 -16.70
CA GLY B 151 4.14 -39.35 -15.55
C GLY B 151 3.80 -38.59 -14.28
N ILE B 152 2.81 -37.70 -14.36
CA ILE B 152 2.37 -36.92 -13.22
C ILE B 152 1.51 -37.77 -12.29
N LYS B 153 0.88 -38.80 -12.86
CA LYS B 153 -0.09 -39.59 -12.09
C LYS B 153 0.53 -40.24 -10.86
N PRO B 154 1.65 -40.94 -11.01
CA PRO B 154 2.36 -41.40 -9.81
C PRO B 154 2.63 -40.29 -8.80
N VAL B 155 2.83 -39.07 -9.28
CA VAL B 155 3.10 -37.94 -8.39
C VAL B 155 1.84 -37.43 -7.72
N GLU B 157 -0.74 -39.38 -6.83
CA GLU B 157 -0.98 -40.39 -5.80
C GLU B 157 -0.10 -40.15 -4.59
N GLN B 158 1.12 -39.72 -4.87
CA GLN B 158 2.09 -39.40 -3.84
C GLN B 158 1.57 -38.32 -2.89
N TYR B 159 0.78 -37.37 -3.42
CA TYR B 159 0.30 -36.22 -2.61
C TYR B 159 -1.18 -36.29 -2.24
N GLY B 160 -1.75 -37.49 -2.23
CA GLY B 160 -3.08 -37.70 -1.70
C GLY B 160 -4.18 -37.56 -2.71
N LEU B 161 -3.82 -37.46 -3.98
CA LEU B 161 -4.83 -37.37 -5.04
C LEU B 161 -5.27 -38.75 -5.52
N ILE B 162 -6.51 -38.84 -5.96
CA ILE B 162 -7.05 -40.09 -6.50
C ILE B 162 -7.27 -39.92 -8.00
N PRO B 163 -6.19 -40.15 -8.78
CA PRO B 163 -6.14 -39.84 -10.21
C PRO B 163 -7.46 -40.08 -10.94
N GLU B 164 -8.08 -41.23 -10.74
CA GLU B 164 -9.36 -41.51 -11.39
C GLU B 164 -10.40 -40.42 -11.08
N GLU B 165 -10.76 -40.28 -9.81
CA GLU B 165 -11.77 -39.32 -9.39
C GLU B 165 -11.40 -37.85 -9.61
N ASP B 166 -10.14 -37.51 -9.36
CA ASP B 166 -9.70 -36.12 -9.43
C ASP B 166 -9.38 -35.60 -10.82
N ILE B 167 -8.79 -36.43 -11.67
CA ILE B 167 -8.54 -35.97 -13.04
C ILE B 167 -9.89 -35.61 -13.65
N CYS B 168 -10.90 -36.43 -13.40
CA CYS B 168 -12.26 -36.08 -13.76
C CYS B 168 -12.67 -34.71 -13.22
N PHE B 169 -12.53 -34.53 -11.91
CA PHE B 169 -12.87 -33.27 -11.25
C PHE B 169 -12.18 -32.06 -11.90
N ILE B 170 -10.88 -32.21 -12.17
CA ILE B 170 -10.13 -31.13 -12.77
C ILE B 170 -10.65 -30.80 -14.15
N LYS B 171 -10.74 -31.78 -15.02
CA LYS B 171 -11.27 -31.53 -16.37
C LYS B 171 -12.62 -30.84 -16.27
N GLU B 172 -13.45 -31.31 -15.33
CA GLU B 172 -14.81 -30.82 -15.20
C GLU B 172 -14.85 -29.34 -14.85
N GLN B 173 -13.99 -28.89 -13.94
CA GLN B 173 -14.03 -27.47 -13.63
C GLN B 173 -13.37 -26.60 -14.70
N ILE B 174 -12.82 -27.22 -15.73
CA ILE B 174 -12.26 -26.50 -16.86
C ILE B 174 -13.25 -26.43 -18.03
N VAL B 175 -14.07 -27.46 -18.21
CA VAL B 175 -14.93 -27.53 -19.38
C VAL B 175 -16.41 -27.77 -19.01
N GLY B 176 -16.70 -27.85 -17.73
CA GLY B 176 -18.05 -28.14 -17.30
C GLY B 176 -18.36 -29.60 -17.54
N PRO B 177 -19.62 -30.01 -17.28
CA PRO B 177 -19.99 -31.42 -17.33
C PRO B 177 -19.56 -32.04 -18.65
N LEU B 178 -19.00 -33.26 -18.60
CA LEU B 178 -18.56 -33.97 -19.81
C LEU B 178 -19.67 -34.89 -20.33
N LEU B 186 -31.29 -33.56 -11.81
CA LEU B 186 -30.10 -34.38 -11.59
C LEU B 186 -28.78 -33.57 -11.63
N TRP B 187 -27.75 -34.09 -10.97
CA TRP B 187 -26.51 -33.35 -10.74
C TRP B 187 -25.44 -33.79 -11.73
N PRO B 188 -25.07 -32.87 -12.63
CA PRO B 188 -24.25 -33.13 -13.82
C PRO B 188 -22.88 -33.73 -13.55
N TYR B 189 -22.22 -33.35 -12.46
CA TYR B 189 -20.79 -33.66 -12.30
C TYR B 189 -20.51 -35.03 -11.66
N LYS B 190 -19.41 -35.65 -12.06
CA LYS B 190 -19.00 -36.96 -11.58
C LYS B 190 -17.77 -36.85 -10.65
N GLY B 191 -17.07 -35.71 -10.72
CA GLY B 191 -15.84 -35.52 -9.98
C GLY B 191 -16.00 -35.24 -8.50
N ARG B 192 -17.07 -34.54 -8.14
CA ARG B 192 -17.41 -34.27 -6.76
C ARG B 192 -18.90 -34.39 -6.56
N PRO B 193 -19.33 -34.77 -5.34
CA PRO B 193 -20.74 -34.82 -4.98
C PRO B 193 -21.35 -33.41 -4.98
N GLU B 194 -22.67 -33.34 -4.94
CA GLU B 194 -23.36 -32.06 -5.03
C GLU B 194 -23.17 -31.18 -3.80
N ASN B 195 -22.77 -31.77 -2.69
CA ASN B 195 -22.60 -31.04 -1.44
C ASN B 195 -21.30 -30.24 -1.44
N LYS B 196 -20.45 -30.50 -2.42
CA LYS B 196 -19.26 -29.69 -2.61
C LYS B 196 -19.33 -28.99 -3.96
N SER B 197 -20.55 -28.60 -4.33
CA SER B 197 -20.84 -27.98 -5.62
C SER B 197 -20.25 -26.60 -5.78
N PHE B 198 -20.02 -25.91 -4.68
CA PHE B 198 -19.48 -24.56 -4.73
C PHE B 198 -18.06 -24.54 -5.34
N LEU B 199 -17.34 -25.65 -5.25
CA LEU B 199 -16.00 -25.72 -5.83
C LEU B 199 -16.02 -25.52 -7.34
N TYR B 200 -17.19 -25.69 -7.92
CA TYR B 200 -17.31 -25.63 -9.37
C TYR B 200 -17.57 -24.20 -9.84
N GLU B 201 -17.55 -23.26 -8.91
CA GLU B 201 -17.76 -21.86 -9.27
C GLU B 201 -16.53 -21.00 -9.03
N ILE B 202 -15.38 -21.62 -8.80
CA ILE B 202 -14.17 -20.88 -8.43
C ILE B 202 -13.34 -20.47 -9.64
N VAL B 203 -13.05 -21.45 -10.51
CA VAL B 203 -12.20 -21.22 -11.69
C VAL B 203 -13.03 -20.75 -12.89
N SER B 204 -14.10 -21.46 -13.21
CA SER B 204 -14.98 -20.99 -14.28
C SER B 204 -16.39 -20.86 -13.76
N ASN B 205 -16.91 -19.63 -13.80
CA ASN B 205 -18.29 -19.39 -13.43
C ASN B 205 -19.09 -18.73 -14.55
N LYS B 206 -19.74 -19.55 -15.37
CA LYS B 206 -20.47 -19.03 -16.51
C LYS B 206 -21.73 -18.28 -16.05
N ARG B 207 -22.32 -18.72 -14.95
CA ARG B 207 -23.54 -18.13 -14.46
C ARG B 207 -23.39 -16.66 -14.01
N ASN B 208 -22.67 -16.43 -12.92
CA ASN B 208 -22.61 -15.08 -12.36
C ASN B 208 -21.43 -14.24 -12.84
N GLY B 209 -20.66 -14.77 -13.79
CA GLY B 209 -19.54 -14.03 -14.36
C GLY B 209 -18.31 -13.92 -13.47
N ILE B 210 -18.49 -14.04 -12.17
CA ILE B 210 -17.39 -13.93 -11.19
C ILE B 210 -16.61 -15.22 -10.90
N ASP B 211 -15.40 -15.29 -11.42
CA ASP B 211 -14.49 -16.36 -11.09
C ASP B 211 -13.09 -15.79 -10.91
N VAL B 212 -12.18 -16.56 -10.35
CA VAL B 212 -10.82 -16.07 -10.13
C VAL B 212 -10.07 -15.91 -11.48
N ASP B 213 -10.59 -16.56 -12.52
CA ASP B 213 -10.04 -16.39 -13.83
C ASP B 213 -10.09 -14.93 -14.22
N LYS B 214 -11.29 -14.37 -14.26
CA LYS B 214 -11.48 -12.96 -14.54
C LYS B 214 -10.70 -12.04 -13.63
N TRP B 215 -10.61 -12.42 -12.35
CA TRP B 215 -9.98 -11.48 -11.45
C TRP B 215 -8.56 -11.23 -11.88
N ASP B 216 -7.88 -12.29 -12.29
CA ASP B 216 -6.48 -12.16 -12.61
C ASP B 216 -6.31 -11.35 -13.85
N TYR B 217 -6.95 -11.76 -14.93
CA TYR B 217 -6.76 -11.03 -16.18
C TYR B 217 -7.35 -9.60 -16.13
N PHE B 218 -8.33 -9.32 -15.27
CA PHE B 218 -8.74 -7.94 -15.05
C PHE B 218 -7.58 -7.12 -14.50
N ALA B 219 -6.96 -7.66 -13.45
CA ALA B 219 -5.77 -7.07 -12.81
C ALA B 219 -4.60 -6.83 -13.77
N ARG B 220 -4.20 -7.85 -14.55
CA ARG B 220 -3.07 -7.66 -15.46
C ARG B 220 -3.40 -6.98 -16.78
N ASP B 221 -4.62 -7.09 -17.26
CA ASP B 221 -4.89 -6.38 -18.49
C ASP B 221 -4.90 -4.89 -18.20
N CYS B 222 -5.30 -4.52 -16.98
CA CYS B 222 -5.23 -3.14 -16.60
C CYS B 222 -3.82 -2.73 -16.31
N HIS B 223 -3.06 -3.62 -15.70
CA HIS B 223 -1.68 -3.33 -15.36
C HIS B 223 -0.77 -3.06 -16.57
N HIS B 224 -1.11 -3.62 -17.73
CA HIS B 224 -0.29 -3.47 -18.91
C HIS B 224 -0.93 -2.51 -19.88
N LEU B 225 -2.24 -2.31 -19.74
CA LEU B 225 -2.94 -1.36 -20.59
C LEU B 225 -2.93 0.08 -20.03
N GLY B 226 -2.44 0.23 -18.80
CA GLY B 226 -2.48 1.52 -18.13
C GLY B 226 -3.90 1.99 -17.85
N ILE B 227 -4.74 1.08 -17.38
CA ILE B 227 -6.12 1.36 -17.03
C ILE B 227 -6.26 1.26 -15.51
N GLN B 228 -7.06 2.15 -14.94
CA GLN B 228 -7.31 2.13 -13.51
C GLN B 228 -8.16 0.93 -13.16
N ASN B 229 -7.70 0.11 -12.24
CA ASN B 229 -8.49 -1.03 -11.79
C ASN B 229 -8.75 -0.92 -10.29
N ASN B 230 -10.01 -0.71 -9.92
CA ASN B 230 -10.32 -0.43 -8.53
C ASN B 230 -10.89 -1.59 -7.75
N PHE B 231 -11.06 -2.73 -8.43
CA PHE B 231 -11.57 -3.93 -7.77
C PHE B 231 -10.50 -4.48 -6.86
N ASP B 232 -10.89 -4.92 -5.67
CA ASP B 232 -9.92 -5.44 -4.75
C ASP B 232 -10.26 -6.86 -4.39
N TYR B 233 -9.66 -7.82 -5.07
CA TYR B 233 -10.05 -9.20 -4.90
C TYR B 233 -9.68 -9.70 -3.53
N LYS B 234 -8.65 -9.14 -2.91
CA LYS B 234 -8.26 -9.63 -1.58
C LYS B 234 -9.38 -9.38 -0.58
N ARG B 235 -9.92 -8.18 -0.59
CA ARG B 235 -11.03 -7.79 0.26
C ARG B 235 -12.21 -8.70 0.00
N PHE B 236 -12.50 -8.93 -1.27
CA PHE B 236 -13.60 -9.77 -1.67
C PHE B 236 -13.41 -11.19 -1.17
N ILE B 237 -12.20 -11.71 -1.28
CA ILE B 237 -11.91 -13.06 -0.82
C ILE B 237 -12.08 -13.17 0.69
N LYS B 238 -11.62 -12.14 1.40
CA LYS B 238 -11.73 -12.12 2.85
C LYS B 238 -13.18 -12.16 3.30
N PHE B 239 -14.09 -11.53 2.56
CA PHE B 239 -15.48 -11.50 2.97
C PHE B 239 -16.38 -12.46 2.22
N ALA B 240 -15.78 -13.45 1.56
CA ALA B 240 -16.56 -14.45 0.83
C ALA B 240 -17.02 -15.58 1.73
N ARG B 241 -18.17 -16.16 1.41
CA ARG B 241 -18.71 -17.31 2.14
C ARG B 241 -19.57 -18.18 1.23
N VAL B 242 -19.77 -19.42 1.66
CA VAL B 242 -20.69 -20.34 1.01
C VAL B 242 -22.04 -20.30 1.72
N CYS B 243 -23.12 -20.36 0.96
CA CYS B 243 -24.44 -20.37 1.57
C CYS B 243 -25.56 -20.82 0.63
N GLU B 244 -26.64 -21.36 1.22
CA GLU B 244 -27.78 -21.93 0.48
C GLU B 244 -28.54 -20.91 -0.35
N VAL B 245 -28.67 -21.18 -1.64
CA VAL B 245 -29.45 -20.34 -2.54
C VAL B 245 -30.36 -21.22 -3.40
N ASP B 246 -31.62 -21.33 -2.98
CA ASP B 246 -32.56 -22.26 -3.60
C ASP B 246 -32.08 -23.72 -3.43
N ASN B 247 -31.95 -24.13 -2.17
CA ASN B 247 -31.36 -25.42 -1.81
C ASN B 247 -30.13 -25.83 -2.66
N GLU B 248 -29.34 -24.83 -3.08
CA GLU B 248 -28.07 -25.07 -3.78
C GLU B 248 -26.93 -24.25 -3.16
N LEU B 249 -25.82 -24.91 -2.82
CA LEU B 249 -24.64 -24.24 -2.25
C LEU B 249 -23.89 -23.30 -3.23
N ARG B 250 -23.86 -22.02 -2.92
CA ARG B 250 -23.16 -21.06 -3.77
C ARG B 250 -22.21 -20.19 -2.96
N ILE B 251 -21.28 -19.54 -3.67
CA ILE B 251 -20.34 -18.61 -3.07
C ILE B 251 -21.00 -17.23 -3.04
N CYS B 252 -21.25 -16.69 -1.85
CA CYS B 252 -21.87 -15.39 -1.72
C CYS B 252 -20.91 -14.34 -1.19
N ALA B 253 -21.28 -13.08 -1.38
CA ALA B 253 -20.48 -11.96 -0.90
C ALA B 253 -21.23 -11.12 0.14
N ARG B 254 -20.54 -10.75 1.21
CA ARG B 254 -21.11 -9.83 2.20
C ARG B 254 -21.80 -8.64 1.51
N ASP B 255 -22.97 -8.26 1.99
CA ASP B 255 -23.69 -7.10 1.44
C ASP B 255 -22.85 -5.82 1.43
N LYS B 256 -22.02 -5.64 2.45
CA LYS B 256 -21.19 -4.44 2.59
C LYS B 256 -20.00 -4.45 1.62
N GLU B 257 -20.09 -5.30 0.61
CA GLU B 257 -18.99 -5.53 -0.30
C GLU B 257 -19.45 -5.19 -1.72
N VAL B 258 -20.61 -4.58 -1.79
CA VAL B 258 -21.25 -4.25 -3.06
C VAL B 258 -20.55 -3.10 -3.79
N GLY B 259 -19.99 -2.15 -3.05
CA GLY B 259 -19.25 -1.05 -3.65
C GLY B 259 -17.96 -1.55 -4.31
N ASN B 260 -17.43 -2.65 -3.78
CA ASN B 260 -16.27 -3.27 -4.39
C ASN B 260 -16.71 -4.02 -5.63
N LEU B 261 -17.91 -4.58 -5.60
CA LEU B 261 -18.41 -5.29 -6.75
C LEU B 261 -18.73 -4.34 -7.89
N TYR B 262 -19.27 -3.16 -7.60
CA TYR B 262 -19.44 -2.15 -8.62
C TYR B 262 -18.11 -1.82 -9.27
N ASP B 263 -17.06 -1.67 -8.46
CA ASP B 263 -15.73 -1.34 -8.96
C ASP B 263 -15.18 -2.41 -9.90
N PHE B 265 -17.14 -4.65 -11.96
CA PHE B 265 -17.92 -4.53 -13.18
C PHE B 265 -17.63 -3.29 -14.00
N HIS B 266 -17.24 -2.21 -13.34
CA HIS B 266 -16.87 -1.01 -14.05
C HIS B 266 -15.56 -1.20 -14.81
N THR B 267 -14.66 -1.98 -14.22
CA THR B 267 -13.40 -2.37 -14.84
C THR B 267 -13.64 -3.35 -15.99
N ARG B 268 -14.43 -4.39 -15.75
CA ARG B 268 -14.84 -5.26 -16.85
C ARG B 268 -15.31 -4.41 -18.01
N ASN B 269 -16.29 -3.55 -17.80
CA ASN B 269 -16.79 -2.73 -18.90
C ASN B 269 -15.75 -1.85 -19.54
N SER B 270 -14.78 -1.38 -18.76
CA SER B 270 -13.73 -0.53 -19.31
C SER B 270 -12.73 -1.31 -20.19
N LEU B 271 -12.22 -2.44 -19.70
CA LEU B 271 -11.38 -3.29 -20.54
C LEU B 271 -12.08 -3.66 -21.85
N HIS B 272 -13.38 -3.96 -21.79
CA HIS B 272 -14.17 -4.21 -23.00
C HIS B 272 -14.38 -3.01 -23.93
N ARG B 273 -15.05 -1.95 -23.49
CA ARG B 273 -15.23 -0.76 -24.34
C ARG B 273 -13.91 -0.24 -24.93
N ARG B 274 -12.85 -0.20 -24.13
CA ARG B 274 -11.65 0.54 -24.49
C ARG B 274 -10.50 -0.29 -25.09
N ALA B 275 -10.48 -1.60 -24.86
CA ALA B 275 -9.35 -2.44 -25.30
C ALA B 275 -9.70 -3.71 -26.07
N TYR B 276 -10.56 -4.57 -25.51
CA TYR B 276 -10.96 -5.77 -26.22
C TYR B 276 -11.79 -5.47 -27.48
N GLN B 277 -12.39 -4.29 -27.59
CA GLN B 277 -13.20 -3.98 -28.76
C GLN B 277 -12.61 -2.92 -29.65
N HIS B 278 -11.33 -2.65 -29.43
CA HIS B 278 -10.58 -1.54 -30.04
C HIS B 278 -10.61 -1.67 -31.55
N LYS B 279 -11.02 -0.62 -32.25
CA LYS B 279 -11.28 -0.68 -33.68
C LYS B 279 -10.12 -1.26 -34.45
N VAL B 280 -8.95 -0.64 -34.32
CA VAL B 280 -7.77 -1.06 -35.07
C VAL B 280 -7.20 -2.35 -34.51
N GLY B 281 -7.30 -2.52 -33.21
CA GLY B 281 -6.88 -3.76 -32.59
C GLY B 281 -7.54 -4.97 -33.24
N ASN B 282 -8.85 -4.94 -33.44
CA ASN B 282 -9.53 -6.10 -34.00
C ASN B 282 -9.30 -6.21 -35.49
N ILE B 283 -9.01 -5.08 -36.14
CA ILE B 283 -8.69 -5.14 -37.56
C ILE B 283 -7.42 -5.95 -37.74
N ILE B 284 -6.34 -5.51 -37.11
CA ILE B 284 -5.12 -6.30 -37.07
C ILE B 284 -5.37 -7.80 -36.77
N ASP B 285 -6.26 -8.12 -35.83
CA ASP B 285 -6.51 -9.53 -35.55
C ASP B 285 -7.02 -10.28 -36.75
N THR B 286 -7.86 -9.63 -37.55
CA THR B 286 -8.40 -10.28 -38.73
C THR B 286 -7.40 -10.36 -39.90
N ILE B 288 -4.04 -10.85 -39.34
CA ILE B 288 -3.28 -12.01 -38.90
C ILE B 288 -4.00 -13.32 -39.21
N THR B 289 -5.30 -13.34 -39.03
CA THR B 289 -6.09 -14.50 -39.43
C THR B 289 -6.07 -14.69 -40.95
N ASP B 290 -6.10 -13.61 -41.73
CA ASP B 290 -6.07 -13.73 -43.18
C ASP B 290 -4.71 -14.26 -43.65
N ALA B 291 -3.67 -13.91 -42.92
CA ALA B 291 -2.34 -14.42 -43.16
C ALA B 291 -2.29 -15.92 -42.87
N PHE B 292 -2.77 -16.34 -41.70
CA PHE B 292 -2.73 -17.76 -41.40
C PHE B 292 -3.52 -18.57 -42.41
N LEU B 293 -4.69 -18.08 -42.79
CA LEU B 293 -5.46 -18.78 -43.79
C LEU B 293 -4.69 -18.92 -45.09
N LYS B 294 -4.09 -17.84 -45.61
CA LYS B 294 -3.35 -17.92 -46.87
C LYS B 294 -2.07 -18.70 -46.74
N ALA B 295 -1.81 -19.20 -45.54
CA ALA B 295 -0.59 -19.94 -45.29
C ALA B 295 -0.88 -21.36 -44.83
N ASP B 296 -2.15 -21.70 -44.64
CA ASP B 296 -2.52 -22.94 -43.98
C ASP B 296 -2.05 -24.17 -44.75
N ASP B 297 -2.15 -24.10 -46.07
CA ASP B 297 -1.72 -25.17 -46.94
C ASP B 297 -0.24 -25.43 -46.87
N TYR B 298 0.56 -24.41 -46.60
CA TYR B 298 1.99 -24.52 -46.82
C TYR B 298 2.90 -24.64 -45.61
N ILE B 299 2.34 -24.58 -44.41
CA ILE B 299 3.14 -24.75 -43.20
C ILE B 299 2.85 -26.11 -42.60
N GLU B 300 3.88 -26.94 -42.43
CA GLU B 300 3.74 -28.27 -41.80
C GLU B 300 4.21 -28.28 -40.34
N ILE B 301 3.36 -28.77 -39.45
CA ILE B 301 3.68 -28.93 -38.03
C ILE B 301 3.83 -30.39 -37.74
N THR B 302 4.88 -30.79 -37.04
CA THR B 302 5.11 -32.23 -36.87
C THR B 302 4.44 -32.80 -35.61
N GLY B 303 3.62 -33.83 -35.81
CA GLY B 303 2.91 -34.43 -34.71
C GLY B 303 3.44 -35.78 -34.25
N ALA B 304 2.57 -36.55 -33.61
CA ALA B 304 2.93 -37.85 -33.07
C ALA B 304 3.18 -38.80 -34.21
N GLY B 305 4.21 -39.62 -34.05
CA GLY B 305 4.52 -40.67 -35.01
C GLY B 305 5.37 -40.18 -36.16
N GLY B 306 5.35 -38.88 -36.41
CA GLY B 306 6.06 -38.29 -37.52
C GLY B 306 5.08 -37.60 -38.44
N LYS B 307 3.80 -37.91 -38.26
CA LYS B 307 2.72 -37.38 -39.12
C LYS B 307 2.80 -35.84 -39.17
N LYS B 308 2.43 -35.26 -40.31
CA LYS B 308 2.48 -33.81 -40.43
C LYS B 308 1.09 -33.22 -40.46
N TYR B 309 0.93 -32.09 -39.78
CA TYR B 309 -0.36 -31.42 -39.69
C TYR B 309 -0.26 -30.00 -40.22
N ARG B 310 -1.41 -29.39 -40.48
CA ARG B 310 -1.47 -28.00 -40.88
C ARG B 310 -1.83 -27.18 -39.65
N ILE B 311 -1.63 -25.87 -39.73
CA ILE B 311 -2.03 -24.99 -38.65
C ILE B 311 -3.45 -25.32 -38.19
N SER B 312 -4.36 -25.39 -39.15
CA SER B 312 -5.78 -25.56 -38.81
C SER B 312 -6.09 -26.95 -38.29
N THR B 313 -5.15 -27.86 -38.50
CA THR B 313 -5.41 -29.27 -38.29
C THR B 313 -4.57 -29.85 -37.16
N ALA B 314 -3.64 -29.04 -36.66
CA ALA B 314 -2.83 -29.46 -35.52
C ALA B 314 -3.69 -29.69 -34.28
N ILE B 315 -4.91 -29.17 -34.26
CA ILE B 315 -5.78 -29.37 -33.11
C ILE B 315 -6.26 -30.81 -33.04
N ASP B 316 -5.90 -31.63 -34.01
CA ASP B 316 -6.34 -33.02 -33.98
C ASP B 316 -5.34 -33.91 -33.24
N ASP B 317 -4.12 -33.42 -33.05
CA ASP B 317 -3.07 -34.18 -32.36
C ASP B 317 -2.28 -33.30 -31.41
N GLU B 319 0.52 -33.70 -29.79
CA GLU B 319 1.95 -33.63 -30.01
C GLU B 319 2.31 -32.41 -30.84
N ALA B 320 1.61 -32.22 -31.94
CA ALA B 320 1.80 -31.07 -32.82
C ALA B 320 1.26 -29.75 -32.24
N TYR B 321 0.07 -29.80 -31.67
CA TYR B 321 -0.52 -28.62 -31.07
C TYR B 321 0.47 -28.01 -30.06
N THR B 322 1.13 -28.85 -29.28
CA THR B 322 2.12 -28.35 -28.36
C THR B 322 3.13 -27.45 -29.05
N LYS B 323 3.34 -27.62 -30.34
CA LYS B 323 4.35 -26.84 -31.04
C LYS B 323 3.74 -25.71 -31.86
N LEU B 324 2.43 -25.53 -31.70
CA LEU B 324 1.71 -24.46 -32.41
C LEU B 324 1.57 -23.27 -31.48
N THR B 325 2.42 -22.27 -31.66
CA THR B 325 2.45 -21.10 -30.79
C THR B 325 2.52 -19.84 -31.65
N ASP B 326 2.92 -18.71 -31.05
CA ASP B 326 2.96 -17.43 -31.77
C ASP B 326 4.11 -17.45 -32.76
N ASN B 327 5.01 -18.40 -32.57
CA ASN B 327 6.11 -18.61 -33.48
C ASN B 327 5.65 -18.68 -34.94
N ILE B 328 4.50 -19.31 -35.17
CA ILE B 328 3.98 -19.50 -36.51
C ILE B 328 3.90 -18.17 -37.30
N PHE B 329 3.68 -17.09 -36.57
CA PHE B 329 3.66 -15.75 -37.17
C PHE B 329 5.02 -15.40 -37.81
N LEU B 330 6.10 -15.50 -37.05
CA LEU B 330 7.43 -15.16 -37.56
C LEU B 330 7.90 -16.18 -38.59
N GLU B 331 7.46 -17.42 -38.45
CA GLU B 331 7.84 -18.45 -39.42
C GLU B 331 7.37 -18.04 -40.81
N ILE B 332 6.17 -17.52 -40.91
CA ILE B 332 5.67 -16.92 -42.15
C ILE B 332 6.41 -15.64 -42.49
N LEU B 333 6.54 -14.72 -41.54
CA LEU B 333 7.14 -13.45 -41.83
C LEU B 333 8.56 -13.58 -42.42
N TYR B 334 9.35 -14.50 -41.88
CA TYR B 334 10.72 -14.65 -42.30
C TYR B 334 10.89 -15.62 -43.47
N SER B 335 9.82 -16.30 -43.82
CA SER B 335 9.84 -17.30 -44.88
C SER B 335 10.35 -16.73 -46.22
N THR B 336 10.95 -17.62 -47.02
CA THR B 336 11.45 -17.25 -48.34
C THR B 336 10.71 -18.02 -49.41
N ASP B 337 9.87 -18.94 -48.99
CA ASP B 337 9.07 -19.74 -49.89
C ASP B 337 8.15 -18.87 -50.75
N PRO B 338 8.15 -19.11 -52.06
CA PRO B 338 7.26 -18.36 -52.95
C PRO B 338 5.80 -18.76 -52.74
N LYS B 339 5.56 -19.98 -52.26
CA LYS B 339 4.21 -20.45 -51.99
C LYS B 339 3.63 -19.56 -50.92
N LEU B 340 4.46 -19.19 -49.95
CA LEU B 340 4.03 -18.35 -48.84
C LEU B 340 4.14 -16.83 -49.09
N LYS B 341 4.31 -16.42 -50.36
CA LYS B 341 4.42 -15.00 -50.65
C LYS B 341 3.13 -14.24 -50.29
N ASP B 342 1.99 -14.83 -50.59
CA ASP B 342 0.72 -14.16 -50.34
C ASP B 342 0.55 -13.84 -48.86
N ALA B 343 0.82 -14.83 -48.00
CA ALA B 343 0.75 -14.67 -46.55
C ALA B 343 1.76 -13.65 -46.06
N ARG B 344 3.04 -13.84 -46.41
CA ARG B 344 4.08 -12.88 -46.06
C ARG B 344 3.62 -11.45 -46.34
N GLU B 345 2.94 -11.22 -47.44
CA GLU B 345 2.66 -9.86 -47.84
C GLU B 345 1.73 -9.17 -46.89
N ILE B 346 0.77 -9.91 -46.35
CA ILE B 346 -0.16 -9.40 -45.33
C ILE B 346 0.52 -9.10 -43.98
N LEU B 347 1.37 -10.00 -43.52
CA LEU B 347 2.11 -9.74 -42.32
C LEU B 347 3.04 -8.58 -42.54
N LYS B 348 3.41 -8.32 -43.79
CA LYS B 348 4.25 -7.17 -44.06
C LYS B 348 3.40 -5.92 -44.10
N GLN B 349 2.13 -6.08 -44.45
CA GLN B 349 1.19 -4.98 -44.41
C GLN B 349 1.16 -4.39 -43.03
N ILE B 350 1.21 -5.27 -42.03
CA ILE B 350 1.10 -4.87 -40.63
C ILE B 350 2.31 -4.08 -40.14
N GLU B 351 3.52 -4.51 -40.51
CA GLU B 351 4.70 -3.80 -40.07
C GLU B 351 4.72 -2.38 -40.63
N TYR B 352 4.19 -2.24 -41.84
CA TYR B 352 4.16 -0.95 -42.54
C TYR B 352 2.93 -0.16 -42.13
N ARG B 353 1.97 -0.87 -41.58
CA ARG B 353 0.75 -0.25 -41.09
C ARG B 353 -0.18 0.18 -42.22
N ASN B 354 -0.16 -0.56 -43.33
CA ASN B 354 -1.20 -0.41 -44.34
C ASN B 354 -2.27 -1.39 -43.98
N LEU B 355 -3.09 -1.05 -43.01
CA LEU B 355 -4.11 -1.96 -42.50
C LEU B 355 -5.35 -2.02 -43.40
N PHE B 356 -6.18 -3.06 -43.22
CA PHE B 356 -7.50 -3.06 -43.85
C PHE B 356 -8.24 -1.85 -43.34
N LYS B 357 -9.16 -1.34 -44.13
CA LYS B 357 -9.89 -0.14 -43.79
C LYS B 357 -11.25 -0.46 -43.17
N TYR B 358 -11.57 0.27 -42.11
CA TYR B 358 -12.84 0.12 -41.42
C TYR B 358 -13.95 0.67 -42.29
N VAL B 359 -15.03 -0.07 -42.39
CA VAL B 359 -16.17 0.33 -43.22
C VAL B 359 -17.39 0.65 -42.36
N GLY B 360 -17.55 -0.02 -41.23
CA GLY B 360 -18.72 0.21 -40.41
C GLY B 360 -19.09 -0.89 -39.46
N GLU B 361 -20.07 -0.61 -38.60
CA GLU B 361 -20.49 -1.48 -37.52
C GLU B 361 -22.00 -1.56 -37.48
N THR B 362 -22.51 -2.75 -37.22
CA THR B 362 -23.94 -3.01 -37.08
C THR B 362 -24.09 -4.10 -36.04
N GLN B 363 -25.31 -4.28 -35.54
CA GLN B 363 -25.61 -5.46 -34.75
C GLN B 363 -26.94 -6.03 -35.16
N PRO B 364 -27.15 -7.30 -34.83
CA PRO B 364 -28.35 -8.04 -35.16
C PRO B 364 -29.38 -7.93 -34.05
N THR B 365 -29.60 -6.69 -33.62
CA THR B 365 -30.56 -6.36 -32.58
C THR B 365 -31.93 -7.00 -32.77
N GLY B 366 -32.35 -7.80 -31.80
CA GLY B 366 -33.64 -8.47 -31.87
C GLY B 366 -33.72 -9.48 -33.01
N GLN B 367 -32.56 -9.84 -33.52
CA GLN B 367 -32.45 -10.83 -34.57
C GLN B 367 -31.70 -12.04 -34.02
N ILE B 368 -31.81 -13.16 -34.73
CA ILE B 368 -30.99 -14.35 -34.46
C ILE B 368 -29.49 -14.04 -34.61
N LYS B 369 -28.68 -14.51 -33.66
CA LYS B 369 -27.25 -14.20 -33.66
C LYS B 369 -26.55 -14.95 -34.77
N ILE B 370 -25.41 -14.40 -35.18
CA ILE B 370 -24.62 -15.08 -36.19
C ILE B 370 -23.81 -16.20 -35.56
N LYS B 371 -24.08 -17.42 -36.03
CA LYS B 371 -23.43 -18.61 -35.52
C LYS B 371 -22.03 -18.76 -36.12
N ARG B 372 -21.14 -19.37 -35.37
CA ARG B 372 -19.77 -19.54 -35.78
C ARG B 372 -19.64 -20.24 -37.13
N GLU B 373 -20.59 -21.12 -37.45
CA GLU B 373 -20.50 -21.92 -38.68
C GLU B 373 -20.77 -21.09 -39.91
N ASP B 374 -21.36 -19.92 -39.67
CA ASP B 374 -21.73 -19.01 -40.74
C ASP B 374 -20.66 -18.00 -41.12
N TYR B 375 -19.55 -17.99 -40.39
CA TYR B 375 -18.56 -16.96 -40.63
C TYR B 375 -18.03 -16.98 -42.06
N GLU B 376 -17.66 -18.15 -42.55
CA GLU B 376 -17.02 -18.26 -43.86
C GLU B 376 -17.83 -17.64 -44.98
N SER B 377 -19.14 -17.62 -44.81
CA SER B 377 -20.05 -17.23 -45.88
C SER B 377 -20.39 -15.74 -45.89
N LEU B 378 -20.21 -15.07 -44.75
CA LEU B 378 -20.58 -13.66 -44.63
C LEU B 378 -20.01 -12.75 -45.72
N PRO B 379 -18.70 -12.85 -46.04
CA PRO B 379 -18.26 -11.94 -47.10
C PRO B 379 -18.96 -12.23 -48.43
N LYS B 380 -19.20 -13.51 -48.76
CA LYS B 380 -19.94 -13.80 -49.99
C LYS B 380 -21.28 -13.04 -49.98
N GLU B 381 -21.96 -13.04 -48.83
CA GLU B 381 -23.23 -12.33 -48.69
C GLU B 381 -23.12 -10.86 -48.95
N VAL B 382 -22.21 -10.21 -48.23
CA VAL B 382 -22.06 -8.76 -48.34
C VAL B 382 -21.86 -8.39 -49.80
N ALA B 383 -20.91 -9.08 -50.45
CA ALA B 383 -20.54 -8.79 -51.82
C ALA B 383 -21.67 -9.05 -52.82
N SER B 384 -22.68 -9.77 -52.39
CA SER B 384 -23.82 -10.09 -53.24
C SER B 384 -25.00 -9.13 -53.03
N ALA B 385 -24.82 -8.13 -52.17
CA ALA B 385 -25.90 -7.21 -51.89
C ALA B 385 -25.98 -6.11 -52.93
N LYS B 386 -27.01 -6.18 -53.78
CA LYS B 386 -27.29 -5.12 -54.74
C LYS B 386 -27.69 -3.82 -54.01
N PRO B 387 -26.83 -2.79 -54.04
CA PRO B 387 -27.15 -1.49 -53.45
C PRO B 387 -28.14 -0.72 -54.33
N LYS B 388 -28.87 0.21 -53.71
CA LYS B 388 -29.91 1.00 -54.40
C LYS B 388 -29.39 1.77 -55.64
N VAL B 389 -28.28 2.50 -55.54
CA VAL B 389 -27.77 3.21 -56.72
C VAL B 389 -26.56 2.54 -57.35
N LEU B 390 -26.52 2.53 -58.68
CA LEU B 390 -25.44 1.89 -59.44
C LEU B 390 -24.05 2.45 -59.09
N LEU B 391 -23.07 1.56 -58.99
CA LEU B 391 -21.72 1.89 -58.50
C LEU B 391 -20.61 1.71 -59.54
N ASP B 392 -19.85 2.76 -59.78
CA ASP B 392 -18.75 2.71 -60.75
C ASP B 392 -17.67 1.69 -60.35
N VAL B 393 -17.84 1.05 -59.19
CA VAL B 393 -16.89 0.00 -58.81
C VAL B 393 -17.57 -1.27 -58.31
N LYS B 394 -17.15 -2.42 -58.83
CA LYS B 394 -17.64 -3.71 -58.34
C LYS B 394 -16.63 -4.36 -57.39
N LEU B 395 -17.13 -4.92 -56.29
CA LEU B 395 -16.27 -5.56 -55.30
C LEU B 395 -16.63 -7.04 -55.18
N LYS B 396 -15.61 -7.86 -54.92
CA LYS B 396 -15.79 -9.30 -54.78
C LYS B 396 -15.62 -9.76 -53.33
N ALA B 397 -16.12 -10.94 -53.00
CA ALA B 397 -16.03 -11.44 -51.62
C ALA B 397 -14.62 -11.33 -51.05
N GLU B 398 -13.61 -11.60 -51.85
CA GLU B 398 -12.25 -11.52 -51.35
C GLU B 398 -11.88 -10.12 -50.81
N ASP B 399 -12.67 -9.11 -51.11
CA ASP B 399 -12.33 -7.74 -50.71
C ASP B 399 -12.90 -7.32 -49.37
N PHE B 400 -13.77 -8.14 -48.81
CA PHE B 400 -14.41 -7.85 -47.54
C PHE B 400 -13.93 -8.77 -46.43
N ILE B 401 -13.61 -8.19 -45.28
CA ILE B 401 -13.42 -8.99 -44.10
C ILE B 401 -14.54 -8.61 -43.16
N VAL B 402 -15.34 -9.58 -42.72
CA VAL B 402 -16.35 -9.30 -41.69
C VAL B 402 -16.02 -10.06 -40.42
N ASP B 403 -15.84 -9.34 -39.31
CA ASP B 403 -15.68 -10.05 -38.04
C ASP B 403 -16.79 -9.81 -37.04
N VAL B 404 -17.22 -10.92 -36.46
CA VAL B 404 -18.19 -10.96 -35.39
C VAL B 404 -17.44 -10.89 -34.07
N ILE B 405 -17.95 -10.05 -33.17
CA ILE B 405 -17.30 -9.71 -31.91
C ILE B 405 -18.32 -9.99 -30.82
N ASN B 406 -18.04 -10.92 -29.90
CA ASN B 406 -19.01 -11.21 -28.84
C ASN B 406 -18.41 -11.13 -27.46
N HIS B 419 -26.78 -10.29 -11.03
CA HIS B 419 -27.38 -11.46 -10.37
C HIS B 419 -26.33 -12.23 -9.57
N VAL B 420 -25.68 -11.54 -8.65
CA VAL B 420 -24.77 -12.15 -7.69
C VAL B 420 -25.52 -12.32 -6.36
N SER B 421 -25.16 -13.31 -5.57
CA SER B 421 -25.87 -13.54 -4.32
C SER B 421 -25.14 -12.94 -3.10
N PHE B 422 -25.90 -12.37 -2.17
CA PHE B 422 -25.33 -11.70 -1.02
C PHE B 422 -25.73 -12.30 0.33
N TYR B 423 -25.08 -11.88 1.41
CA TYR B 423 -25.48 -12.32 2.74
C TYR B 423 -25.27 -11.19 3.72
N CYS B 424 -26.01 -11.18 4.82
CA CYS B 424 -25.82 -10.19 5.88
C CYS B 424 -25.16 -10.83 7.09
N LYS B 425 -24.28 -10.08 7.76
CA LYS B 425 -23.56 -10.61 8.92
C LYS B 425 -24.54 -11.34 9.85
N THR B 426 -25.63 -10.65 10.20
CA THR B 426 -26.72 -11.22 10.99
C THR B 426 -27.05 -12.66 10.56
N ALA B 427 -27.63 -12.80 9.36
CA ALA B 427 -28.11 -14.10 8.87
C ALA B 427 -27.25 -14.70 7.74
N PRO B 428 -26.05 -15.20 8.09
CA PRO B 428 -25.23 -15.82 7.05
C PRO B 428 -25.88 -17.10 6.55
N ASN B 429 -25.18 -17.86 5.73
CA ASN B 429 -25.63 -19.18 5.30
C ASN B 429 -26.99 -19.23 4.55
N ARG B 430 -27.57 -18.05 4.30
CA ARG B 430 -28.73 -17.93 3.42
C ARG B 430 -28.66 -16.57 2.72
N ALA B 431 -29.04 -16.53 1.45
CA ALA B 431 -28.79 -15.36 0.62
C ALA B 431 -29.84 -14.28 0.78
N ILE B 432 -29.41 -13.02 0.80
CA ILE B 432 -30.36 -11.91 0.84
C ILE B 432 -31.27 -11.96 -0.38
N ARG B 433 -32.59 -11.96 -0.17
CA ARG B 433 -33.56 -12.09 -1.27
C ARG B 433 -33.90 -10.75 -1.91
N ALA B 448 -24.42 -4.53 -25.57
CA ALA B 448 -24.35 -5.41 -26.74
C ALA B 448 -24.23 -6.90 -26.34
N GLU B 449 -24.63 -7.81 -27.22
CA GLU B 449 -24.35 -9.25 -27.06
C GLU B 449 -23.32 -9.66 -28.14
N GLN B 450 -23.48 -9.07 -29.32
CA GLN B 450 -22.71 -9.44 -30.49
C GLN B 450 -22.76 -8.30 -31.49
N LEU B 451 -21.59 -7.80 -31.86
CA LEU B 451 -21.56 -6.79 -32.90
C LEU B 451 -20.61 -7.14 -34.07
N ILE B 452 -21.07 -6.77 -35.26
CA ILE B 452 -20.50 -7.17 -36.54
C ILE B 452 -19.84 -5.98 -37.22
N ARG B 453 -18.54 -6.08 -37.50
CA ARG B 453 -17.87 -5.02 -38.23
C ARG B 453 -17.41 -5.53 -39.58
N VAL B 454 -17.41 -4.65 -40.59
CA VAL B 454 -16.87 -5.01 -41.90
C VAL B 454 -15.62 -4.18 -42.24
N TYR B 455 -14.62 -4.83 -42.81
CA TYR B 455 -13.42 -4.15 -43.27
C TYR B 455 -13.28 -4.34 -44.76
N CYS B 456 -12.48 -3.49 -45.39
CA CYS B 456 -12.23 -3.63 -46.80
C CYS B 456 -10.72 -3.77 -47.09
N LYS B 457 -10.37 -4.74 -47.93
CA LYS B 457 -8.98 -5.01 -48.25
C LYS B 457 -8.48 -4.06 -49.32
N LYS B 458 -9.41 -3.46 -50.05
CA LYS B 458 -9.09 -2.43 -51.03
C LYS B 458 -9.04 -1.09 -50.30
N VAL B 459 -8.00 -0.30 -50.51
CA VAL B 459 -7.87 0.93 -49.71
C VAL B 459 -8.06 2.28 -50.44
N ASP B 460 -8.47 2.24 -51.71
CA ASP B 460 -8.70 3.48 -52.43
C ASP B 460 -10.05 4.07 -52.09
N ARG B 461 -10.13 5.38 -52.17
CA ARG B 461 -11.33 6.12 -51.79
C ARG B 461 -12.59 5.65 -52.55
N LYS B 462 -12.43 5.36 -53.84
CA LYS B 462 -13.55 5.00 -54.71
C LYS B 462 -14.08 3.62 -54.39
N SER B 463 -13.23 2.79 -53.76
CA SER B 463 -13.61 1.43 -53.36
C SER B 463 -14.31 1.39 -52.00
N LEU B 464 -13.78 2.18 -51.07
CA LEU B 464 -14.40 2.30 -49.75
C LEU B 464 -15.82 2.82 -49.88
N TYR B 465 -16.01 3.85 -50.68
CA TYR B 465 -17.34 4.37 -50.87
C TYR B 465 -18.22 3.26 -51.38
N ALA B 466 -17.71 2.49 -52.33
CA ALA B 466 -18.42 1.31 -52.83
C ALA B 466 -18.70 0.30 -51.71
N ALA B 467 -17.68 -0.02 -50.92
CA ALA B 467 -17.82 -0.99 -49.84
C ALA B 467 -18.89 -0.59 -48.84
N ARG B 468 -18.90 0.67 -48.47
CA ARG B 468 -19.90 1.13 -47.53
C ARG B 468 -21.30 0.91 -48.12
N GLN B 469 -21.41 1.06 -49.44
CA GLN B 469 -22.69 0.89 -50.10
C GLN B 469 -23.21 -0.54 -49.99
N TYR B 470 -22.34 -1.52 -50.26
CA TYR B 470 -22.71 -2.92 -50.08
C TYR B 470 -23.08 -3.16 -48.64
N PHE B 471 -22.23 -2.68 -47.73
CA PHE B 471 -22.44 -2.89 -46.31
C PHE B 471 -23.79 -2.36 -45.83
N VAL B 472 -24.12 -1.13 -46.21
CA VAL B 472 -25.36 -0.56 -45.74
C VAL B 472 -26.54 -1.40 -46.21
N GLN B 473 -26.45 -1.93 -47.42
CA GLN B 473 -27.51 -2.75 -48.00
C GLN B 473 -27.65 -4.11 -47.37
N TRP B 474 -26.52 -4.77 -47.16
CA TRP B 474 -26.51 -6.06 -46.47
C TRP B 474 -27.21 -5.97 -45.11
N CYS B 475 -26.93 -4.89 -44.37
CA CYS B 475 -27.62 -4.64 -43.11
C CYS B 475 -29.11 -4.53 -43.35
N ALA B 476 -29.45 -3.86 -44.44
CA ALA B 476 -30.83 -3.67 -44.84
C ALA B 476 -31.56 -4.99 -45.02
N ASP B 477 -31.04 -5.83 -45.93
CA ASP B 477 -31.74 -7.05 -46.27
C ASP B 477 -31.32 -8.23 -45.40
N ARG B 478 -30.87 -7.89 -44.20
CA ARG B 478 -30.52 -8.89 -43.20
C ARG B 478 -31.18 -8.48 -41.88
N ASN B 479 -31.69 -7.25 -41.85
CA ASN B 479 -32.41 -6.68 -40.70
C ASN B 479 -31.53 -6.45 -39.48
N PHE B 480 -30.31 -6.00 -39.73
CA PHE B 480 -29.42 -5.56 -38.67
C PHE B 480 -29.64 -4.06 -38.49
N THR B 481 -29.10 -3.50 -37.42
CA THR B 481 -29.30 -2.07 -37.16
C THR B 481 -28.63 -1.25 -38.25
N LYS B 482 -29.25 -0.11 -38.60
CA LYS B 482 -28.66 0.79 -39.58
C LYS B 482 -27.36 1.36 -39.00
N PRO B 483 -26.27 1.32 -39.78
CA PRO B 483 -24.97 1.87 -39.39
C PRO B 483 -24.98 3.40 -39.20
N GLN B 484 -24.05 3.89 -38.39
CA GLN B 484 -23.94 5.32 -38.11
C GLN B 484 -22.94 6.01 -39.04
N ASP B 485 -23.37 7.13 -39.62
CA ASP B 485 -22.52 7.93 -40.50
C ASP B 485 -21.54 8.79 -39.71
N GLY C 19 -7.02 6.11 -20.52
CA GLY C 19 -7.21 5.32 -21.74
C GLY C 19 -6.02 4.43 -22.09
N PRO C 20 -6.29 3.30 -22.76
CA PRO C 20 -5.23 2.34 -23.07
C PRO C 20 -4.11 2.99 -23.84
N GLY C 21 -2.94 3.04 -23.23
CA GLY C 21 -1.72 3.43 -23.92
C GLY C 21 -0.52 2.69 -23.33
N ASP C 22 0.63 3.34 -23.35
CA ASP C 22 1.81 2.81 -22.67
C ASP C 22 1.55 2.95 -21.18
N PRO C 23 1.80 1.88 -20.41
CA PRO C 23 1.54 1.88 -18.97
C PRO C 23 2.46 2.80 -18.19
N ILE C 24 3.47 3.35 -18.85
CA ILE C 24 4.49 4.17 -18.18
C ILE C 24 4.41 5.63 -18.64
N HIS C 25 4.17 5.84 -19.93
CA HIS C 25 4.08 7.20 -20.45
C HIS C 25 2.70 7.54 -20.93
N GLY C 26 1.80 6.57 -20.90
CA GLY C 26 0.42 6.84 -21.27
C GLY C 26 0.26 6.99 -22.76
N HIS C 27 -0.68 7.81 -23.20
CA HIS C 27 -0.79 7.98 -24.63
C HIS C 27 0.22 8.98 -25.12
N ILE C 28 1.15 8.50 -25.93
CA ILE C 28 2.08 9.35 -26.63
C ILE C 28 1.64 9.46 -28.07
N GLU C 29 1.63 10.68 -28.59
CA GLU C 29 1.41 10.88 -30.01
C GLU C 29 2.71 11.43 -30.56
N LEU C 30 3.13 10.91 -31.70
CA LEU C 30 4.43 11.27 -32.24
C LEU C 30 4.35 12.04 -33.56
N HIS C 31 5.49 12.61 -33.95
CA HIS C 31 5.64 13.29 -35.21
C HIS C 31 5.51 12.28 -36.35
N PRO C 32 4.90 12.69 -37.47
CA PRO C 32 4.70 11.83 -38.65
C PRO C 32 5.99 11.24 -39.18
N LEU C 33 7.09 11.98 -39.05
CA LEU C 33 8.39 11.45 -39.39
C LEU C 33 8.74 10.29 -38.47
N LEU C 34 8.48 10.44 -37.17
CA LEU C 34 8.76 9.40 -36.20
C LEU C 34 7.96 8.14 -36.48
N VAL C 35 6.69 8.32 -36.83
CA VAL C 35 5.86 7.18 -37.16
C VAL C 35 6.35 6.48 -38.45
N ARG C 36 6.89 7.23 -39.42
CA ARG C 36 7.43 6.62 -40.64
C ARG C 36 8.57 5.68 -40.34
N ILE C 37 9.48 6.13 -39.50
CA ILE C 37 10.58 5.30 -39.02
C ILE C 37 10.08 4.07 -38.27
N ILE C 38 9.02 4.22 -37.49
CA ILE C 38 8.51 3.10 -36.68
C ILE C 38 7.82 2.05 -37.53
N ASP C 39 7.00 2.48 -38.48
CA ASP C 39 6.18 1.54 -39.22
C ASP C 39 7.03 0.96 -40.32
N THR C 40 7.94 0.09 -39.88
CA THR C 40 9.09 -0.33 -40.65
C THR C 40 9.54 -1.68 -40.10
N PRO C 41 9.96 -2.60 -40.98
CA PRO C 41 10.34 -3.94 -40.51
C PRO C 41 11.61 -3.93 -39.66
N GLN C 42 12.57 -3.05 -40.00
CA GLN C 42 13.78 -2.95 -39.22
C GLN C 42 13.48 -2.48 -37.82
N PHE C 43 12.39 -1.74 -37.66
CA PHE C 43 12.02 -1.28 -36.33
C PHE C 43 11.10 -2.26 -35.60
N GLN C 44 10.08 -2.72 -36.29
CA GLN C 44 9.16 -3.72 -35.78
C GLN C 44 9.90 -4.96 -35.30
N ARG C 45 11.13 -5.14 -35.80
CA ARG C 45 12.01 -6.22 -35.37
C ARG C 45 12.11 -6.30 -33.83
N LEU C 46 12.10 -5.14 -33.21
CA LEU C 46 12.20 -5.07 -31.78
C LEU C 46 10.97 -5.59 -31.02
N ARG C 47 9.88 -5.96 -31.70
CA ARG C 47 8.78 -6.54 -30.95
C ARG C 47 9.16 -7.95 -30.55
N TYR C 48 10.24 -8.48 -31.12
CA TYR C 48 10.61 -9.85 -30.85
C TYR C 48 11.98 -10.00 -30.17
N ILE C 49 12.29 -9.09 -29.25
CA ILE C 49 13.57 -9.12 -28.51
C ILE C 49 13.26 -8.90 -27.03
N LYS C 50 13.25 -9.95 -26.21
CA LYS C 50 12.95 -9.76 -24.79
C LYS C 50 13.91 -8.72 -24.23
N GLN C 51 13.37 -7.72 -23.55
CA GLN C 51 14.18 -6.67 -22.95
C GLN C 51 15.23 -7.23 -21.98
N LEU C 52 14.79 -8.03 -21.01
CA LEU C 52 15.70 -8.61 -20.03
C LEU C 52 16.11 -9.99 -20.44
N GLY C 53 15.95 -10.32 -21.73
CA GLY C 53 16.42 -11.60 -22.24
C GLY C 53 15.91 -12.76 -21.41
N GLY C 54 16.86 -13.56 -20.89
CA GLY C 54 16.54 -14.76 -20.14
C GLY C 54 15.96 -14.52 -18.76
N GLY C 55 15.66 -13.26 -18.47
CA GLY C 55 15.02 -12.86 -17.22
C GLY C 55 13.61 -13.41 -17.22
N TYR C 56 12.95 -13.35 -18.36
CA TYR C 56 11.61 -13.89 -18.45
C TYR C 56 11.48 -15.26 -17.80
N TYR C 57 12.52 -16.10 -17.91
CA TYR C 57 12.41 -17.46 -17.40
C TYR C 57 12.62 -17.54 -15.91
N VAL C 58 12.77 -16.38 -15.29
CA VAL C 58 12.91 -16.31 -13.85
C VAL C 58 11.87 -15.35 -13.23
N PHE C 59 11.52 -14.27 -13.93
CA PHE C 59 10.46 -13.36 -13.48
C PHE C 59 9.34 -13.30 -14.47
N PRO C 60 8.18 -13.88 -14.11
CA PRO C 60 7.03 -14.04 -15.00
C PRO C 60 6.58 -12.70 -15.55
N GLY C 61 6.74 -11.65 -14.75
CA GLY C 61 6.33 -10.33 -15.18
C GLY C 61 7.10 -9.80 -16.37
N ALA C 62 8.37 -10.16 -16.47
CA ALA C 62 9.30 -9.54 -17.40
C ALA C 62 9.16 -10.02 -18.84
N SER C 63 8.03 -9.70 -19.46
CA SER C 63 7.71 -10.19 -20.79
C SER C 63 7.87 -9.09 -21.83
N HIS C 64 8.29 -7.91 -21.38
CA HIS C 64 8.45 -6.75 -22.26
C HIS C 64 9.57 -6.91 -23.29
N ASN C 65 9.42 -6.25 -24.43
CA ASN C 65 10.41 -6.32 -25.49
C ASN C 65 11.01 -4.96 -25.72
N ARG C 66 12.03 -4.86 -26.55
CA ARG C 66 12.72 -3.58 -26.74
C ARG C 66 11.91 -2.56 -27.50
N PHE C 67 10.87 -3.02 -28.18
CA PHE C 67 10.05 -2.15 -29.01
C PHE C 67 9.37 -1.08 -28.15
N GLU C 68 8.67 -1.51 -27.10
CA GLU C 68 7.98 -0.56 -26.24
C GLU C 68 9.02 0.35 -25.62
N HIS C 69 10.08 -0.25 -25.09
CA HIS C 69 11.14 0.51 -24.47
C HIS C 69 11.65 1.60 -25.41
N SER C 70 11.92 1.21 -26.66
CA SER C 70 12.44 2.15 -27.63
C SER C 70 11.52 3.36 -27.83
N LEU C 71 10.22 3.11 -27.99
CA LEU C 71 9.22 4.19 -28.05
C LEU C 71 9.30 5.10 -26.83
N GLY C 72 9.41 4.49 -25.65
CA GLY C 72 9.57 5.26 -24.43
C GLY C 72 10.72 6.24 -24.46
N VAL C 73 11.89 5.75 -24.87
CA VAL C 73 13.09 6.59 -24.90
C VAL C 73 12.95 7.67 -25.95
N GLY C 74 12.31 7.35 -27.07
CA GLY C 74 12.09 8.37 -28.07
C GLY C 74 11.23 9.47 -27.47
N TYR C 75 10.15 9.06 -26.82
CA TYR C 75 9.23 10.02 -26.30
C TYR C 75 9.93 10.85 -25.23
N LEU C 76 10.74 10.20 -24.41
CA LEU C 76 11.38 10.89 -23.30
C LEU C 76 12.46 11.85 -23.78
N ALA C 77 13.25 11.42 -24.75
CA ALA C 77 14.25 12.29 -25.36
C ALA C 77 13.61 13.61 -25.77
N GLY C 78 12.47 13.52 -26.44
CA GLY C 78 11.70 14.69 -26.86
C GLY C 78 11.30 15.60 -25.72
N CYS C 79 10.67 15.03 -24.70
CA CYS C 79 10.26 15.79 -23.51
C CYS C 79 11.37 16.65 -22.95
N LEU C 80 12.53 16.04 -22.71
CA LEU C 80 13.65 16.75 -22.15
C LEU C 80 14.15 17.86 -23.07
N VAL C 81 14.46 17.52 -24.32
CA VAL C 81 14.96 18.54 -25.24
C VAL C 81 14.00 19.70 -25.32
N HIS C 82 12.71 19.37 -25.51
CA HIS C 82 11.71 20.40 -25.71
C HIS C 82 11.58 21.33 -24.48
N ALA C 83 11.73 20.76 -23.30
CA ALA C 83 11.67 21.53 -22.06
C ALA C 83 12.88 22.45 -21.89
N LEU C 84 14.08 21.92 -22.12
CA LEU C 84 15.29 22.74 -22.13
C LEU C 84 15.11 23.93 -23.06
N GLY C 85 14.52 23.66 -24.22
CA GLY C 85 14.24 24.68 -25.20
C GLY C 85 13.33 25.76 -24.66
N GLU C 86 12.21 25.36 -24.06
CA GLU C 86 11.25 26.30 -23.52
C GLU C 86 11.92 27.24 -22.55
N LYS C 87 12.45 26.67 -21.49
CA LYS C 87 13.07 27.41 -20.39
C LYS C 87 14.25 28.31 -20.80
N GLN C 88 15.01 27.90 -21.81
CA GLN C 88 16.21 28.63 -22.23
C GLN C 88 16.29 28.88 -23.73
N PRO C 89 15.54 29.87 -24.22
CA PRO C 89 15.56 30.15 -25.66
C PRO C 89 16.94 30.54 -26.13
N GLU C 90 17.79 31.05 -25.22
CA GLU C 90 19.12 31.47 -25.58
C GLU C 90 19.99 30.32 -26.11
N LEU C 91 19.66 29.10 -25.73
CA LEU C 91 20.35 27.91 -26.24
C LEU C 91 20.07 27.66 -27.73
N GLN C 92 19.10 28.39 -28.28
CA GLN C 92 18.71 28.24 -29.67
C GLN C 92 18.54 26.78 -30.13
N ILE C 93 17.69 26.06 -29.40
CA ILE C 93 17.31 24.70 -29.75
C ILE C 93 16.17 24.72 -30.78
N SER C 94 16.42 24.15 -31.95
CA SER C 94 15.48 24.22 -33.08
C SER C 94 14.51 23.03 -33.19
N GLU C 95 13.41 23.25 -33.93
CA GLU C 95 12.48 22.16 -34.28
C GLU C 95 13.22 20.98 -34.93
N ARG C 96 14.33 21.28 -35.57
CA ARG C 96 15.18 20.30 -36.22
C ARG C 96 16.01 19.55 -35.20
N ASP C 97 16.59 20.28 -34.27
CA ASP C 97 17.38 19.68 -33.21
C ASP C 97 16.54 18.71 -32.39
N VAL C 98 15.28 19.07 -32.15
CA VAL C 98 14.42 18.20 -31.38
C VAL C 98 14.15 16.88 -32.09
N LEU C 99 13.70 16.96 -33.34
CA LEU C 99 13.41 15.78 -34.13
C LEU C 99 14.58 14.83 -34.16
N CYS C 100 15.78 15.38 -34.27
CA CYS C 100 16.97 14.54 -34.30
C CYS C 100 17.16 13.78 -33.01
N VAL C 101 17.06 14.46 -31.87
CA VAL C 101 17.22 13.79 -30.61
C VAL C 101 16.16 12.73 -30.45
N GLN C 102 14.93 13.04 -30.82
CA GLN C 102 13.90 12.02 -30.77
C GLN C 102 14.24 10.75 -31.57
N ILE C 103 14.61 10.90 -32.84
CA ILE C 103 15.01 9.76 -33.68
C ILE C 103 16.18 8.96 -33.10
N ALA C 104 17.14 9.65 -32.47
CA ALA C 104 18.24 8.97 -31.81
C ALA C 104 17.75 8.08 -30.66
N GLY C 105 16.88 8.62 -29.82
CA GLY C 105 16.33 7.88 -28.70
C GLY C 105 15.53 6.71 -29.23
N LEU C 106 14.86 6.95 -30.35
CA LEU C 106 13.97 5.99 -30.94
C LEU C 106 14.75 4.81 -31.51
N CYS C 107 15.98 5.07 -31.96
CA CYS C 107 16.76 4.07 -32.71
C CYS C 107 18.00 3.54 -31.99
N HIS C 108 18.20 3.96 -30.76
CA HIS C 108 19.43 3.61 -30.06
C HIS C 108 19.55 2.10 -29.83
N ASP C 109 18.43 1.38 -29.91
CA ASP C 109 18.44 -0.05 -29.59
C ASP C 109 18.18 -0.96 -30.79
N LEU C 110 18.17 -0.38 -31.99
CA LEU C 110 17.95 -1.11 -33.22
C LEU C 110 18.87 -2.31 -33.38
N GLY C 111 20.08 -2.17 -32.86
CA GLY C 111 21.11 -3.18 -33.04
C GLY C 111 21.10 -4.35 -32.07
N HIS C 112 20.20 -4.35 -31.10
CA HIS C 112 20.17 -5.46 -30.14
C HIS C 112 19.81 -6.72 -30.89
N GLY C 113 20.46 -7.83 -30.54
CA GLY C 113 20.18 -9.12 -31.16
C GLY C 113 19.42 -9.97 -30.18
N PRO C 114 19.14 -11.23 -30.54
CA PRO C 114 18.29 -12.15 -29.75
C PRO C 114 18.57 -12.06 -28.24
N PHE C 115 17.56 -11.75 -27.45
CA PHE C 115 17.70 -11.72 -26.00
C PHE C 115 18.60 -10.58 -25.53
N SER C 116 18.59 -9.49 -26.28
CA SER C 116 19.28 -8.27 -25.88
C SER C 116 20.78 -8.43 -25.54
N HIS C 117 21.14 -8.11 -24.29
CA HIS C 117 22.54 -8.01 -23.89
C HIS C 117 23.24 -9.36 -23.85
N PHE C 119 23.53 -11.34 -26.17
CA PHE C 119 24.01 -11.61 -27.52
C PHE C 119 25.31 -10.89 -27.91
N ASP C 120 25.41 -9.60 -27.65
CA ASP C 120 26.67 -8.94 -27.92
C ASP C 120 27.59 -9.12 -26.73
N GLY C 121 26.99 -9.35 -25.58
CA GLY C 121 27.71 -9.50 -24.33
C GLY C 121 28.41 -10.82 -24.09
N ARG C 122 27.83 -11.91 -24.58
CA ARG C 122 28.38 -13.24 -24.33
C ARG C 122 28.46 -14.15 -25.55
N PHE C 123 27.39 -14.26 -26.34
CA PHE C 123 27.39 -15.18 -27.50
C PHE C 123 28.45 -14.83 -28.54
N ILE C 124 28.43 -13.60 -29.04
CA ILE C 124 29.36 -13.20 -30.07
C ILE C 124 30.81 -13.33 -29.61
N PRO C 125 31.11 -12.95 -28.35
CA PRO C 125 32.50 -13.11 -27.91
C PRO C 125 32.93 -14.57 -27.78
N LEU C 126 31.98 -15.47 -27.55
CA LEU C 126 32.29 -16.90 -27.55
C LEU C 126 32.34 -17.49 -28.96
N ALA C 127 31.36 -17.11 -29.78
CA ALA C 127 31.22 -17.58 -31.15
C ALA C 127 32.30 -17.03 -32.10
N ARG C 128 32.63 -15.75 -31.96
CA ARG C 128 33.63 -15.08 -32.79
C ARG C 128 34.49 -14.13 -31.98
N PRO C 129 35.47 -14.70 -31.24
CA PRO C 129 36.28 -13.90 -30.32
C PRO C 129 37.16 -12.82 -30.98
N GLU C 130 37.48 -12.99 -32.25
CA GLU C 130 38.33 -12.03 -32.96
C GLU C 130 37.63 -10.69 -33.23
N VAL C 131 36.32 -10.74 -33.49
CA VAL C 131 35.54 -9.56 -33.87
C VAL C 131 35.03 -8.69 -32.72
N LYS C 132 35.33 -7.41 -32.80
CA LYS C 132 34.83 -6.42 -31.84
C LYS C 132 33.43 -6.00 -32.27
N TRP C 133 32.42 -6.52 -31.59
CA TRP C 133 31.05 -6.15 -31.92
C TRP C 133 30.26 -5.70 -30.71
N THR C 134 29.63 -4.55 -30.87
CA THR C 134 28.85 -3.93 -29.83
C THR C 134 27.48 -3.66 -30.40
N HIS C 135 26.44 -3.62 -29.57
CA HIS C 135 25.09 -3.47 -30.09
C HIS C 135 24.82 -2.07 -30.64
N GLU C 136 25.62 -1.09 -30.24
CA GLU C 136 25.43 0.27 -30.72
C GLU C 136 25.97 0.43 -32.11
N GLN C 137 27.09 -0.22 -32.40
CA GLN C 137 27.56 -0.33 -33.78
C GLN C 137 26.40 -0.78 -34.66
N GLY C 138 25.81 -1.90 -34.26
CA GLY C 138 24.69 -2.48 -34.95
C GLY C 138 23.49 -1.55 -35.10
N SER C 139 23.20 -0.78 -34.05
CA SER C 139 22.12 0.20 -34.10
C SER C 139 22.42 1.24 -35.18
N VAL C 140 23.70 1.55 -35.39
CA VAL C 140 24.03 2.53 -36.40
C VAL C 140 23.93 1.95 -37.79
N PHE C 143 20.13 1.36 -38.53
CA PHE C 143 19.46 2.64 -38.77
C PHE C 143 19.70 3.14 -40.20
N GLU C 144 20.95 3.11 -40.62
CA GLU C 144 21.33 3.44 -41.99
C GLU C 144 20.55 2.60 -43.00
N HIS C 145 20.51 1.29 -42.74
CA HIS C 145 19.77 0.35 -43.59
C HIS C 145 18.27 0.60 -43.52
N LEU C 146 17.79 1.03 -42.36
CA LEU C 146 16.38 1.36 -42.20
C LEU C 146 15.99 2.54 -43.09
N ILE C 147 16.72 3.65 -43.02
CA ILE C 147 16.29 4.82 -43.79
C ILE C 147 16.60 4.65 -45.27
N ASN C 148 17.38 3.63 -45.60
CA ASN C 148 17.71 3.36 -46.99
C ASN C 148 16.68 2.47 -47.64
N SER C 149 16.22 1.50 -46.89
CA SER C 149 15.27 0.52 -47.38
C SER C 149 13.82 1.03 -47.39
N ASN C 150 13.61 2.21 -46.81
CA ASN C 150 12.26 2.78 -46.75
C ASN C 150 12.14 4.20 -47.29
N GLY C 151 13.17 4.67 -48.00
CA GLY C 151 13.18 6.03 -48.52
C GLY C 151 12.71 7.06 -47.50
N ILE C 152 13.34 7.07 -46.33
CA ILE C 152 13.01 8.02 -45.29
C ILE C 152 13.65 9.37 -45.59
N LYS C 153 14.73 9.35 -46.37
CA LYS C 153 15.51 10.56 -46.58
C LYS C 153 14.68 11.66 -47.24
N PRO C 154 13.98 11.34 -48.34
CA PRO C 154 13.04 12.32 -48.88
C PRO C 154 12.05 12.85 -47.84
N VAL C 155 11.68 12.01 -46.89
CA VAL C 155 10.73 12.43 -45.85
C VAL C 155 11.41 13.31 -44.79
N GLU C 157 13.84 15.48 -45.42
CA GLU C 157 13.96 16.76 -46.11
C GLU C 157 12.65 17.49 -46.04
N GLN C 158 11.58 16.72 -46.14
CA GLN C 158 10.22 17.24 -46.12
C GLN C 158 9.93 17.97 -44.80
N TYR C 159 10.53 17.52 -43.71
CA TYR C 159 10.27 18.08 -42.38
C TYR C 159 11.40 18.95 -41.82
N GLY C 160 12.24 19.48 -42.69
CA GLY C 160 13.25 20.44 -42.26
C GLY C 160 14.57 19.83 -41.82
N LEU C 161 14.75 18.54 -42.06
CA LEU C 161 16.01 17.90 -41.72
C LEU C 161 17.01 17.99 -42.87
N ILE C 162 18.30 18.02 -42.52
CA ILE C 162 19.36 18.03 -43.52
C ILE C 162 20.10 16.69 -43.50
N PRO C 163 19.57 15.71 -44.24
CA PRO C 163 20.02 14.31 -44.19
C PRO C 163 21.52 14.15 -44.00
N GLU C 164 22.35 14.86 -44.77
CA GLU C 164 23.80 14.76 -44.61
C GLU C 164 24.21 15.05 -43.14
N GLU C 165 23.96 16.28 -42.70
CA GLU C 165 24.37 16.75 -41.37
C GLU C 165 23.69 16.01 -40.22
N ASP C 166 22.40 15.73 -40.38
CA ASP C 166 21.60 15.16 -39.30
C ASP C 166 21.74 13.66 -39.11
N ILE C 167 21.79 12.92 -40.21
CA ILE C 167 22.04 11.48 -40.11
C ILE C 167 23.34 11.28 -39.33
N CYS C 168 24.34 12.07 -39.64
CA CYS C 168 25.56 12.07 -38.85
C CYS C 168 25.25 12.32 -37.36
N PHE C 169 24.53 13.40 -37.08
CA PHE C 169 24.17 13.75 -35.71
C PHE C 169 23.44 12.61 -34.99
N ILE C 170 22.47 12.01 -35.64
CA ILE C 170 21.75 10.90 -35.04
C ILE C 170 22.66 9.75 -34.73
N LYS C 171 23.44 9.27 -35.70
CA LYS C 171 24.33 8.14 -35.44
C LYS C 171 25.25 8.49 -34.29
N GLU C 172 25.73 9.72 -34.27
CA GLU C 172 26.68 10.14 -33.24
C GLU C 172 26.10 10.05 -31.83
N GLN C 173 24.85 10.46 -31.64
CA GLN C 173 24.31 10.37 -30.29
C GLN C 173 23.94 8.94 -29.90
N ILE C 174 24.09 8.01 -30.84
CA ILE C 174 23.83 6.60 -30.57
C ILE C 174 25.13 5.86 -30.27
N VAL C 175 26.22 6.27 -30.90
CA VAL C 175 27.45 5.51 -30.77
C VAL C 175 28.62 6.37 -30.32
N GLY C 176 28.38 7.66 -30.13
CA GLY C 176 29.48 8.57 -29.84
C GLY C 176 30.31 8.88 -31.08
N PRO C 177 31.42 9.62 -30.90
CA PRO C 177 32.18 10.09 -32.05
C PRO C 177 32.53 8.92 -32.98
N LEU C 178 32.43 9.13 -34.29
CA LEU C 178 32.77 8.10 -35.27
C LEU C 178 34.21 8.27 -35.82
N GLU C 179 35.21 8.35 -34.94
CA GLU C 179 36.61 8.45 -35.38
C GLU C 179 37.50 7.56 -34.52
N LEU C 186 40.31 19.37 -28.81
CA LEU C 186 39.45 19.41 -30.00
C LEU C 186 38.07 18.73 -29.75
N TRP C 187 37.09 19.12 -30.56
CA TRP C 187 35.69 18.71 -30.34
C TRP C 187 35.31 17.59 -31.28
N PRO C 188 35.10 16.39 -30.72
CA PRO C 188 34.93 15.11 -31.44
C PRO C 188 33.83 15.09 -32.51
N TYR C 189 32.70 15.73 -32.25
CA TYR C 189 31.53 15.50 -33.08
C TYR C 189 31.47 16.37 -34.33
N LYS C 190 30.90 15.82 -35.39
CA LYS C 190 30.72 16.56 -36.64
C LYS C 190 29.24 16.91 -36.93
N GLY C 191 28.32 16.31 -36.17
CA GLY C 191 26.89 16.50 -36.40
C GLY C 191 26.34 17.82 -35.89
N ARG C 192 26.88 18.29 -34.76
CA ARG C 192 26.53 19.59 -34.20
C ARG C 192 27.77 20.28 -33.69
N PRO C 193 27.75 21.62 -33.68
CA PRO C 193 28.85 22.44 -33.15
C PRO C 193 28.94 22.27 -31.64
N GLU C 194 30.04 22.70 -31.04
CA GLU C 194 30.27 22.49 -29.63
C GLU C 194 29.32 23.28 -28.73
N ASN C 195 28.71 24.32 -29.28
CA ASN C 195 27.83 25.19 -28.49
C ASN C 195 26.46 24.55 -28.28
N LYS C 196 26.21 23.45 -28.98
CA LYS C 196 25.01 22.66 -28.76
C LYS C 196 25.41 21.29 -28.26
N SER C 197 26.49 21.25 -27.48
CA SER C 197 27.09 20.01 -26.99
C SER C 197 26.20 19.27 -26.00
N PHE C 198 25.34 20.00 -25.30
CA PHE C 198 24.49 19.40 -24.30
C PHE C 198 23.54 18.39 -24.92
N LEU C 199 23.24 18.53 -26.21
CA LEU C 199 22.33 17.60 -26.89
C LEU C 199 22.90 16.18 -26.90
N TYR C 200 24.20 16.08 -26.69
CA TYR C 200 24.86 14.78 -26.77
C TYR C 200 24.80 14.03 -25.44
N GLU C 201 24.11 14.60 -24.45
CA GLU C 201 24.02 13.96 -23.15
C GLU C 201 22.60 13.55 -22.82
N ILE C 202 21.72 13.58 -23.80
CA ILE C 202 20.32 13.28 -23.54
C ILE C 202 19.99 11.80 -23.69
N VAL C 203 20.40 11.21 -24.80
CA VAL C 203 20.06 9.80 -25.08
C VAL C 203 21.10 8.85 -24.48
N SER C 204 22.37 9.10 -24.76
CA SER C 204 23.41 8.30 -24.15
C SER C 204 24.38 9.20 -23.40
N ASN C 205 24.46 9.00 -22.08
CA ASN C 205 25.42 9.74 -21.28
C ASN C 205 26.34 8.81 -20.51
N LYS C 206 27.47 8.47 -21.11
CA LYS C 206 28.43 7.54 -20.49
C LYS C 206 29.12 8.16 -19.24
N ARG C 207 29.34 9.47 -19.27
CA ARG C 207 29.98 10.16 -18.16
C ARG C 207 29.16 10.06 -16.86
N ASN C 208 28.04 10.77 -16.78
CA ASN C 208 27.31 10.91 -15.50
C ASN C 208 26.25 9.85 -15.26
N GLY C 209 26.19 8.87 -16.15
CA GLY C 209 25.21 7.78 -16.04
C GLY C 209 23.75 8.15 -16.31
N ILE C 210 23.42 9.43 -16.17
CA ILE C 210 22.05 9.92 -16.34
C ILE C 210 21.66 10.27 -17.78
N ASP C 211 20.85 9.40 -18.38
CA ASP C 211 20.25 9.71 -19.66
C ASP C 211 18.79 9.24 -19.67
N VAL C 212 18.02 9.71 -20.64
CA VAL C 212 16.62 9.32 -20.72
C VAL C 212 16.49 7.84 -21.07
N ASP C 213 17.54 7.25 -21.61
CA ASP C 213 17.56 5.81 -21.83
C ASP C 213 17.32 5.10 -20.50
N LYS C 214 18.23 5.34 -19.55
CA LYS C 214 18.14 4.77 -18.23
C LYS C 214 16.77 5.05 -17.66
N TRP C 215 16.24 6.25 -17.81
CA TRP C 215 15.02 6.59 -17.08
C TRP C 215 13.89 5.68 -17.47
N ASP C 216 13.77 5.39 -18.76
CA ASP C 216 12.69 4.57 -19.23
C ASP C 216 12.82 3.16 -18.74
N TYR C 217 13.98 2.56 -18.93
CA TYR C 217 14.05 1.17 -18.51
C TYR C 217 14.12 0.94 -16.99
N PHE C 218 14.48 1.95 -16.22
CA PHE C 218 14.31 1.88 -14.79
C PHE C 218 12.81 1.79 -14.47
N ALA C 219 12.04 2.69 -15.06
CA ALA C 219 10.60 2.72 -14.88
C ALA C 219 9.91 1.42 -15.27
N ARG C 220 10.19 0.89 -16.47
CA ARG C 220 9.51 -0.35 -16.85
C ARG C 220 10.12 -1.63 -16.30
N ASP C 221 11.41 -1.65 -16.00
CA ASP C 221 11.92 -2.88 -15.41
C ASP C 221 11.34 -3.03 -14.01
N CYS C 222 11.08 -1.92 -13.35
CA CYS C 222 10.42 -1.93 -12.05
C CYS C 222 8.96 -2.28 -12.18
N HIS C 223 8.33 -1.73 -13.21
CA HIS C 223 6.92 -1.92 -13.44
C HIS C 223 6.55 -3.38 -13.73
N HIS C 224 7.49 -4.15 -14.26
CA HIS C 224 7.24 -5.53 -14.61
C HIS C 224 7.85 -6.48 -13.62
N LEU C 225 8.85 -6.01 -12.89
CA LEU C 225 9.51 -6.82 -11.88
C LEU C 225 8.82 -6.71 -10.52
N GLY C 226 7.89 -5.75 -10.39
CA GLY C 226 7.21 -5.46 -9.13
C GLY C 226 8.16 -4.88 -8.09
N ILE C 227 8.99 -3.94 -8.54
CA ILE C 227 9.96 -3.28 -7.70
C ILE C 227 9.52 -1.84 -7.49
N GLN C 228 9.69 -1.32 -6.28
CA GLN C 228 9.34 0.05 -6.01
C GLN C 228 10.32 0.98 -6.73
N ASN C 229 9.79 1.90 -7.52
CA ASN C 229 10.65 2.90 -8.18
C ASN C 229 10.22 4.29 -7.74
N ASN C 230 11.10 4.99 -7.03
CA ASN C 230 10.71 6.26 -6.47
C ASN C 230 11.24 7.47 -7.19
N PHE C 231 12.00 7.24 -8.26
CA PHE C 231 12.53 8.33 -9.07
C PHE C 231 11.42 8.95 -9.89
N ASP C 232 11.41 10.28 -9.94
CA ASP C 232 10.37 10.96 -10.66
C ASP C 232 10.97 11.79 -11.77
N TYR C 233 11.01 11.22 -12.96
CA TYR C 233 11.69 11.88 -14.06
C TYR C 233 10.96 13.17 -14.48
N LYS C 234 9.65 13.23 -14.27
CA LYS C 234 8.93 14.42 -14.68
C LYS C 234 9.40 15.63 -13.89
N ARG C 235 9.54 15.43 -12.58
CA ARG C 235 10.00 16.48 -11.68
C ARG C 235 11.39 16.90 -12.08
N PHE C 236 12.24 15.90 -12.32
CA PHE C 236 13.62 16.12 -12.74
C PHE C 236 13.71 16.92 -14.03
N ILE C 237 12.87 16.56 -15.00
CA ILE C 237 12.80 17.26 -16.28
C ILE C 237 12.36 18.70 -16.09
N LYS C 238 11.36 18.90 -15.25
CA LYS C 238 10.87 20.25 -15.00
C LYS C 238 11.97 21.14 -14.40
N PHE C 239 12.85 20.58 -13.58
CA PHE C 239 13.88 21.40 -12.93
C PHE C 239 15.26 21.27 -13.56
N ALA C 240 15.33 20.79 -14.79
CA ALA C 240 16.63 20.66 -15.45
C ALA C 240 17.00 21.94 -16.19
N ARG C 241 18.30 22.18 -16.34
CA ARG C 241 18.78 23.33 -17.07
C ARG C 241 20.15 23.06 -17.63
N VAL C 242 20.53 23.84 -18.64
CA VAL C 242 21.89 23.81 -19.20
C VAL C 242 22.73 24.90 -18.54
N CYS C 243 23.99 24.59 -18.24
CA CYS C 243 24.89 25.58 -17.63
C CYS C 243 26.38 25.22 -17.74
N GLU C 244 27.23 26.25 -17.74
CA GLU C 244 28.67 26.11 -17.91
C GLU C 244 29.36 25.31 -16.79
N VAL C 245 30.08 24.25 -17.19
CA VAL C 245 30.86 23.45 -16.26
C VAL C 245 32.26 23.22 -16.82
N ASP C 246 33.21 24.04 -16.36
CA ASP C 246 34.57 24.06 -16.91
C ASP C 246 34.51 24.47 -18.38
N ASN C 247 34.03 25.68 -18.63
CA ASN C 247 33.78 26.16 -20.00
C ASN C 247 33.18 25.11 -20.97
N GLU C 248 32.35 24.20 -20.43
CA GLU C 248 31.64 23.23 -21.26
C GLU C 248 30.17 23.18 -20.87
N LEU C 249 29.28 23.27 -21.87
CA LEU C 249 27.82 23.22 -21.64
C LEU C 249 27.30 21.83 -21.21
N ARG C 250 26.73 21.76 -20.01
CA ARG C 250 26.17 20.52 -19.52
C ARG C 250 24.76 20.68 -18.99
N ILE C 251 24.06 19.57 -18.87
CA ILE C 251 22.71 19.53 -18.31
C ILE C 251 22.82 19.39 -16.79
N CYS C 252 22.39 20.41 -16.05
CA CYS C 252 22.47 20.37 -14.60
C CYS C 252 21.10 20.24 -13.95
N ALA C 253 21.11 19.82 -12.70
CA ALA C 253 19.89 19.67 -11.90
C ALA C 253 19.88 20.65 -10.72
N ARG C 254 18.73 21.29 -10.48
CA ARG C 254 18.53 22.13 -9.29
C ARG C 254 19.00 21.39 -8.05
N ASP C 255 19.69 22.09 -7.16
CA ASP C 255 20.17 21.49 -5.90
C ASP C 255 19.06 20.86 -5.05
N LYS C 256 17.89 21.49 -5.04
CA LYS C 256 16.74 20.99 -4.28
C LYS C 256 16.11 19.74 -4.95
N GLU C 257 16.85 19.09 -5.83
CA GLU C 257 16.33 17.96 -6.56
C GLU C 257 17.22 16.76 -6.27
N VAL C 258 18.08 16.92 -5.27
CA VAL C 258 19.04 15.88 -4.91
C VAL C 258 18.38 14.65 -4.23
N GLY C 259 17.28 14.88 -3.52
CA GLY C 259 16.55 13.80 -2.88
C GLY C 259 15.88 12.92 -3.91
N ASN C 260 15.56 13.51 -5.07
CA ASN C 260 15.03 12.77 -6.20
C ASN C 260 16.12 11.99 -6.90
N LEU C 261 17.30 12.58 -6.94
CA LEU C 261 18.45 11.89 -7.51
C LEU C 261 18.85 10.68 -6.66
N TYR C 262 18.87 10.83 -5.33
CA TYR C 262 19.12 9.67 -4.50
C TYR C 262 18.11 8.55 -4.84
N ASP C 263 16.84 8.90 -5.00
CA ASP C 263 15.78 7.92 -5.24
C ASP C 263 16.02 7.17 -6.55
N PHE C 265 19.26 6.56 -8.13
CA PHE C 265 20.38 5.66 -7.89
C PHE C 265 20.07 4.48 -6.98
N HIS C 266 19.17 4.67 -6.03
CA HIS C 266 18.74 3.58 -5.18
C HIS C 266 17.99 2.55 -6.01
N THR C 267 17.25 3.04 -7.00
CA THR C 267 16.52 2.19 -7.93
C THR C 267 17.48 1.46 -8.86
N ARG C 268 18.42 2.19 -9.45
CA ARG C 268 19.45 1.56 -10.24
C ARG C 268 20.09 0.42 -9.46
N ASN C 269 20.52 0.69 -8.23
CA ASN C 269 21.16 -0.35 -7.42
C ASN C 269 20.24 -1.52 -7.14
N SER C 270 18.94 -1.26 -7.00
CA SER C 270 18.01 -2.33 -6.70
C SER C 270 17.74 -3.26 -7.88
N LEU C 271 17.48 -2.68 -9.07
CA LEU C 271 17.35 -3.47 -10.30
C LEU C 271 18.59 -4.30 -10.51
N HIS C 272 19.77 -3.71 -10.29
CA HIS C 272 21.01 -4.48 -10.38
C HIS C 272 21.20 -5.58 -9.33
N ARG C 273 21.21 -5.25 -8.04
CA ARG C 273 21.39 -6.28 -7.01
C ARG C 273 20.35 -7.39 -7.12
N ARG C 274 19.09 -7.03 -7.40
CA ARG C 274 17.98 -7.97 -7.25
C ARG C 274 17.51 -8.65 -8.53
N ALA C 275 17.77 -8.05 -9.71
CA ALA C 275 17.26 -8.61 -10.99
C ALA C 275 18.31 -8.85 -12.09
N TYR C 276 19.08 -7.83 -12.46
CA TYR C 276 20.07 -8.02 -13.51
C TYR C 276 21.19 -8.96 -13.09
N GLN C 277 21.38 -9.19 -11.79
CA GLN C 277 22.47 -10.06 -11.33
C GLN C 277 21.98 -11.39 -10.73
N HIS C 278 20.67 -11.60 -10.86
CA HIS C 278 19.96 -12.74 -10.31
C HIS C 278 20.66 -14.08 -10.64
N LYS C 279 21.02 -14.84 -9.60
CA LYS C 279 21.80 -16.07 -9.76
C LYS C 279 21.29 -17.01 -10.86
N VAL C 280 20.04 -17.44 -10.75
CA VAL C 280 19.45 -18.40 -11.69
C VAL C 280 19.14 -17.72 -13.01
N GLY C 281 18.83 -16.43 -12.94
CA GLY C 281 18.55 -15.67 -14.13
C GLY C 281 19.72 -15.67 -15.10
N ASN C 282 20.93 -15.41 -14.59
CA ASN C 282 22.09 -15.40 -15.46
C ASN C 282 22.54 -16.81 -15.84
N ILE C 283 22.20 -17.81 -15.03
CA ILE C 283 22.53 -19.18 -15.36
C ILE C 283 21.78 -19.53 -16.63
N ILE C 284 20.47 -19.42 -16.59
CA ILE C 284 19.66 -19.60 -17.78
C ILE C 284 20.24 -18.83 -18.99
N ASP C 285 20.69 -17.61 -18.81
CA ASP C 285 21.20 -16.88 -19.95
C ASP C 285 22.36 -17.61 -20.59
N THR C 286 23.19 -18.28 -19.80
CA THR C 286 24.38 -18.93 -20.35
C THR C 286 24.07 -20.29 -20.95
N ILE C 288 21.02 -20.76 -22.67
CA ILE C 288 20.55 -20.30 -23.96
C ILE C 288 21.71 -19.98 -24.89
N THR C 289 22.77 -19.39 -24.35
CA THR C 289 23.97 -19.14 -25.14
C THR C 289 24.64 -20.45 -25.53
N ASP C 290 24.61 -21.45 -24.65
CA ASP C 290 25.21 -22.75 -24.96
C ASP C 290 24.41 -23.48 -26.05
N ALA C 291 23.10 -23.28 -26.04
CA ALA C 291 22.24 -23.78 -27.10
C ALA C 291 22.55 -23.12 -28.44
N PHE C 292 22.58 -21.79 -28.49
CA PHE C 292 22.90 -21.11 -29.75
C PHE C 292 24.24 -21.57 -30.30
N LEU C 293 25.27 -21.64 -29.46
CA LEU C 293 26.55 -22.09 -29.95
C LEU C 293 26.47 -23.51 -30.55
N LYS C 294 25.82 -24.45 -29.87
CA LYS C 294 25.75 -25.82 -30.39
C LYS C 294 24.82 -25.89 -31.59
N ALA C 295 24.26 -24.77 -32.00
CA ALA C 295 23.34 -24.76 -33.11
C ALA C 295 23.81 -23.83 -34.21
N ASP C 296 24.94 -23.15 -33.98
CA ASP C 296 25.39 -22.07 -34.88
C ASP C 296 25.69 -22.58 -36.28
N ASP C 297 26.28 -23.76 -36.35
CA ASP C 297 26.60 -24.39 -37.62
C ASP C 297 25.39 -24.74 -38.47
N TYR C 298 24.25 -25.02 -37.83
CA TYR C 298 23.16 -25.68 -38.54
C TYR C 298 21.92 -24.84 -38.82
N ILE C 299 21.89 -23.60 -38.37
CA ILE C 299 20.77 -22.70 -38.66
C ILE C 299 21.20 -21.69 -39.70
N GLU C 300 20.47 -21.61 -40.81
CA GLU C 300 20.79 -20.63 -41.84
C GLU C 300 19.80 -19.49 -41.83
N ILE C 301 20.32 -18.27 -41.84
CA ILE C 301 19.51 -17.06 -41.93
C ILE C 301 19.72 -16.45 -43.31
N THR C 302 18.65 -16.04 -43.99
CA THR C 302 18.83 -15.57 -45.35
C THR C 302 19.04 -14.06 -45.46
N GLY C 303 20.17 -13.67 -46.06
CA GLY C 303 20.52 -12.27 -46.17
C GLY C 303 20.31 -11.66 -47.54
N ALA C 304 21.02 -10.57 -47.80
CA ALA C 304 20.90 -9.85 -49.05
C ALA C 304 21.43 -10.69 -50.19
N GLY C 305 20.73 -10.65 -51.32
CA GLY C 305 21.19 -11.34 -52.51
C GLY C 305 20.79 -12.79 -52.56
N GLY C 306 20.50 -13.36 -51.39
CA GLY C 306 20.15 -14.76 -51.29
C GLY C 306 21.15 -15.46 -50.40
N LYS C 307 22.30 -14.80 -50.19
CA LYS C 307 23.38 -15.38 -49.41
C LYS C 307 22.86 -15.89 -48.05
N LYS C 308 23.45 -16.96 -47.55
CA LYS C 308 23.04 -17.48 -46.24
C LYS C 308 24.07 -17.20 -45.16
N TYR C 309 23.60 -16.86 -43.97
CA TYR C 309 24.47 -16.57 -42.84
C TYR C 309 24.15 -17.47 -41.66
N ARG C 310 25.05 -17.49 -40.69
CA ARG C 310 24.81 -18.20 -39.46
C ARG C 310 24.35 -17.21 -38.39
N ILE C 311 23.80 -17.72 -37.31
CA ILE C 311 23.43 -16.85 -36.21
C ILE C 311 24.55 -15.87 -35.90
N SER C 312 25.75 -16.41 -35.69
CA SER C 312 26.90 -15.61 -35.24
C SER C 312 27.39 -14.65 -36.31
N THR C 313 26.96 -14.90 -37.54
CA THR C 313 27.53 -14.22 -38.68
C THR C 313 26.52 -13.32 -39.38
N ALA C 314 25.26 -13.39 -38.96
CA ALA C 314 24.24 -12.53 -39.51
C ALA C 314 24.54 -11.07 -39.20
N ILE C 315 25.41 -10.80 -38.23
CA ILE C 315 25.77 -9.41 -37.92
C ILE C 315 26.59 -8.78 -39.03
N ASP C 316 26.94 -9.55 -40.05
CA ASP C 316 27.72 -9.02 -41.16
C ASP C 316 26.84 -8.43 -42.26
N ASP C 317 25.56 -8.75 -42.25
CA ASP C 317 24.62 -8.26 -43.25
C ASP C 317 23.27 -7.88 -42.64
N GLU C 319 20.35 -7.25 -43.89
CA GLU C 319 19.19 -7.96 -44.44
C GLU C 319 18.84 -9.17 -43.59
N ALA C 320 19.86 -9.95 -43.25
CA ALA C 320 19.70 -11.14 -42.43
C ALA C 320 19.49 -10.78 -40.97
N TYR C 321 20.31 -9.87 -40.47
CA TYR C 321 20.17 -9.48 -39.07
C TYR C 321 18.74 -9.06 -38.79
N THR C 322 18.12 -8.36 -39.72
CA THR C 322 16.72 -7.99 -39.54
C THR C 322 15.88 -9.19 -39.17
N LYS C 323 16.27 -10.38 -39.60
CA LYS C 323 15.44 -11.55 -39.36
C LYS C 323 15.95 -12.40 -38.21
N LEU C 324 16.93 -11.88 -37.47
CA LEU C 324 17.50 -12.59 -36.33
C LEU C 324 16.92 -12.01 -35.05
N THR C 325 15.93 -12.71 -34.49
CA THR C 325 15.18 -12.26 -33.31
C THR C 325 15.07 -13.39 -32.32
N ASP C 326 14.12 -13.31 -31.39
CA ASP C 326 13.99 -14.33 -30.36
C ASP C 326 13.43 -15.60 -30.95
N ASN C 327 12.89 -15.46 -32.16
CA ASN C 327 12.37 -16.60 -32.91
C ASN C 327 13.35 -17.75 -32.99
N ILE C 328 14.62 -17.42 -33.16
CA ILE C 328 15.68 -18.39 -33.30
C ILE C 328 15.66 -19.45 -32.17
N PHE C 329 15.23 -19.02 -31.00
CA PHE C 329 15.07 -19.93 -29.85
C PHE C 329 14.05 -21.05 -30.12
N LEU C 330 12.86 -20.69 -30.57
CA LEU C 330 11.82 -21.67 -30.85
C LEU C 330 12.14 -22.50 -32.09
N GLU C 331 12.86 -21.89 -33.03
CA GLU C 331 13.25 -22.59 -34.23
C GLU C 331 14.08 -23.82 -33.87
N ILE C 332 14.99 -23.64 -32.92
CA ILE C 332 15.75 -24.77 -32.36
C ILE C 332 14.85 -25.68 -31.53
N LEU C 333 14.09 -25.12 -30.61
CA LEU C 333 13.26 -25.91 -29.74
C LEU C 333 12.32 -26.87 -30.49
N TYR C 334 11.71 -26.39 -31.56
CA TYR C 334 10.74 -27.16 -32.32
C TYR C 334 11.38 -28.01 -33.41
N SER C 335 12.67 -27.77 -33.68
CA SER C 335 13.37 -28.48 -34.75
C SER C 335 13.29 -30.00 -34.63
N THR C 336 13.40 -30.67 -35.78
CA THR C 336 13.38 -32.13 -35.83
C THR C 336 14.71 -32.67 -36.35
N ASP C 337 15.55 -31.76 -36.83
CA ASP C 337 16.85 -32.10 -37.36
C ASP C 337 17.71 -32.81 -36.32
N PRO C 338 18.32 -33.93 -36.72
CA PRO C 338 19.21 -34.64 -35.80
C PRO C 338 20.52 -33.88 -35.58
N LYS C 339 20.92 -33.03 -36.52
CA LYS C 339 22.09 -32.19 -36.35
C LYS C 339 21.88 -31.27 -35.15
N LEU C 340 20.65 -30.79 -35.01
CA LEU C 340 20.27 -29.88 -33.93
C LEU C 340 19.80 -30.57 -32.66
N LYS C 341 20.11 -31.86 -32.50
CA LYS C 341 19.67 -32.57 -31.31
C LYS C 341 20.39 -32.06 -30.06
N ASP C 342 21.68 -31.79 -30.17
CA ASP C 342 22.45 -31.29 -29.03
C ASP C 342 21.88 -29.99 -28.47
N ALA C 343 21.60 -29.04 -29.36
CA ALA C 343 21.03 -27.75 -28.99
C ALA C 343 19.65 -27.92 -28.37
N ARG C 344 18.76 -28.61 -29.09
CA ARG C 344 17.42 -28.88 -28.59
C ARG C 344 17.45 -29.39 -27.15
N GLU C 345 18.42 -30.24 -26.82
CA GLU C 345 18.41 -30.87 -25.52
C GLU C 345 18.63 -29.87 -24.39
N ILE C 346 19.44 -28.87 -24.63
CA ILE C 346 19.70 -27.81 -23.66
C ILE C 346 18.48 -26.90 -23.50
N LEU C 347 17.83 -26.56 -24.60
CA LEU C 347 16.63 -25.76 -24.49
C LEU C 347 15.57 -26.58 -23.78
N LYS C 348 15.64 -27.90 -23.90
CA LYS C 348 14.69 -28.74 -23.20
C LYS C 348 15.06 -28.86 -21.74
N GLN C 349 16.35 -28.73 -21.43
CA GLN C 349 16.78 -28.66 -20.04
C GLN C 349 16.06 -27.54 -19.31
N ILE C 350 15.86 -26.42 -20.01
CA ILE C 350 15.27 -25.25 -19.42
C ILE C 350 13.79 -25.43 -19.12
N GLU C 351 13.03 -26.03 -20.02
CA GLU C 351 11.62 -26.21 -19.76
C GLU C 351 11.39 -27.10 -18.55
N TYR C 352 12.25 -28.10 -18.40
CA TYR C 352 12.18 -29.06 -17.29
C TYR C 352 12.83 -28.49 -16.04
N ARG C 353 13.67 -27.49 -16.21
CA ARG C 353 14.33 -26.87 -15.10
C ARG C 353 15.44 -27.71 -14.51
N ASN C 354 16.12 -28.48 -15.34
CA ASN C 354 17.38 -29.08 -14.94
C ASN C 354 18.48 -28.13 -15.38
N LEU C 355 18.70 -27.09 -14.59
CA LEU C 355 19.63 -26.02 -14.95
C LEU C 355 21.08 -26.40 -14.63
N PHE C 356 22.04 -25.72 -15.24
CA PHE C 356 23.42 -25.85 -14.81
C PHE C 356 23.47 -25.53 -13.33
N LYS C 357 24.47 -26.07 -12.65
CA LYS C 357 24.62 -25.83 -11.22
C LYS C 357 25.62 -24.71 -10.91
N TYR C 358 25.22 -23.85 -9.97
CA TYR C 358 26.06 -22.76 -9.50
C TYR C 358 27.20 -23.33 -8.67
N VAL C 359 28.41 -22.87 -8.95
CA VAL C 359 29.58 -23.35 -8.26
C VAL C 359 30.19 -22.28 -7.36
N GLY C 360 30.10 -21.02 -7.76
CA GLY C 360 30.67 -19.96 -6.96
C GLY C 360 30.93 -18.65 -7.67
N GLU C 361 31.33 -17.65 -6.89
CA GLU C 361 31.52 -16.30 -7.37
C GLU C 361 32.82 -15.73 -6.83
N THR C 362 33.53 -15.00 -7.68
CA THR C 362 34.77 -14.32 -7.34
C THR C 362 34.78 -13.05 -8.15
N GLN C 363 35.68 -12.13 -7.85
CA GLN C 363 35.80 -10.97 -8.71
C GLN C 363 37.26 -10.57 -8.74
N PRO C 364 37.65 -9.88 -9.80
CA PRO C 364 39.06 -9.61 -10.02
C PRO C 364 39.55 -8.45 -9.15
N THR C 365 40.61 -8.68 -8.40
CA THR C 365 41.23 -7.64 -7.57
C THR C 365 41.86 -6.55 -8.42
N GLY C 366 41.91 -5.34 -7.86
CA GLY C 366 42.49 -4.21 -8.54
C GLY C 366 41.47 -3.69 -9.54
N GLN C 367 41.95 -2.90 -10.49
CA GLN C 367 41.11 -2.31 -11.52
C GLN C 367 40.86 -3.29 -12.67
N ILE C 368 41.75 -4.28 -12.79
CA ILE C 368 41.81 -5.21 -13.94
C ILE C 368 40.52 -5.98 -14.29
N LYS C 369 40.20 -5.99 -15.57
CA LYS C 369 38.98 -6.64 -16.04
C LYS C 369 39.26 -7.70 -17.09
N ILE C 370 38.68 -8.89 -16.89
CA ILE C 370 38.70 -9.91 -17.92
C ILE C 370 38.10 -9.33 -19.20
N LYS C 371 38.93 -9.30 -20.25
CA LYS C 371 38.55 -8.74 -21.53
C LYS C 371 37.64 -9.72 -22.29
N ARG C 372 36.75 -9.18 -23.10
CA ARG C 372 35.79 -9.96 -23.89
C ARG C 372 36.44 -11.03 -24.78
N GLU C 373 37.63 -10.77 -25.28
CA GLU C 373 38.32 -11.69 -26.18
C GLU C 373 38.78 -12.94 -25.44
N ASP C 374 38.81 -12.84 -24.11
CA ASP C 374 39.34 -13.93 -23.28
C ASP C 374 38.27 -14.90 -22.83
N TYR C 375 37.00 -14.61 -23.15
CA TYR C 375 35.93 -15.43 -22.64
C TYR C 375 36.04 -16.90 -23.07
N GLU C 376 36.31 -17.13 -24.36
CA GLU C 376 36.33 -18.50 -24.89
C GLU C 376 37.30 -19.41 -24.18
N SER C 377 38.35 -18.83 -23.61
CA SER C 377 39.44 -19.61 -23.03
C SER C 377 39.27 -19.91 -21.54
N LEU C 378 38.40 -19.17 -20.86
CA LEU C 378 38.23 -19.30 -19.43
C LEU C 378 37.91 -20.72 -18.96
N PRO C 379 36.97 -21.41 -19.62
CA PRO C 379 36.75 -22.77 -19.14
C PRO C 379 37.98 -23.68 -19.31
N LYS C 380 38.73 -23.53 -20.40
CA LYS C 380 39.96 -24.30 -20.54
C LYS C 380 40.87 -24.08 -19.34
N GLU C 381 40.97 -22.83 -18.88
CA GLU C 381 41.78 -22.47 -17.71
C GLU C 381 41.35 -23.15 -16.42
N VAL C 382 40.09 -22.96 -16.06
CA VAL C 382 39.55 -23.55 -14.84
C VAL C 382 39.86 -25.02 -14.81
N ALA C 383 39.50 -25.71 -15.90
CA ALA C 383 39.66 -27.15 -15.97
C ALA C 383 41.11 -27.60 -15.91
N SER C 384 42.04 -26.67 -16.09
CA SER C 384 43.46 -27.01 -16.06
C SER C 384 44.09 -26.69 -14.71
N ALA C 385 43.26 -26.27 -13.75
CA ALA C 385 43.77 -25.90 -12.43
C ALA C 385 43.94 -27.11 -11.52
N LYS C 386 45.20 -27.52 -11.31
CA LYS C 386 45.51 -28.60 -10.37
C LYS C 386 45.16 -28.17 -8.94
N PRO C 387 44.08 -28.74 -8.36
CA PRO C 387 43.73 -28.48 -6.95
C PRO C 387 44.70 -29.15 -5.97
N LYS C 388 44.80 -28.61 -4.76
CA LYS C 388 45.74 -29.10 -3.76
C LYS C 388 45.46 -30.54 -3.37
N VAL C 389 44.21 -30.79 -2.97
CA VAL C 389 43.73 -32.07 -2.46
C VAL C 389 43.10 -32.95 -3.54
N LEU C 390 43.57 -34.20 -3.62
CA LEU C 390 43.14 -35.18 -4.63
C LEU C 390 41.61 -35.32 -4.77
N LEU C 391 41.16 -35.40 -6.02
CA LEU C 391 39.74 -35.43 -6.37
C LEU C 391 39.36 -36.73 -7.04
N ASP C 392 38.27 -37.32 -6.57
CA ASP C 392 37.85 -38.61 -7.06
C ASP C 392 37.43 -38.54 -8.53
N VAL C 393 37.25 -37.33 -9.03
CA VAL C 393 36.65 -37.10 -10.35
C VAL C 393 37.43 -36.07 -11.17
N LYS C 394 37.65 -36.37 -12.45
CA LYS C 394 38.26 -35.39 -13.35
C LYS C 394 37.19 -34.68 -14.20
N LEU C 395 37.36 -33.37 -14.37
CA LEU C 395 36.43 -32.58 -15.18
C LEU C 395 37.15 -31.96 -16.38
N LYS C 396 36.43 -31.84 -17.49
CA LYS C 396 36.97 -31.24 -18.71
C LYS C 396 36.37 -29.86 -18.96
N ALA C 397 37.03 -29.07 -19.80
CA ALA C 397 36.54 -27.73 -20.09
C ALA C 397 35.05 -27.70 -20.47
N GLU C 398 34.61 -28.70 -21.23
CA GLU C 398 33.23 -28.74 -21.65
C GLU C 398 32.26 -28.71 -20.46
N ASP C 399 32.74 -29.03 -19.26
CA ASP C 399 31.85 -29.16 -18.10
C ASP C 399 31.65 -27.88 -17.33
N PHE C 400 32.42 -26.85 -17.67
CA PHE C 400 32.36 -25.57 -16.97
C PHE C 400 31.78 -24.48 -17.84
N ILE C 401 30.87 -23.69 -17.28
CA ILE C 401 30.47 -22.45 -17.91
C ILE C 401 30.94 -21.35 -16.99
N VAL C 402 31.72 -20.41 -17.50
CA VAL C 402 32.08 -19.25 -16.68
C VAL C 402 31.53 -18.01 -17.33
N ASP C 403 30.71 -17.25 -16.60
CA ASP C 403 30.27 -15.96 -17.13
C ASP C 403 30.76 -14.75 -16.34
N VAL C 404 31.21 -13.78 -17.12
CA VAL C 404 31.61 -12.50 -16.61
C VAL C 404 30.38 -11.60 -16.66
N ILE C 405 30.22 -10.83 -15.61
CA ILE C 405 29.05 -9.99 -15.38
C ILE C 405 29.57 -8.58 -15.05
N ASN C 406 29.24 -7.60 -15.90
CA ASN C 406 29.71 -6.21 -15.67
C ASN C 406 28.55 -5.22 -15.61
N HIS C 419 28.91 12.14 -9.31
CA HIS C 419 29.52 13.26 -10.05
C HIS C 419 28.55 13.89 -11.07
N VAL C 420 27.38 14.29 -10.58
CA VAL C 420 26.40 15.03 -11.35
C VAL C 420 26.56 16.50 -11.01
N SER C 421 26.23 17.38 -11.96
CA SER C 421 26.41 18.81 -11.70
C SER C 421 25.11 19.52 -11.30
N PHE C 422 25.22 20.43 -10.33
CA PHE C 422 24.03 21.10 -9.79
C PHE C 422 24.03 22.62 -9.99
N TYR C 423 22.89 23.25 -9.73
CA TYR C 423 22.80 24.71 -9.78
C TYR C 423 21.85 25.20 -8.70
N CYS C 424 22.05 26.43 -8.23
CA CYS C 424 21.15 27.06 -7.28
C CYS C 424 20.30 28.13 -7.96
N LYS C 425 19.04 28.25 -7.54
CA LYS C 425 18.13 29.21 -8.14
C LYS C 425 18.78 30.58 -8.31
N GLU C 449 31.78 -3.72 -9.92
CA GLU C 449 32.57 -3.57 -11.14
C GLU C 449 32.34 -4.70 -12.15
N GLN C 450 33.10 -5.78 -11.98
CA GLN C 450 33.01 -6.98 -12.81
C GLN C 450 33.08 -8.20 -11.91
N LEU C 451 32.08 -9.07 -11.97
CA LEU C 451 32.17 -10.30 -11.19
C LEU C 451 31.98 -11.59 -12.02
N ILE C 452 32.76 -12.61 -11.67
CA ILE C 452 32.89 -13.83 -12.43
C ILE C 452 32.23 -15.00 -11.72
N ARG C 453 31.25 -15.64 -12.35
CA ARG C 453 30.64 -16.83 -11.78
C ARG C 453 30.93 -18.07 -12.61
N VAL C 454 31.06 -19.21 -11.94
CA VAL C 454 31.29 -20.48 -12.63
C VAL C 454 30.13 -21.44 -12.41
N TYR C 455 29.70 -22.08 -13.48
CA TYR C 455 28.63 -23.07 -13.41
C TYR C 455 29.18 -24.43 -13.84
N CYS C 456 28.49 -25.50 -13.46
CA CYS C 456 28.89 -26.81 -13.89
C CYS C 456 27.76 -27.51 -14.62
N LYS C 457 28.08 -28.07 -15.78
CA LYS C 457 27.09 -28.77 -16.60
C LYS C 457 26.79 -30.17 -16.08
N LYS C 458 27.72 -30.71 -15.29
CA LYS C 458 27.52 -31.98 -14.59
C LYS C 458 26.78 -31.71 -13.29
N VAL C 459 25.72 -32.46 -12.99
CA VAL C 459 24.89 -32.10 -11.83
C VAL C 459 24.95 -33.06 -10.63
N ASP C 460 25.81 -34.05 -10.68
CA ASP C 460 25.92 -34.99 -9.57
C ASP C 460 26.76 -34.44 -8.45
N ARG C 461 26.45 -34.86 -7.23
CA ARG C 461 27.09 -34.33 -6.04
C ARG C 461 28.61 -34.46 -6.07
N LYS C 462 29.08 -35.59 -6.58
CA LYS C 462 30.52 -35.89 -6.60
C LYS C 462 31.30 -35.04 -7.62
N SER C 463 30.58 -34.52 -8.62
CA SER C 463 31.19 -33.67 -9.63
C SER C 463 31.22 -32.20 -9.21
N LEU C 464 30.15 -31.76 -8.55
CA LEU C 464 30.10 -30.39 -8.04
C LEU C 464 31.19 -30.17 -7.03
N TYR C 465 31.37 -31.13 -6.12
CA TYR C 465 32.44 -31.00 -5.14
C TYR C 465 33.77 -30.85 -5.87
N ALA C 466 33.96 -31.69 -6.88
CA ALA C 466 35.14 -31.57 -7.73
C ALA C 466 35.23 -30.18 -8.39
N ALA C 467 34.16 -29.74 -9.04
CA ALA C 467 34.11 -28.44 -9.72
C ALA C 467 34.49 -27.28 -8.79
N ARG C 468 33.96 -27.30 -7.57
CA ARG C 468 34.29 -26.25 -6.63
C ARG C 468 35.78 -26.25 -6.38
N GLN C 469 36.37 -27.45 -6.38
CA GLN C 469 37.79 -27.58 -6.10
C GLN C 469 38.66 -26.93 -7.18
N TYR C 470 38.35 -27.17 -8.44
CA TYR C 470 39.04 -26.51 -9.55
C TYR C 470 38.82 -25.01 -9.44
N PHE C 471 37.59 -24.62 -9.18
CA PHE C 471 37.24 -23.19 -9.09
C PHE C 471 38.05 -22.45 -8.04
N VAL C 472 38.05 -22.98 -6.82
CA VAL C 472 38.77 -22.33 -5.74
C VAL C 472 40.25 -22.15 -6.11
N GLN C 473 40.83 -23.15 -6.78
CA GLN C 473 42.23 -23.10 -7.18
C GLN C 473 42.49 -22.12 -8.29
N TRP C 474 41.64 -22.11 -9.31
CA TRP C 474 41.74 -21.12 -10.39
C TRP C 474 41.76 -19.68 -9.84
N CYS C 475 40.88 -19.38 -8.90
CA CYS C 475 40.88 -18.08 -8.24
C CYS C 475 42.22 -17.86 -7.56
N ALA C 476 42.76 -18.92 -6.99
CA ALA C 476 44.04 -18.87 -6.31
C ALA C 476 45.14 -18.45 -7.29
N ASP C 477 45.34 -19.22 -8.35
CA ASP C 477 46.48 -18.97 -9.22
C ASP C 477 46.16 -17.96 -10.33
N ARG C 478 45.17 -17.13 -10.05
CA ARG C 478 44.77 -16.06 -10.97
C ARG C 478 44.70 -14.76 -10.14
N ASN C 479 44.70 -14.93 -8.82
CA ASN C 479 44.67 -13.81 -7.88
C ASN C 479 43.36 -13.07 -7.84
N PHE C 480 42.27 -13.82 -7.95
CA PHE C 480 40.95 -13.28 -7.74
C PHE C 480 40.60 -13.49 -6.28
N THR C 481 39.57 -12.80 -5.79
CA THR C 481 39.15 -12.91 -4.40
C THR C 481 38.75 -14.35 -4.05
N LYS C 482 39.09 -14.79 -2.84
CA LYS C 482 38.69 -16.12 -2.37
C LYS C 482 37.16 -16.19 -2.28
N PRO C 483 36.57 -17.25 -2.86
CA PRO C 483 35.11 -17.46 -2.82
C PRO C 483 34.56 -17.68 -1.41
N GLN C 484 33.27 -17.39 -1.21
CA GLN C 484 32.62 -17.58 0.07
C GLN C 484 31.92 -18.95 0.17
N ASP C 485 32.17 -19.66 1.26
CA ASP C 485 31.53 -20.95 1.55
C ASP C 485 30.10 -20.78 2.07
N GLY D 19 -15.80 -4.97 14.52
CA GLY D 19 -16.63 -4.40 15.57
C GLY D 19 -15.79 -3.77 16.69
N PRO D 20 -16.24 -2.59 17.19
CA PRO D 20 -15.40 -1.70 18.02
C PRO D 20 -14.82 -2.40 19.20
N GLY D 21 -13.50 -2.52 19.21
CA GLY D 21 -12.75 -3.01 20.37
C GLY D 21 -11.38 -2.36 20.37
N ASP D 22 -10.39 -3.04 20.96
CA ASP D 22 -9.02 -2.56 20.91
C ASP D 22 -8.58 -2.68 19.46
N PRO D 23 -7.98 -1.62 18.91
CA PRO D 23 -7.52 -1.62 17.51
C PRO D 23 -6.39 -2.62 17.23
N ILE D 24 -5.81 -3.21 18.26
CA ILE D 24 -4.65 -4.07 18.11
C ILE D 24 -5.00 -5.52 18.45
N HIS D 25 -5.83 -5.73 19.48
CA HIS D 25 -6.20 -7.08 19.89
C HIS D 25 -7.66 -7.34 19.70
N GLY D 26 -8.40 -6.31 19.30
CA GLY D 26 -9.79 -6.49 18.96
C GLY D 26 -10.60 -6.64 20.21
N HIS D 27 -11.71 -7.38 20.14
CA HIS D 27 -12.48 -7.55 21.35
C HIS D 27 -11.87 -8.61 22.22
N ILE D 28 -11.39 -8.17 23.37
CA ILE D 28 -10.93 -9.06 24.42
C ILE D 28 -12.00 -9.13 25.49
N GLU D 29 -12.31 -10.34 25.92
CA GLU D 29 -13.17 -10.54 27.07
C GLU D 29 -12.30 -11.13 28.16
N LEU D 30 -12.45 -10.64 29.38
CA LEU D 30 -11.56 -11.05 30.45
C LEU D 30 -12.28 -11.80 31.58
N HIS D 31 -11.48 -12.44 32.42
CA HIS D 31 -11.96 -13.12 33.60
C HIS D 31 -12.53 -12.10 34.57
N PRO D 32 -13.62 -12.46 35.28
CA PRO D 32 -14.29 -11.59 36.23
C PRO D 32 -13.34 -11.07 37.30
N LEU D 33 -12.34 -11.87 37.66
CA LEU D 33 -11.33 -11.40 38.59
C LEU D 33 -10.54 -10.28 37.96
N LEU D 34 -10.18 -10.43 36.69
CA LEU D 34 -9.43 -9.41 35.97
C LEU D 34 -10.21 -8.09 35.88
N VAL D 35 -11.49 -8.20 35.58
CA VAL D 35 -12.33 -7.03 35.54
C VAL D 35 -12.46 -6.36 36.93
N ARG D 36 -12.49 -7.13 38.02
CA ARG D 36 -12.55 -6.51 39.35
C ARG D 36 -11.35 -5.63 39.63
N ILE D 37 -10.17 -6.14 39.29
CA ILE D 37 -8.93 -5.38 39.38
C ILE D 37 -8.99 -4.12 38.52
N ILE D 38 -9.54 -4.24 37.31
CA ILE D 38 -9.56 -3.09 36.39
C ILE D 38 -10.50 -1.99 36.85
N ASP D 39 -11.70 -2.36 37.30
CA ASP D 39 -12.73 -1.38 37.61
C ASP D 39 -12.44 -0.85 39.00
N THR D 40 -11.38 -0.05 39.04
CA THR D 40 -10.69 0.33 40.24
C THR D 40 -9.96 1.63 40.00
N PRO D 41 -9.96 2.55 40.98
CA PRO D 41 -9.35 3.87 40.76
C PRO D 41 -7.84 3.78 40.61
N GLN D 42 -7.20 2.86 41.32
CA GLN D 42 -5.76 2.66 41.19
C GLN D 42 -5.42 2.21 39.78
N PHE D 43 -6.36 1.55 39.12
CA PHE D 43 -6.08 1.09 37.77
C PHE D 43 -6.51 2.09 36.73
N GLN D 44 -7.72 2.60 36.88
CA GLN D 44 -8.23 3.65 36.03
C GLN D 44 -7.29 4.83 35.94
N ARG D 45 -6.45 4.99 36.96
CA ARG D 45 -5.40 6.02 37.02
C ARG D 45 -4.59 6.09 35.72
N LEU D 46 -4.40 4.92 35.10
CA LEU D 46 -3.64 4.82 33.89
C LEU D 46 -4.33 5.41 32.66
N ARG D 47 -5.59 5.81 32.77
CA ARG D 47 -6.21 6.48 31.63
C ARG D 47 -5.59 7.87 31.47
N TYR D 48 -4.85 8.32 32.47
CA TYR D 48 -4.35 9.67 32.44
C TYR D 48 -2.82 9.75 32.46
N ILE D 49 -2.16 8.80 31.81
CA ILE D 49 -0.69 8.78 31.72
C ILE D 49 -0.30 8.54 30.27
N LYS D 50 0.10 9.60 29.55
CA LYS D 50 0.51 9.42 28.15
C LYS D 50 1.58 8.34 28.07
N GLN D 51 1.33 7.34 27.23
CA GLN D 51 2.29 6.25 27.04
C GLN D 51 3.70 6.76 26.65
N LEU D 52 3.78 7.58 25.59
CA LEU D 52 5.07 8.11 25.15
C LEU D 52 5.33 9.48 25.75
N GLY D 53 4.63 9.80 26.83
CA GLY D 53 4.85 11.07 27.50
C GLY D 53 4.86 12.25 26.56
N GLY D 54 5.96 12.99 26.56
CA GLY D 54 6.08 14.20 25.76
C GLY D 54 6.18 13.98 24.26
N GLY D 55 6.01 12.72 23.84
CA GLY D 55 5.97 12.34 22.44
C GLY D 55 4.77 12.98 21.77
N TYR D 56 3.65 12.98 22.48
CA TYR D 56 2.44 13.58 21.94
C TYR D 56 2.69 14.95 21.36
N TYR D 57 3.60 15.72 21.95
CA TYR D 57 3.79 17.09 21.47
C TYR D 57 4.66 17.15 20.23
N VAL D 58 5.05 15.98 19.74
CA VAL D 58 5.83 15.90 18.52
C VAL D 58 5.17 14.99 17.48
N PHE D 59 4.49 13.94 17.93
CA PHE D 59 3.71 13.07 17.03
C PHE D 59 2.25 13.06 17.37
N PRO D 60 1.43 13.73 16.54
CA PRO D 60 -0.01 13.95 16.81
C PRO D 60 -0.74 12.64 17.07
N GLY D 61 -0.31 11.58 16.39
CA GLY D 61 -0.93 10.29 16.57
C GLY D 61 -0.80 9.71 17.97
N ALA D 62 0.31 10.00 18.65
CA ALA D 62 0.67 9.32 19.89
C ALA D 62 -0.10 9.83 21.12
N SER D 63 -1.40 9.59 21.12
CA SER D 63 -2.27 10.10 22.17
C SER D 63 -2.65 9.00 23.14
N HIS D 64 -2.13 7.80 22.92
CA HIS D 64 -2.47 6.64 23.76
C HIS D 64 -1.94 6.74 25.19
N ASN D 65 -2.64 6.10 26.12
CA ASN D 65 -2.24 6.14 27.51
C ASN D 65 -1.89 4.74 27.97
N ARG D 66 -1.37 4.59 29.18
CA ARG D 66 -0.91 3.27 29.64
C ARG D 66 -2.04 2.30 29.95
N PHE D 67 -3.25 2.83 30.08
CA PHE D 67 -4.41 2.03 30.42
C PHE D 67 -4.64 0.99 29.32
N GLU D 68 -4.76 1.45 28.06
CA GLU D 68 -5.03 0.53 26.98
C GLU D 68 -3.87 -0.42 26.85
N HIS D 69 -2.65 0.11 26.88
CA HIS D 69 -1.47 -0.72 26.83
C HIS D 69 -1.52 -1.83 27.87
N SER D 70 -1.85 -1.46 29.11
CA SER D 70 -1.87 -2.41 30.21
C SER D 70 -2.82 -3.57 29.93
N LEU D 71 -4.04 -3.26 29.47
CA LEU D 71 -5.01 -4.28 29.05
C LEU D 71 -4.41 -5.17 28.01
N GLY D 72 -3.73 -4.58 27.03
CA GLY D 72 -3.06 -5.37 26.00
C GLY D 72 -2.14 -6.43 26.56
N VAL D 73 -1.25 -6.00 27.45
CA VAL D 73 -0.26 -6.91 28.01
C VAL D 73 -0.91 -7.98 28.86
N GLY D 74 -1.97 -7.63 29.58
CA GLY D 74 -2.69 -8.63 30.33
C GLY D 74 -3.22 -9.69 29.39
N TYR D 75 -3.86 -9.23 28.32
CA TYR D 75 -4.48 -10.14 27.40
C TYR D 75 -3.42 -11.02 26.76
N LEU D 76 -2.30 -10.42 26.41
CA LEU D 76 -1.24 -11.13 25.70
C LEU D 76 -0.55 -12.14 26.61
N ALA D 77 -0.27 -11.74 27.85
CA ALA D 77 0.29 -12.66 28.84
C ALA D 77 -0.54 -13.94 28.89
N GLY D 78 -1.86 -13.79 28.97
CA GLY D 78 -2.78 -14.91 28.98
C GLY D 78 -2.67 -15.81 27.76
N CYS D 79 -2.74 -15.21 26.56
CA CYS D 79 -2.59 -15.95 25.31
C CYS D 79 -1.38 -16.87 25.33
N LEU D 80 -0.22 -16.31 25.66
CA LEU D 80 0.99 -17.09 25.64
C LEU D 80 0.95 -18.21 26.67
N VAL D 81 0.67 -17.90 27.93
CA VAL D 81 0.66 -18.96 28.95
C VAL D 81 -0.32 -20.05 28.58
N HIS D 82 -1.50 -19.67 28.13
CA HIS D 82 -2.53 -20.63 27.85
C HIS D 82 -2.15 -21.54 26.69
N ALA D 83 -1.46 -20.98 25.70
CA ALA D 83 -0.96 -21.76 24.57
C ALA D 83 0.16 -22.75 24.96
N LEU D 84 1.15 -22.28 25.71
CA LEU D 84 2.17 -23.16 26.27
C LEU D 84 1.52 -24.31 27.00
N GLY D 85 0.49 -24.01 27.77
CA GLY D 85 -0.28 -25.03 28.46
C GLY D 85 -0.88 -26.07 27.55
N GLU D 86 -1.61 -25.65 26.52
CA GLU D 86 -2.30 -26.62 25.71
C GLU D 86 -1.30 -27.53 25.00
N LYS D 87 -0.28 -26.95 24.37
CA LYS D 87 0.73 -27.72 23.62
C LYS D 87 1.56 -28.67 24.51
N GLN D 88 1.80 -28.31 25.77
CA GLN D 88 2.64 -29.10 26.67
C GLN D 88 2.01 -29.34 28.04
N PRO D 89 1.05 -30.28 28.12
CA PRO D 89 0.40 -30.55 29.41
C PRO D 89 1.40 -31.00 30.46
N GLU D 90 2.54 -31.55 30.03
CA GLU D 90 3.53 -32.07 30.96
C GLU D 90 4.12 -30.97 31.85
N LEU D 91 4.06 -29.74 31.38
CA LEU D 91 4.51 -28.58 32.17
C LEU D 91 3.56 -28.30 33.36
N GLN D 92 2.43 -28.96 33.38
CA GLN D 92 1.44 -28.79 34.45
C GLN D 92 1.16 -27.33 34.80
N ILE D 93 0.78 -26.58 33.76
CA ILE D 93 0.34 -25.19 33.93
C ILE D 93 -1.15 -25.13 34.31
N SER D 94 -1.43 -24.58 35.50
CA SER D 94 -2.79 -24.58 36.05
C SER D 94 -3.65 -23.35 35.73
N GLU D 95 -4.98 -23.49 35.88
CA GLU D 95 -5.90 -22.35 35.77
C GLU D 95 -5.49 -21.21 36.71
N ARG D 96 -4.82 -21.57 37.80
CA ARG D 96 -4.32 -20.63 38.77
C ARG D 96 -3.08 -19.93 38.26
N ASP D 97 -2.15 -20.70 37.70
CA ASP D 97 -0.93 -20.14 37.13
C ASP D 97 -1.26 -19.13 36.03
N VAL D 98 -2.31 -19.42 35.26
CA VAL D 98 -2.64 -18.53 34.16
C VAL D 98 -3.15 -17.19 34.68
N LEU D 99 -4.11 -17.23 35.60
CA LEU D 99 -4.69 -16.02 36.19
C LEU D 99 -3.63 -15.14 36.78
N CYS D 100 -2.64 -15.74 37.44
CA CYS D 100 -1.55 -14.96 38.01
C CYS D 100 -0.74 -14.23 36.95
N VAL D 101 -0.34 -14.93 35.89
CA VAL D 101 0.41 -14.28 34.84
C VAL D 101 -0.40 -13.14 34.24
N GLN D 102 -1.69 -13.38 34.01
CA GLN D 102 -2.53 -12.31 33.50
C GLN D 102 -2.53 -11.07 34.40
N ILE D 103 -2.80 -11.24 35.69
CA ILE D 103 -2.76 -10.11 36.63
C ILE D 103 -1.42 -9.38 36.65
N ALA D 104 -0.32 -10.12 36.52
CA ALA D 104 1.00 -9.49 36.47
C ALA D 104 1.16 -8.59 35.24
N GLY D 105 0.72 -9.08 34.08
CA GLY D 105 0.81 -8.33 32.84
C GLY D 105 -0.09 -7.12 32.96
N LEU D 106 -1.20 -7.33 33.65
CA LEU D 106 -2.22 -6.33 33.81
C LEU D 106 -1.73 -5.17 34.69
N CYS D 107 -0.84 -5.48 35.64
CA CYS D 107 -0.46 -4.52 36.66
C CYS D 107 0.97 -4.05 36.61
N HIS D 108 1.70 -4.48 35.59
CA HIS D 108 3.14 -4.22 35.55
C HIS D 108 3.43 -2.72 35.45
N ASP D 109 2.43 -1.94 35.04
CA ASP D 109 2.67 -0.52 34.76
C ASP D 109 1.91 0.41 35.71
N LEU D 110 1.33 -0.17 36.76
CA LEU D 110 0.61 0.58 37.77
C LEU D 110 1.43 1.72 38.35
N GLY D 111 2.73 1.51 38.44
CA GLY D 111 3.63 2.46 39.08
C GLY D 111 4.09 3.64 38.27
N HIS D 112 3.77 3.69 36.98
CA HIS D 112 4.22 4.79 36.14
C HIS D 112 3.62 6.07 36.65
N GLY D 113 4.39 7.15 36.63
CA GLY D 113 3.93 8.44 37.11
C GLY D 113 3.75 9.33 35.91
N PRO D 114 3.42 10.61 36.14
CA PRO D 114 3.08 11.57 35.06
C PRO D 114 4.00 11.45 33.84
N PHE D 115 3.43 11.21 32.66
CA PHE D 115 4.24 11.13 31.45
C PHE D 115 5.20 9.94 31.39
N SER D 116 4.82 8.86 32.06
CA SER D 116 5.55 7.60 31.99
C SER D 116 7.03 7.69 32.37
N HIS D 117 7.90 7.32 31.43
CA HIS D 117 9.33 7.18 31.71
C HIS D 117 10.02 8.48 32.05
N PHE D 119 9.32 10.44 34.26
CA PHE D 119 9.12 10.70 35.69
C PHE D 119 10.04 9.94 36.62
N ASP D 120 10.23 8.64 36.38
CA ASP D 120 11.17 7.91 37.21
C ASP D 120 12.56 8.03 36.58
N GLY D 121 12.56 8.30 35.28
CA GLY D 121 13.78 8.39 34.51
C GLY D 121 14.57 9.67 34.63
N ARG D 122 13.87 10.79 34.85
CA ARG D 122 14.53 12.09 34.91
C ARG D 122 14.10 13.02 36.06
N PHE D 123 12.80 13.19 36.27
CA PHE D 123 12.31 14.11 37.31
C PHE D 123 12.76 13.72 38.72
N ILE D 124 12.47 12.49 39.11
CA ILE D 124 12.78 12.03 40.45
C ILE D 124 14.28 12.07 40.71
N PRO D 125 15.09 11.66 39.74
CA PRO D 125 16.54 11.75 39.99
C PRO D 125 17.04 13.20 40.12
N LEU D 126 16.35 14.15 39.49
CA LEU D 126 16.71 15.56 39.64
C LEU D 126 16.12 16.16 40.91
N ALA D 127 14.86 15.83 41.17
CA ALA D 127 14.15 16.32 42.35
C ALA D 127 14.65 15.73 43.68
N ARG D 128 14.94 14.42 43.69
CA ARG D 128 15.40 13.70 44.89
C ARG D 128 16.50 12.70 44.56
N PRO D 129 17.73 13.21 44.34
CA PRO D 129 18.85 12.36 43.88
C PRO D 129 19.24 11.24 44.83
N GLU D 130 18.96 11.40 46.13
CA GLU D 130 19.34 10.41 47.12
C GLU D 130 18.52 9.11 47.03
N VAL D 131 17.24 9.23 46.68
CA VAL D 131 16.31 8.10 46.63
C VAL D 131 16.33 7.26 45.35
N LYS D 132 16.48 5.95 45.52
CA LYS D 132 16.45 5.00 44.42
C LYS D 132 15.00 4.66 44.14
N TRP D 133 14.45 5.20 43.06
CA TRP D 133 13.08 4.90 42.73
C TRP D 133 12.90 4.50 41.29
N THR D 134 12.18 3.40 41.12
CA THR D 134 11.97 2.79 39.83
C THR D 134 10.47 2.60 39.69
N HIS D 135 9.95 2.63 38.47
CA HIS D 135 8.50 2.53 38.32
C HIS D 135 7.95 1.16 38.66
N GLU D 136 8.79 0.14 38.67
CA GLU D 136 8.33 -1.21 38.98
C GLU D 136 8.14 -1.38 40.47
N GLN D 137 9.03 -0.79 41.26
CA GLN D 137 8.82 -0.71 42.69
C GLN D 137 7.42 -0.18 42.92
N GLY D 138 7.14 0.95 42.30
CA GLY D 138 5.85 1.61 42.40
C GLY D 138 4.68 0.75 41.97
N SER D 139 4.86 -0.04 40.91
CA SER D 139 3.83 -0.95 40.45
C SER D 139 3.55 -2.00 41.51
N VAL D 140 4.57 -2.35 42.29
CA VAL D 140 4.35 -3.34 43.32
C VAL D 140 3.63 -2.75 44.51
N PHE D 143 -0.04 -1.96 43.43
CA PHE D 143 -0.82 -3.19 43.33
C PHE D 143 -1.29 -3.70 44.70
N GLU D 144 -0.38 -3.73 45.66
CA GLU D 144 -0.68 -4.08 47.03
C GLU D 144 -1.79 -3.19 47.57
N HIS D 145 -1.65 -1.88 47.36
CA HIS D 145 -2.64 -0.90 47.77
C HIS D 145 -3.94 -1.05 47.02
N LEU D 146 -3.86 -1.44 45.76
CA LEU D 146 -5.06 -1.72 44.97
C LEU D 146 -5.86 -2.88 45.56
N ILE D 147 -5.24 -4.02 45.80
CA ILE D 147 -6.03 -5.16 46.26
C ILE D 147 -6.44 -5.00 47.71
N ASN D 148 -5.84 -4.03 48.40
CA ASN D 148 -6.19 -3.76 49.80
C ASN D 148 -7.36 -2.82 49.93
N SER D 149 -7.37 -1.81 49.07
CA SER D 149 -8.40 -0.78 49.08
C SER D 149 -9.69 -1.21 48.44
N ASN D 150 -9.68 -2.37 47.77
CA ASN D 150 -10.86 -2.88 47.07
C ASN D 150 -11.28 -4.31 47.45
N GLY D 151 -10.72 -4.83 48.55
CA GLY D 151 -11.02 -6.17 49.00
C GLY D 151 -11.02 -7.19 47.88
N ILE D 152 -9.94 -7.23 47.12
CA ILE D 152 -9.79 -8.18 46.03
C ILE D 152 -9.43 -9.55 46.58
N LYS D 153 -8.84 -9.58 47.77
CA LYS D 153 -8.32 -10.83 48.30
C LYS D 153 -9.42 -11.88 48.48
N PRO D 154 -10.52 -11.52 49.14
CA PRO D 154 -11.65 -12.46 49.17
C PRO D 154 -12.07 -12.94 47.77
N VAL D 155 -11.92 -12.08 46.77
CA VAL D 155 -12.31 -12.46 45.41
C VAL D 155 -11.27 -13.40 44.75
N GLU D 157 -9.48 -15.69 46.39
CA GLU D 157 -9.75 -16.96 47.04
C GLU D 157 -10.93 -17.62 46.37
N GLN D 158 -11.90 -16.79 45.97
CA GLN D 158 -13.12 -17.23 45.32
C GLN D 158 -12.81 -17.96 44.00
N TYR D 159 -11.73 -17.55 43.32
CA TYR D 159 -11.38 -18.10 42.00
C TYR D 159 -10.15 -19.03 42.00
N GLY D 160 -9.83 -19.58 43.16
CA GLY D 160 -8.81 -20.60 43.22
C GLY D 160 -7.41 -20.07 43.45
N LEU D 161 -7.31 -18.80 43.79
CA LEU D 161 -6.00 -18.23 44.08
C LEU D 161 -5.65 -18.36 45.57
N ILE D 162 -4.35 -18.46 45.86
CA ILE D 162 -3.88 -18.54 47.23
C ILE D 162 -3.13 -17.25 47.57
N PRO D 163 -3.88 -16.22 47.99
CA PRO D 163 -3.39 -14.84 48.17
C PRO D 163 -1.95 -14.76 48.70
N GLU D 164 -1.62 -15.53 49.74
CA GLU D 164 -0.26 -15.50 50.28
C GLU D 164 0.75 -15.83 49.17
N GLU D 165 0.68 -17.05 48.63
CA GLU D 165 1.62 -17.53 47.63
C GLU D 165 1.60 -16.75 46.31
N ASP D 166 0.40 -16.40 45.86
CA ASP D 166 0.23 -15.81 44.54
C ASP D 166 0.50 -14.32 44.49
N ILE D 167 0.08 -13.58 45.49
CA ILE D 167 0.41 -12.15 45.52
C ILE D 167 1.92 -12.03 45.43
N CYS D 168 2.63 -12.87 46.17
CA CYS D 168 4.08 -12.93 46.02
C CYS D 168 4.49 -13.17 44.55
N PHE D 169 3.92 -14.21 43.96
CA PHE D 169 4.21 -14.55 42.58
C PHE D 169 3.97 -13.38 41.62
N ILE D 170 2.84 -12.72 41.77
CA ILE D 170 2.53 -11.59 40.93
C ILE D 170 3.53 -10.47 41.09
N LYS D 171 3.82 -10.06 42.31
CA LYS D 171 4.78 -8.98 42.52
C LYS D 171 6.12 -9.37 41.94
N GLU D 172 6.50 -10.63 42.12
CA GLU D 172 7.78 -11.11 41.62
C GLU D 172 7.93 -11.02 40.10
N GLN D 173 6.88 -11.36 39.36
CA GLN D 173 7.02 -11.24 37.92
C GLN D 173 6.93 -9.80 37.42
N ILE D 174 6.69 -8.87 38.34
CA ILE D 174 6.66 -7.46 38.00
C ILE D 174 7.97 -6.78 38.34
N VAL D 175 8.64 -7.26 39.39
CA VAL D 175 9.83 -6.56 39.86
C VAL D 175 11.02 -7.49 40.01
N GLY D 176 10.84 -8.75 39.70
CA GLY D 176 11.90 -9.71 39.92
C GLY D 176 12.04 -10.05 41.39
N PRO D 177 13.06 -10.85 41.74
CA PRO D 177 13.20 -11.35 43.10
C PRO D 177 13.13 -10.21 44.10
N LEU D 178 12.40 -10.39 45.20
CA LEU D 178 12.30 -9.36 46.25
C LEU D 178 13.37 -9.56 47.35
N LEU D 186 21.43 -21.03 43.79
CA LEU D 186 20.12 -21.05 44.46
C LEU D 186 19.05 -20.32 43.63
N TRP D 187 17.78 -20.63 43.88
CA TRP D 187 16.67 -20.15 43.06
C TRP D 187 15.94 -19.01 43.75
N PRO D 188 16.07 -17.80 43.17
CA PRO D 188 15.66 -16.51 43.76
C PRO D 188 14.21 -16.43 44.18
N TYR D 189 13.29 -17.01 43.42
CA TYR D 189 11.87 -16.72 43.61
C TYR D 189 11.18 -17.56 44.69
N LYS D 190 10.18 -16.96 45.34
CA LYS D 190 9.42 -17.64 46.39
C LYS D 190 7.97 -17.92 45.97
N GLY D 191 7.55 -17.30 44.86
CA GLY D 191 6.17 -17.44 44.41
C GLY D 191 5.86 -18.74 43.67
N ARG D 192 6.84 -19.24 42.93
CA ARG D 192 6.72 -20.53 42.23
C ARG D 192 8.02 -21.29 42.33
N PRO D 193 7.94 -22.63 42.28
CA PRO D 193 9.12 -23.50 42.32
C PRO D 193 9.90 -23.36 41.03
N GLU D 194 11.12 -23.87 41.00
CA GLU D 194 12.00 -23.67 39.87
C GLU D 194 11.52 -24.40 38.60
N ASN D 195 10.66 -25.40 38.79
CA ASN D 195 10.21 -26.23 37.67
C ASN D 195 9.13 -25.53 36.85
N LYS D 196 8.65 -24.41 37.37
CA LYS D 196 7.73 -23.57 36.63
C LYS D 196 8.39 -22.22 36.41
N SER D 197 9.70 -22.24 36.24
CA SER D 197 10.52 -21.04 36.08
C SER D 197 10.22 -20.26 34.81
N PHE D 198 9.73 -20.95 33.79
CA PHE D 198 9.48 -20.31 32.50
C PHE D 198 8.40 -19.25 32.62
N LEU D 199 7.52 -19.37 33.62
CA LEU D 199 6.47 -18.37 33.83
C LEU D 199 7.03 -16.99 34.15
N TYR D 200 8.28 -16.96 34.57
CA TYR D 200 8.91 -15.70 34.95
C TYR D 200 9.52 -14.97 33.76
N GLU D 201 9.33 -15.50 32.56
CA GLU D 201 9.87 -14.88 31.37
C GLU D 201 8.78 -14.40 30.41
N ILE D 202 7.54 -14.36 30.88
CA ILE D 202 6.44 -13.98 30.02
C ILE D 202 6.14 -12.48 30.03
N VAL D 203 5.97 -11.91 31.20
CA VAL D 203 5.66 -10.48 31.30
C VAL D 203 6.93 -9.60 31.27
N SER D 204 7.91 -9.91 32.11
CA SER D 204 9.16 -9.18 32.08
C SER D 204 10.32 -10.13 31.84
N ASN D 205 11.02 -9.94 30.73
CA ASN D 205 12.20 -10.73 30.43
C ASN D 205 13.41 -9.84 30.19
N LYS D 206 14.16 -9.57 31.25
CA LYS D 206 15.33 -8.71 31.16
C LYS D 206 16.47 -9.36 30.36
N ARG D 207 16.59 -10.68 30.45
CA ARG D 207 17.64 -11.42 29.74
C ARG D 207 17.54 -11.30 28.21
N ASN D 208 16.53 -11.94 27.62
CA ASN D 208 16.46 -12.05 26.16
C ASN D 208 15.68 -10.93 25.48
N GLY D 209 15.26 -9.94 26.26
CA GLY D 209 14.52 -8.81 25.73
C GLY D 209 13.09 -9.10 25.29
N ILE D 210 12.80 -10.37 24.97
CA ILE D 210 11.48 -10.79 24.48
C ILE D 210 10.43 -11.10 25.57
N ASP D 211 9.49 -10.19 25.75
CA ASP D 211 8.35 -10.45 26.61
C ASP D 211 7.10 -9.91 25.95
N VAL D 212 5.94 -10.30 26.48
CA VAL D 212 4.67 -9.85 25.89
C VAL D 212 4.46 -8.35 26.15
N ASP D 213 5.19 -7.82 27.12
CA ASP D 213 5.16 -6.39 27.34
C ASP D 213 5.56 -5.66 26.08
N LYS D 214 6.76 -5.94 25.60
CA LYS D 214 7.26 -5.26 24.43
C LYS D 214 6.40 -5.56 23.24
N TRP D 215 5.84 -6.77 23.14
CA TRP D 215 5.06 -7.07 21.95
C TRP D 215 3.93 -6.10 21.78
N ASP D 216 3.23 -5.81 22.89
CA ASP D 216 2.11 -4.91 22.83
C ASP D 216 2.52 -3.52 22.48
N TYR D 217 3.49 -2.97 23.21
CA TYR D 217 3.85 -1.59 22.89
C TYR D 217 4.61 -1.38 21.57
N PHE D 218 5.26 -2.41 21.05
CA PHE D 218 5.74 -2.36 19.68
C PHE D 218 4.57 -2.20 18.69
N ALA D 219 3.56 -3.05 18.84
CA ALA D 219 2.35 -2.99 18.03
C ALA D 219 1.64 -1.63 18.08
N ARG D 220 1.36 -1.10 19.28
CA ARG D 220 0.66 0.18 19.34
C ARG D 220 1.52 1.42 19.15
N ASP D 221 2.80 1.36 19.48
CA ASP D 221 3.58 2.54 19.22
C ASP D 221 3.72 2.73 17.72
N CYS D 222 3.73 1.61 16.99
CA CYS D 222 3.75 1.64 15.53
C CYS D 222 2.42 2.06 15.00
N HIS D 223 1.36 1.56 15.63
CA HIS D 223 0.01 1.83 15.17
C HIS D 223 -0.38 3.30 15.25
N HIS D 224 0.25 4.03 16.18
CA HIS D 224 -0.08 5.43 16.40
C HIS D 224 0.96 6.33 15.81
N LEU D 225 2.15 5.80 15.61
CA LEU D 225 3.26 6.57 15.03
C LEU D 225 3.27 6.49 13.51
N GLY D 226 2.45 5.59 12.96
CA GLY D 226 2.42 5.32 11.52
C GLY D 226 3.70 4.66 11.02
N ILE D 227 4.19 3.69 11.79
CA ILE D 227 5.41 2.98 11.47
C ILE D 227 5.04 1.56 11.06
N GLN D 228 5.74 1.03 10.08
CA GLN D 228 5.49 -0.32 9.63
C GLN D 228 5.98 -1.30 10.70
N ASN D 229 5.10 -2.19 11.14
CA ASN D 229 5.50 -3.22 12.10
C ASN D 229 5.24 -4.58 11.51
N ASN D 230 6.31 -5.32 11.25
CA ASN D 230 6.18 -6.59 10.57
C ASN D 230 6.26 -7.82 11.43
N PHE D 231 6.45 -7.61 12.73
CA PHE D 231 6.48 -8.72 13.68
C PHE D 231 5.08 -9.28 13.86
N ASP D 232 4.99 -10.60 13.90
CA ASP D 232 3.69 -11.22 14.04
C ASP D 232 3.68 -12.07 15.28
N TYR D 233 3.21 -11.49 16.38
CA TYR D 233 3.26 -12.19 17.65
C TYR D 233 2.36 -13.44 17.66
N LYS D 234 1.29 -13.43 16.88
CA LYS D 234 0.39 -14.57 16.89
C LYS D 234 1.11 -15.80 16.38
N ARG D 235 1.85 -15.63 15.30
CA ARG D 235 2.62 -16.69 14.68
C ARG D 235 3.64 -17.19 15.68
N PHE D 236 4.32 -16.23 16.30
CA PHE D 236 5.34 -16.52 17.30
C PHE D 236 4.79 -17.33 18.47
N ILE D 237 3.63 -16.91 18.97
CA ILE D 237 2.94 -17.61 20.04
C ILE D 237 2.56 -19.03 19.65
N LYS D 238 2.06 -19.19 18.43
CA LYS D 238 1.68 -20.49 17.96
C LYS D 238 2.88 -21.44 17.93
N PHE D 239 4.07 -20.93 17.62
CA PHE D 239 5.24 -21.81 17.48
C PHE D 239 6.17 -21.77 18.68
N ALA D 240 5.70 -21.26 19.81
CA ALA D 240 6.54 -21.20 21.00
C ALA D 240 6.48 -22.50 21.80
N ARG D 241 7.55 -22.81 22.52
CA ARG D 241 7.58 -23.99 23.38
C ARG D 241 8.55 -23.78 24.53
N VAL D 242 8.37 -24.56 25.59
CA VAL D 242 9.30 -24.62 26.71
C VAL D 242 10.32 -25.75 26.47
N CYS D 243 11.58 -25.51 26.78
CA CYS D 243 12.59 -26.57 26.66
C CYS D 243 13.88 -26.28 27.45
N GLU D 244 14.59 -27.34 27.81
CA GLU D 244 15.79 -27.26 28.66
C GLU D 244 16.97 -26.53 27.99
N VAL D 245 17.46 -25.50 28.69
CA VAL D 245 18.63 -24.74 28.24
C VAL D 245 19.63 -24.59 29.38
N ASP D 246 20.65 -25.46 29.40
CA ASP D 246 21.59 -25.55 30.50
C ASP D 246 20.84 -25.92 31.77
N ASN D 247 20.22 -27.11 31.75
CA ASN D 247 19.34 -27.58 32.84
C ASN D 247 18.42 -26.50 33.44
N GLU D 248 17.99 -25.54 32.61
CA GLU D 248 17.03 -24.52 33.04
C GLU D 248 15.90 -24.39 32.01
N LEU D 249 14.65 -24.43 32.49
CA LEU D 249 13.47 -24.31 31.62
C LEU D 249 13.27 -22.90 31.03
N ARG D 250 13.31 -22.81 29.70
CA ARG D 250 13.12 -21.53 29.02
C ARG D 250 12.10 -21.63 27.91
N ILE D 251 11.60 -20.48 27.49
CA ILE D 251 10.67 -20.38 26.36
C ILE D 251 11.49 -20.26 25.09
N CYS D 252 11.39 -21.25 24.20
CA CYS D 252 12.13 -21.24 22.95
C CYS D 252 11.22 -21.05 21.74
N ALA D 253 11.82 -20.64 20.62
CA ALA D 253 11.10 -20.44 19.38
C ALA D 253 11.58 -21.40 18.31
N ARG D 254 10.65 -21.96 17.56
CA ARG D 254 10.98 -22.79 16.40
C ARG D 254 12.01 -22.10 15.52
N ASP D 255 13.01 -22.86 15.05
CA ASP D 255 14.04 -22.31 14.17
C ASP D 255 13.48 -21.62 12.89
N LYS D 256 12.41 -22.18 12.33
CA LYS D 256 11.77 -21.62 11.14
C LYS D 256 10.98 -20.35 11.45
N GLU D 257 11.27 -19.73 12.59
CA GLU D 257 10.53 -18.57 13.04
C GLU D 257 11.49 -17.40 13.20
N VAL D 258 12.70 -17.60 12.69
CA VAL D 258 13.77 -16.62 12.84
C VAL D 258 13.58 -15.37 11.95
N GLY D 259 12.91 -15.55 10.82
CA GLY D 259 12.61 -14.44 9.94
C GLY D 259 11.59 -13.52 10.57
N ASN D 260 10.74 -14.09 11.41
CA ASN D 260 9.78 -13.31 12.18
C ASN D 260 10.47 -12.60 13.34
N LEU D 261 11.49 -13.24 13.90
CA LEU D 261 12.25 -12.60 14.95
C LEU D 261 13.06 -11.42 14.41
N TYR D 262 13.67 -11.57 13.24
CA TYR D 262 14.33 -10.44 12.62
C TYR D 262 13.36 -9.28 12.49
N ASP D 263 12.14 -9.56 12.05
CA ASP D 263 11.14 -8.52 11.79
C ASP D 263 10.79 -7.77 13.07
N PHE D 265 12.96 -7.32 15.98
CA PHE D 265 14.13 -6.48 16.29
C PHE D 265 14.33 -5.29 15.36
N HIS D 266 13.94 -5.45 14.10
CA HIS D 266 14.00 -4.34 13.17
C HIS D 266 13.00 -3.26 13.59
N THR D 267 11.86 -3.70 14.09
CA THR D 267 10.83 -2.80 14.60
C THR D 267 11.29 -2.13 15.88
N ARG D 268 11.83 -2.92 16.81
CA ARG D 268 12.41 -2.34 18.01
C ARG D 268 13.39 -1.24 17.62
N ASN D 269 14.32 -1.55 16.72
CA ASN D 269 15.31 -0.55 16.33
C ASN D 269 14.69 0.67 15.66
N SER D 270 13.59 0.47 14.95
CA SER D 270 12.94 1.59 14.28
C SER D 270 12.20 2.55 15.23
N LEU D 271 11.39 1.99 16.16
CA LEU D 271 10.76 2.79 17.21
C LEU D 271 11.82 3.55 18.00
N HIS D 272 12.94 2.92 18.33
CA HIS D 272 14.03 3.62 19.00
C HIS D 272 14.71 4.71 18.17
N ARG D 273 15.30 4.37 17.03
CA ARG D 273 15.99 5.37 16.22
C ARG D 273 15.05 6.54 15.84
N ARG D 274 13.82 6.23 15.46
CA ARG D 274 12.97 7.24 14.85
C ARG D 274 11.98 7.96 15.78
N ALA D 275 11.66 7.38 16.94
CA ALA D 275 10.64 7.95 17.85
C ALA D 275 11.07 8.15 19.31
N TYR D 276 11.51 7.11 19.99
CA TYR D 276 11.91 7.26 21.36
C TYR D 276 13.13 8.16 21.54
N GLN D 277 13.93 8.34 20.48
CA GLN D 277 15.16 9.15 20.61
C GLN D 277 15.08 10.47 19.87
N HIS D 278 13.87 10.74 19.36
CA HIS D 278 13.56 11.92 18.58
C HIS D 278 14.08 13.22 19.21
N LYS D 279 14.92 13.96 18.47
CA LYS D 279 15.59 15.15 18.99
C LYS D 279 14.68 16.12 19.75
N VAL D 280 13.63 16.60 19.08
CA VAL D 280 12.75 17.60 19.68
C VAL D 280 11.84 16.94 20.70
N GLY D 281 11.55 15.68 20.47
CA GLY D 281 10.69 14.95 21.38
C GLY D 281 11.27 14.91 22.77
N ASN D 282 12.56 14.61 22.87
CA ASN D 282 13.19 14.52 24.18
C ASN D 282 13.48 15.91 24.74
N ILE D 283 13.61 16.90 23.88
CA ILE D 283 13.81 18.26 24.35
C ILE D 283 12.58 18.65 25.13
N ILE D 284 11.44 18.61 24.48
CA ILE D 284 10.18 18.85 25.16
C ILE D 284 10.09 18.07 26.49
N ASP D 285 10.52 16.82 26.52
CA ASP D 285 10.41 16.07 27.77
C ASP D 285 11.16 16.74 28.91
N THR D 286 12.30 17.33 28.62
CA THR D 286 13.12 17.94 29.67
C THR D 286 12.63 19.32 30.07
N ILE D 288 9.20 19.97 30.20
CA ILE D 288 8.15 19.55 31.09
C ILE D 288 8.73 19.18 32.44
N THR D 289 9.89 18.54 32.45
CA THR D 289 10.56 18.22 33.71
C THR D 289 11.04 19.49 34.39
N ASP D 290 11.48 20.48 33.61
CA ASP D 290 11.92 21.75 34.20
C ASP D 290 10.75 22.54 34.80
N ALA D 291 9.59 22.40 34.19
CA ALA D 291 8.36 22.94 34.73
C ALA D 291 8.00 22.27 36.05
N PHE D 292 7.93 20.95 36.09
CA PHE D 292 7.61 20.28 37.34
C PHE D 292 8.55 20.67 38.45
N LEU D 293 9.85 20.67 38.17
CA LEU D 293 10.79 21.06 39.20
C LEU D 293 10.51 22.47 39.71
N LYS D 294 10.30 23.45 38.82
CA LYS D 294 10.05 24.82 39.28
C LYS D 294 8.68 24.96 39.91
N ALA D 295 7.96 23.86 40.02
CA ALA D 295 6.62 23.88 40.57
C ALA D 295 6.49 22.96 41.78
N ASP D 296 7.55 22.21 42.07
CA ASP D 296 7.47 21.13 43.04
C ASP D 296 7.11 21.61 44.43
N ASP D 297 7.66 22.78 44.79
CA ASP D 297 7.40 23.40 46.08
C ASP D 297 5.94 23.81 46.28
N TYR D 298 5.26 24.18 45.19
CA TYR D 298 4.00 24.89 45.32
C TYR D 298 2.71 24.13 44.98
N ILE D 299 2.83 22.88 44.53
CA ILE D 299 1.65 22.05 44.26
C ILE D 299 1.51 21.04 45.38
N GLU D 300 0.37 21.01 46.05
CA GLU D 300 0.12 20.03 47.11
C GLU D 300 -0.81 18.93 46.63
N ILE D 301 -0.41 17.68 46.84
CA ILE D 301 -1.22 16.50 46.52
C ILE D 301 -1.70 15.89 47.84
N THR D 302 -2.97 15.55 47.93
CA THR D 302 -3.46 15.07 49.22
C THR D 302 -3.40 13.55 49.38
N GLY D 303 -2.70 13.11 50.42
CA GLY D 303 -2.52 11.69 50.65
C GLY D 303 -3.39 11.09 51.76
N ALA D 304 -2.93 9.96 52.30
CA ALA D 304 -3.66 9.25 53.33
C ALA D 304 -3.66 10.08 54.59
N GLY D 305 -4.80 10.10 55.28
CA GLY D 305 -4.93 10.77 56.57
C GLY D 305 -5.24 12.24 56.45
N GLY D 306 -4.92 12.82 55.30
CA GLY D 306 -5.10 14.24 55.06
C GLY D 306 -3.77 14.88 54.74
N LYS D 307 -2.69 14.15 55.07
CA LYS D 307 -1.34 14.64 54.88
C LYS D 307 -1.14 15.17 53.45
N LYS D 308 -0.32 16.21 53.31
CA LYS D 308 -0.07 16.76 51.98
C LYS D 308 1.34 16.41 51.50
N TYR D 309 1.44 16.08 50.21
CA TYR D 309 2.71 15.72 49.59
C TYR D 309 3.03 16.65 48.42
N ARG D 310 4.28 16.64 47.99
CA ARG D 310 4.67 17.33 46.77
C ARG D 310 4.70 16.36 45.59
N ILE D 311 4.74 16.90 44.38
CA ILE D 311 4.89 16.05 43.22
C ILE D 311 5.98 15.02 43.44
N SER D 312 7.18 15.47 43.79
CA SER D 312 8.34 14.59 43.93
C SER D 312 8.23 13.63 45.10
N THR D 313 7.29 13.90 45.99
CA THR D 313 7.26 13.21 47.25
C THR D 313 6.02 12.36 47.40
N ALA D 314 5.09 12.51 46.44
CA ALA D 314 3.87 11.71 46.47
C ALA D 314 4.18 10.23 46.32
N ILE D 315 5.39 9.91 45.86
CA ILE D 315 5.79 8.50 45.72
C ILE D 315 5.97 7.83 47.06
N ASP D 316 5.84 8.59 48.14
CA ASP D 316 6.00 8.03 49.47
C ASP D 316 4.67 7.50 50.03
N ASP D 317 3.56 7.89 49.42
CA ASP D 317 2.24 7.44 49.87
C ASP D 317 1.31 7.12 48.70
N GLU D 319 -1.89 6.68 48.44
CA GLU D 319 -3.14 7.44 48.40
C GLU D 319 -2.98 8.67 47.52
N ALA D 320 -1.89 9.40 47.72
CA ALA D 320 -1.58 10.59 46.94
C ALA D 320 -1.11 10.23 45.55
N TYR D 321 -0.19 9.27 45.46
CA TYR D 321 0.31 8.87 44.15
C TYR D 321 -0.84 8.53 43.23
N THR D 322 -1.88 7.88 43.77
CA THR D 322 -3.05 7.59 42.95
C THR D 322 -3.57 8.83 42.24
N LYS D 323 -3.37 9.99 42.82
CA LYS D 323 -3.93 11.19 42.23
C LYS D 323 -2.92 12.01 41.45
N LEU D 324 -1.73 11.44 41.26
CA LEU D 324 -0.65 12.08 40.52
C LEU D 324 -0.60 11.53 39.09
N THR D 325 -1.16 12.29 38.16
CA THR D 325 -1.31 11.86 36.77
C THR D 325 -0.89 13.00 35.86
N ASP D 326 -1.34 12.98 34.62
CA ASP D 326 -0.93 13.98 33.63
C ASP D 326 -1.65 15.27 33.92
N ASN D 327 -2.68 15.17 34.73
CA ASN D 327 -3.42 16.34 35.19
C ASN D 327 -2.51 17.45 35.74
N ILE D 328 -1.47 17.05 36.43
CA ILE D 328 -0.57 17.98 37.08
C ILE D 328 0.00 19.02 36.11
N PHE D 329 0.12 18.60 34.85
CA PHE D 329 0.57 19.50 33.78
C PHE D 329 -0.40 20.69 33.60
N LEU D 330 -1.69 20.39 33.41
CA LEU D 330 -2.70 21.43 33.21
C LEU D 330 -2.96 22.24 34.47
N GLU D 331 -2.79 21.61 35.63
CA GLU D 331 -2.96 22.30 36.89
C GLU D 331 -1.99 23.48 36.97
N ILE D 332 -0.75 23.24 36.56
CA ILE D 332 0.24 24.31 36.41
C ILE D 332 -0.13 25.28 35.29
N LEU D 333 -0.43 24.73 34.11
CA LEU D 333 -0.72 25.58 32.96
C LEU D 333 -1.84 26.59 33.21
N TYR D 334 -2.88 26.15 33.91
CA TYR D 334 -4.06 26.97 34.13
C TYR D 334 -3.96 27.78 35.39
N SER D 335 -2.93 27.51 36.19
CA SER D 335 -2.77 28.17 37.48
C SER D 335 -2.74 29.69 37.37
N THR D 336 -3.13 30.35 38.46
CA THR D 336 -3.10 31.82 38.55
C THR D 336 -2.15 32.29 39.63
N ASP D 337 -1.65 31.33 40.41
CA ASP D 337 -0.72 31.61 41.49
C ASP D 337 0.54 32.27 40.97
N PRO D 338 0.97 33.35 41.63
CA PRO D 338 2.21 34.01 41.24
C PRO D 338 3.43 33.20 41.63
N LYS D 339 3.31 32.34 42.64
CA LYS D 339 4.39 31.43 43.02
C LYS D 339 4.70 30.51 41.84
N LEU D 340 3.66 30.08 41.13
CA LEU D 340 3.81 29.19 40.00
C LEU D 340 4.00 29.92 38.67
N LYS D 341 4.41 31.17 38.68
CA LYS D 341 4.60 31.89 37.43
C LYS D 341 5.77 31.33 36.63
N ASP D 342 6.86 30.99 37.32
CA ASP D 342 8.05 30.46 36.66
C ASP D 342 7.72 29.17 35.89
N ALA D 343 7.02 28.25 36.54
CA ALA D 343 6.62 27.00 35.91
C ALA D 343 5.69 27.26 34.74
N ARG D 344 4.63 28.00 34.98
CA ARG D 344 3.67 28.34 33.92
C ARG D 344 4.40 28.80 32.67
N GLU D 345 5.44 29.59 32.85
CA GLU D 345 6.06 30.22 31.69
C GLU D 345 6.72 29.21 30.78
N ILE D 346 7.30 28.16 31.37
CA ILE D 346 7.90 27.11 30.60
C ILE D 346 6.84 26.30 29.86
N LEU D 347 5.74 25.97 30.55
CA LEU D 347 4.70 25.22 29.87
C LEU D 347 4.12 26.08 28.77
N LYS D 348 4.24 27.39 28.92
CA LYS D 348 3.74 28.27 27.87
C LYS D 348 4.75 28.38 26.74
N GLN D 349 6.02 28.18 27.07
CA GLN D 349 7.05 28.06 26.03
C GLN D 349 6.68 26.97 25.04
N ILE D 350 6.17 25.87 25.55
CA ILE D 350 5.83 24.74 24.72
C ILE D 350 4.65 24.98 23.78
N GLU D 351 3.60 25.63 24.25
CA GLU D 351 2.46 25.89 23.36
C GLU D 351 2.85 26.79 22.21
N TYR D 352 3.75 27.73 22.49
CA TYR D 352 4.26 28.67 21.49
C TYR D 352 5.38 28.08 20.66
N ARG D 353 5.99 27.03 21.18
CA ARG D 353 7.06 26.35 20.48
C ARG D 353 8.36 27.13 20.51
N ASN D 354 8.61 27.88 21.56
CA ASN D 354 9.94 28.41 21.79
C ASN D 354 10.67 27.40 22.66
N LEU D 355 11.17 26.34 22.03
CA LEU D 355 11.78 25.24 22.75
C LEU D 355 13.22 25.55 23.16
N PHE D 356 13.76 24.81 24.13
CA PHE D 356 15.20 24.86 24.40
C PHE D 356 15.91 24.52 23.10
N LYS D 357 17.13 25.03 22.96
CA LYS D 357 17.90 24.79 21.75
C LYS D 357 18.89 23.60 21.91
N TYR D 358 18.92 22.76 20.89
CA TYR D 358 19.80 21.61 20.85
C TYR D 358 21.22 22.13 20.68
N VAL D 359 22.13 21.61 21.49
CA VAL D 359 23.53 22.00 21.41
C VAL D 359 24.43 20.88 20.88
N GLY D 360 24.09 19.63 21.15
CA GLY D 360 24.91 18.54 20.65
C GLY D 360 24.76 17.24 21.38
N GLU D 361 25.42 16.21 20.85
CA GLU D 361 25.31 14.86 21.38
C GLU D 361 26.69 14.22 21.48
N THR D 362 26.88 13.48 22.55
CA THR D 362 28.11 12.72 22.80
C THR D 362 27.69 11.44 23.50
N GLN D 363 28.59 10.47 23.56
CA GLN D 363 28.35 9.30 24.39
C GLN D 363 29.62 8.89 25.11
N PRO D 364 29.48 8.26 26.27
CA PRO D 364 30.67 7.89 27.02
C PRO D 364 31.41 6.73 26.36
N THR D 365 32.69 6.92 26.07
CA THR D 365 33.54 5.83 25.62
C THR D 365 33.72 4.85 26.76
N GLY D 366 34.00 3.59 26.42
CA GLY D 366 34.23 2.56 27.41
C GLY D 366 32.95 1.97 27.96
N GLN D 367 33.03 1.48 29.19
CA GLN D 367 31.91 0.79 29.83
C GLN D 367 30.97 1.76 30.53
N ILE D 368 31.53 2.85 31.05
CA ILE D 368 30.80 3.69 32.03
C ILE D 368 29.46 4.26 31.57
N LYS D 369 28.53 4.26 32.50
CA LYS D 369 27.28 4.91 32.30
C LYS D 369 27.15 5.95 33.40
N ILE D 370 26.88 7.18 32.99
CA ILE D 370 26.48 8.20 33.94
C ILE D 370 25.33 7.64 34.79
N LYS D 371 25.58 7.58 36.10
CA LYS D 371 24.60 7.03 37.03
C LYS D 371 23.52 8.07 37.31
N ARG D 372 22.33 7.57 37.63
CA ARG D 372 21.15 8.41 37.89
C ARG D 372 21.36 9.45 38.99
N GLU D 373 22.20 9.12 39.97
CA GLU D 373 22.43 10.01 41.10
C GLU D 373 23.24 11.22 40.68
N ASP D 374 23.88 11.12 39.52
CA ASP D 374 24.77 12.17 39.03
C ASP D 374 24.07 13.21 38.17
N TYR D 375 22.80 12.96 37.83
CA TYR D 375 22.12 13.87 36.89
C TYR D 375 22.10 15.32 37.38
N GLU D 376 21.75 15.56 38.64
CA GLU D 376 21.60 16.92 39.16
C GLU D 376 22.85 17.77 38.97
N SER D 377 24.00 17.13 38.96
CA SER D 377 25.28 17.84 38.95
C SER D 377 25.83 18.16 37.56
N LEU D 378 25.33 17.45 36.55
CA LEU D 378 25.85 17.58 35.20
C LEU D 378 25.88 19.01 34.66
N PRO D 379 24.77 19.75 34.81
CA PRO D 379 24.85 21.13 34.32
C PRO D 379 25.91 21.97 35.07
N LYS D 380 26.07 21.79 36.38
CA LYS D 380 27.12 22.50 37.08
C LYS D 380 28.48 22.21 36.45
N GLU D 381 28.70 20.95 36.06
CA GLU D 381 29.95 20.55 35.39
C GLU D 381 30.18 21.25 34.06
N VAL D 382 29.23 21.11 33.14
CA VAL D 382 29.35 21.74 31.83
C VAL D 382 29.70 23.20 31.97
N ALA D 383 28.91 23.91 32.76
CA ALA D 383 29.08 25.34 32.94
C ALA D 383 30.43 25.71 33.56
N SER D 384 31.12 24.72 34.12
CA SER D 384 32.42 24.98 34.76
C SER D 384 33.58 24.63 33.84
N ALA D 385 33.27 24.24 32.61
CA ALA D 385 34.32 23.84 31.67
C ALA D 385 34.95 25.03 30.98
N LYS D 386 36.18 25.37 31.36
CA LYS D 386 36.94 26.42 30.70
C LYS D 386 37.26 26.00 29.27
N PRO D 387 36.62 26.63 28.27
CA PRO D 387 36.94 26.37 26.86
C PRO D 387 38.29 27.01 26.44
N LYS D 388 38.90 26.46 25.40
CA LYS D 388 40.22 26.90 24.94
C LYS D 388 40.20 28.36 24.53
N ASP D 392 33.47 34.90 24.86
CA ASP D 392 32.66 36.09 24.58
C ASP D 392 31.60 36.35 25.67
N VAL D 393 30.69 35.40 25.80
CA VAL D 393 29.56 35.39 26.73
C VAL D 393 29.78 34.33 27.81
N LYS D 394 29.41 34.62 29.05
CA LYS D 394 29.48 33.62 30.12
C LYS D 394 28.11 32.96 30.37
N LEU D 395 28.12 31.64 30.57
CA LEU D 395 26.90 30.91 30.85
C LEU D 395 26.93 30.25 32.24
N LYS D 396 25.77 30.20 32.89
CA LYS D 396 25.66 29.58 34.21
C LYS D 396 24.92 28.23 34.13
N ALA D 397 25.07 27.41 35.16
CA ALA D 397 24.46 26.08 35.17
C ALA D 397 22.97 26.14 34.84
N GLU D 398 22.28 27.16 35.33
CA GLU D 398 20.86 27.30 35.05
C GLU D 398 20.55 27.34 33.55
N ASP D 399 21.55 27.60 32.70
CA ASP D 399 21.30 27.75 31.26
C ASP D 399 21.42 26.47 30.46
N PHE D 400 21.87 25.41 31.10
CA PHE D 400 22.09 24.14 30.43
C PHE D 400 21.13 23.07 30.92
N ILE D 401 20.54 22.34 29.99
CA ILE D 401 19.83 21.13 30.35
C ILE D 401 20.61 20.00 29.72
N VAL D 402 21.02 19.02 30.51
CA VAL D 402 21.65 17.84 29.92
C VAL D 402 20.80 16.62 30.22
N ASP D 403 20.38 15.91 29.19
CA ASP D 403 19.68 14.66 29.45
C ASP D 403 20.39 13.42 28.95
N VAL D 404 20.40 12.43 29.83
CA VAL D 404 20.93 11.12 29.54
C VAL D 404 19.79 10.29 28.99
N ILE D 405 20.10 9.50 27.97
CA ILE D 405 19.13 8.73 27.23
C ILE D 405 19.66 7.30 27.16
N ASN D 406 18.93 6.33 27.70
CA ASN D 406 19.39 4.94 27.71
C ASN D 406 18.34 3.98 27.14
N ASP D 418 19.68 -11.07 20.27
CA ASP D 418 20.22 -12.07 19.35
C ASP D 418 20.56 -13.40 20.08
N HIS D 419 20.62 -13.34 21.41
CA HIS D 419 20.79 -14.51 22.27
C HIS D 419 19.45 -15.09 22.72
N VAL D 420 18.62 -15.44 21.75
CA VAL D 420 17.36 -16.13 22.00
C VAL D 420 17.58 -17.61 21.74
N SER D 421 16.82 -18.47 22.40
CA SER D 421 17.02 -19.90 22.23
C SER D 421 16.01 -20.55 21.26
N PHE D 422 16.51 -21.47 20.44
CA PHE D 422 15.69 -22.09 19.39
C PHE D 422 15.51 -23.60 19.54
N TYR D 423 14.58 -24.16 18.77
CA TYR D 423 14.42 -25.61 18.73
C TYR D 423 14.05 -26.07 17.33
N CYS D 424 14.40 -27.31 16.98
CA CYS D 424 14.02 -27.91 15.70
C CYS D 424 12.89 -28.92 15.89
N LYS D 425 11.96 -28.98 14.94
CA LYS D 425 10.81 -29.88 15.04
C LYS D 425 11.25 -31.28 15.47
N GLU D 449 23.75 2.31 23.66
CA GLU D 449 23.72 2.01 25.09
C GLU D 449 23.22 3.19 25.95
N GLN D 450 24.01 4.27 26.00
CA GLN D 450 23.66 5.50 26.72
C GLN D 450 24.20 6.71 25.98
N LEU D 451 23.32 7.63 25.59
CA LEU D 451 23.82 8.85 24.96
C LEU D 451 23.34 10.17 25.62
N ILE D 452 24.26 11.12 25.67
CA ILE D 452 24.09 12.34 26.44
C ILE D 452 23.88 13.53 25.51
N ARG D 453 22.76 14.25 25.65
CA ARG D 453 22.54 15.47 24.88
C ARG D 453 22.47 16.68 25.77
N VAL D 454 22.96 17.81 25.27
CA VAL D 454 22.89 19.07 25.99
C VAL D 454 22.00 20.10 25.27
N TYR D 455 21.16 20.76 26.03
CA TYR D 455 20.31 21.81 25.49
C TYR D 455 20.65 23.14 26.16
N CYS D 456 20.27 24.23 25.52
CA CYS D 456 20.50 25.54 26.09
C CYS D 456 19.18 26.30 26.24
N LYS D 457 18.96 26.85 27.44
CA LYS D 457 17.73 27.59 27.74
C LYS D 457 17.77 29.02 27.16
N LYS D 458 18.99 29.52 26.92
CA LYS D 458 19.23 30.78 26.22
C LYS D 458 19.17 30.53 24.70
N VAL D 459 18.41 31.33 23.97
CA VAL D 459 18.18 31.01 22.55
C VAL D 459 18.83 31.95 21.54
N ASP D 460 19.63 32.90 22.00
CA ASP D 460 20.28 33.82 21.08
C ASP D 460 21.52 33.20 20.46
N ARG D 461 21.83 33.64 19.24
CA ARG D 461 22.92 33.08 18.46
C ARG D 461 24.26 33.12 19.21
N LYS D 462 24.50 34.23 19.89
CA LYS D 462 25.79 34.46 20.57
C LYS D 462 25.94 33.58 21.81
N SER D 463 24.82 33.11 22.34
CA SER D 463 24.84 32.24 23.52
C SER D 463 24.99 30.77 23.14
N LEU D 464 24.34 30.38 22.05
CA LEU D 464 24.45 29.01 21.54
C LEU D 464 25.87 28.72 21.14
N TYR D 465 26.50 29.65 20.44
CA TYR D 465 27.89 29.47 20.08
C TYR D 465 28.74 29.26 21.33
N ALA D 466 28.49 30.09 22.34
CA ALA D 466 29.13 29.92 23.64
C ALA D 466 28.84 28.53 24.25
N ALA D 467 27.56 28.16 24.33
CA ALA D 467 27.13 26.86 24.86
C ALA D 467 27.82 25.66 24.19
N ARG D 468 27.93 25.72 22.88
CA ARG D 468 28.60 24.65 22.16
C ARG D 468 30.04 24.56 22.63
N GLN D 469 30.62 25.73 22.93
CA GLN D 469 32.02 25.80 23.34
C GLN D 469 32.26 25.12 24.68
N TYR D 470 31.41 25.39 25.67
CA TYR D 470 31.47 24.67 26.95
C TYR D 470 31.27 23.17 26.73
N PHE D 471 30.26 22.84 25.91
CA PHE D 471 29.94 21.43 25.67
C PHE D 471 31.09 20.64 25.08
N VAL D 472 31.68 21.17 24.01
CA VAL D 472 32.80 20.48 23.37
C VAL D 472 33.94 20.23 24.37
N GLN D 473 34.19 21.20 25.24
CA GLN D 473 35.24 21.08 26.26
C GLN D 473 34.90 20.07 27.35
N TRP D 474 33.69 20.12 27.87
CA TRP D 474 33.22 19.15 28.84
C TRP D 474 33.43 17.71 28.34
N CYS D 475 33.06 17.47 27.10
CA CYS D 475 33.29 16.16 26.49
C CYS D 475 34.78 15.86 26.51
N ALA D 476 35.58 16.88 26.26
CA ALA D 476 37.02 16.74 26.25
C ALA D 476 37.53 16.27 27.60
N ASP D 477 37.26 17.05 28.66
CA ASP D 477 37.84 16.74 29.96
C ASP D 477 37.00 15.76 30.77
N ARG D 478 36.21 14.96 30.06
CA ARG D 478 35.39 13.94 30.67
C ARG D 478 35.60 12.64 29.87
N ASN D 479 36.26 12.78 28.73
CA ASN D 479 36.62 11.67 27.85
C ASN D 479 35.41 11.01 27.18
N PHE D 480 34.45 11.82 26.80
CA PHE D 480 33.35 11.35 25.99
C PHE D 480 33.74 11.55 24.53
N THR D 481 32.99 10.94 23.61
CA THR D 481 33.27 11.05 22.17
C THR D 481 33.14 12.49 21.71
N LYS D 482 34.03 12.92 20.83
CA LYS D 482 33.96 14.26 20.23
C LYS D 482 32.64 14.41 19.45
N PRO D 483 31.91 15.51 19.71
CA PRO D 483 30.64 15.80 19.01
C PRO D 483 30.81 16.04 17.51
N GLN D 484 29.75 15.83 16.75
CA GLN D 484 29.77 16.03 15.32
C GLN D 484 29.27 17.43 14.94
N ASP D 485 30.05 18.11 14.09
CA ASP D 485 29.68 19.43 13.57
C ASP D 485 28.65 19.33 12.43
#